data_3O0E
#
_entry.id   3O0E
#
_cell.length_a   101.491
_cell.length_b   101.618
_cell.length_c   162.142
_cell.angle_alpha   90.000
_cell.angle_beta   94.460
_cell.angle_gamma   90.000
#
_symmetry.space_group_name_H-M   'P 1 21 1'
#
loop_
_entity.id
_entity.type
_entity.pdbx_description
1 polymer 'Porin OmpF'
2 polymer Colicin-E9
3 non-polymer 'octyl beta-D-glucopyranoside'
4 water water
#
loop_
_entity_poly.entity_id
_entity_poly.type
_entity_poly.pdbx_seq_one_letter_code
_entity_poly.pdbx_strand_id
1 'polypeptide(L)'
;AEIYNKDGNKVDLYGKAVGLHYFSKGNGENSYGGNGDMTYARLGFKGETQINSDLTGYGQWEYNFQGNNSEGADAQTGNK
TRLAFAGLKYADVGSFDYGRNYGVVYDALGYTDMLPEFGGDTAYSDDFFVGRVGGVATYRNSNFFGLVDGLNFAVQYLGK
NERDTARRSNGDGVGGSISYEYEGFGIVGAYGAADRTNLQEAQPLGNGKKAEQWATGLKYDANNIYLAANYGETRNATPI
TNKFTNTSGFANKTQDVLLVAQYQFDFGLRPSIAYTKSKAKDVEGIGDVDLVNYFEVGATYYFNKNMSTYVDYIINQIDS
DNKLGVGSDDTVAVGIVYQF
;
A,B,C,D,E,F
2 'polypeptide(L)' SGGDGRGHNTGAHSTSG L,M,N,O,P,Q
#
# COMPACT_ATOMS: atom_id res chain seq x y z
N ALA A 1 19.88 -8.26 -32.83
CA ALA A 1 20.96 -8.34 -33.86
C ALA A 1 21.81 -9.57 -33.62
N GLU A 2 21.93 -10.41 -34.66
CA GLU A 2 22.72 -11.63 -34.54
C GLU A 2 24.20 -11.28 -34.47
N ILE A 3 24.83 -11.62 -33.35
CA ILE A 3 26.22 -11.28 -33.09
C ILE A 3 27.14 -12.50 -33.07
N TYR A 4 26.59 -13.72 -33.07
CA TYR A 4 27.37 -14.93 -33.00
C TYR A 4 26.63 -16.05 -33.70
N ASN A 5 27.37 -16.87 -34.46
CA ASN A 5 26.78 -18.05 -35.11
C ASN A 5 27.94 -18.95 -35.54
N LYS A 6 28.30 -19.90 -34.68
CA LYS A 6 29.39 -20.82 -34.94
C LYS A 6 29.05 -22.16 -34.30
N ASP A 7 29.34 -23.24 -35.02
CA ASP A 7 29.11 -24.60 -34.51
C ASP A 7 27.65 -24.80 -34.12
N GLY A 8 26.74 -24.27 -34.94
CA GLY A 8 25.33 -24.47 -34.75
C GLY A 8 24.72 -23.79 -33.55
N ASN A 9 25.33 -22.70 -33.06
CA ASN A 9 24.80 -21.92 -31.94
C ASN A 9 24.80 -20.45 -32.34
N LYS A 10 23.61 -19.87 -32.52
CA LYS A 10 23.47 -18.46 -32.85
C LYS A 10 22.90 -17.71 -31.65
N VAL A 11 23.39 -16.48 -31.45
CA VAL A 11 23.02 -15.65 -30.31
C VAL A 11 22.60 -14.28 -30.82
N ASP A 12 21.36 -13.89 -30.53
CA ASP A 12 20.84 -12.58 -30.91
C ASP A 12 20.84 -11.69 -29.67
N LEU A 13 21.76 -10.73 -29.64
CA LEU A 13 21.80 -9.71 -28.59
C LEU A 13 21.02 -8.50 -29.08
N TYR A 14 19.86 -8.25 -28.48
CA TYR A 14 18.95 -7.21 -28.93
C TYR A 14 18.69 -6.20 -27.82
N GLY A 15 18.39 -4.98 -28.22
CA GLY A 15 18.09 -3.92 -27.26
C GLY A 15 17.42 -2.77 -27.98
N LYS A 16 17.11 -1.74 -27.20
CA LYS A 16 16.51 -0.53 -27.74
C LYS A 16 16.57 0.56 -26.69
N ALA A 17 16.64 1.81 -27.15
CA ALA A 17 16.61 2.99 -26.29
C ALA A 17 15.45 3.86 -26.73
N VAL A 18 14.49 4.06 -25.85
CA VAL A 18 13.24 4.74 -26.18
C VAL A 18 13.20 6.06 -25.41
N GLY A 19 13.41 7.16 -26.13
CA GLY A 19 13.16 8.48 -25.55
C GLY A 19 11.68 8.77 -25.59
N LEU A 20 11.08 8.94 -24.42
CA LEU A 20 9.62 8.95 -24.29
C LEU A 20 9.21 10.06 -23.33
N HIS A 21 8.14 10.77 -23.68
CA HIS A 21 7.58 11.79 -22.81
C HIS A 21 6.05 11.69 -22.83
N TYR A 22 5.46 11.76 -21.64
CA TYR A 22 4.00 11.80 -21.50
C TYR A 22 3.55 13.22 -21.23
N PHE A 23 2.43 13.60 -21.83
CA PHE A 23 1.83 14.92 -21.64
C PHE A 23 0.42 14.75 -21.11
N SER A 24 0.16 15.26 -19.91
CA SER A 24 -1.17 15.26 -19.34
C SER A 24 -1.35 16.53 -18.51
N LYS A 25 -2.61 16.92 -18.32
CA LYS A 25 -2.91 18.15 -17.62
C LYS A 25 -2.62 18.02 -16.13
N GLY A 26 -2.05 19.07 -15.55
CA GLY A 26 -1.70 19.04 -14.15
C GLY A 26 -0.53 18.09 -13.90
N ASN A 27 -0.45 17.62 -12.65
CA ASN A 27 0.58 16.65 -12.29
C ASN A 27 0.34 15.30 -12.96
N GLY A 28 -0.85 15.05 -13.47
CA GLY A 28 -1.18 13.78 -14.10
C GLY A 28 -1.65 12.70 -13.16
N GLU A 29 -1.86 13.02 -11.87
CA GLU A 29 -2.32 12.00 -10.94
C GLU A 29 -3.72 11.51 -11.28
N ASN A 30 -4.53 12.35 -11.93
CA ASN A 30 -5.88 11.98 -12.34
C ASN A 30 -5.95 11.64 -13.83
N SER A 31 -4.83 11.29 -14.44
CA SER A 31 -4.76 11.04 -15.87
C SER A 31 -4.65 9.55 -16.15
N TYR A 32 -4.65 9.21 -17.44
CA TYR A 32 -4.57 7.81 -17.86
C TYR A 32 -3.15 7.28 -17.83
N GLY A 33 -2.18 8.07 -18.31
CA GLY A 33 -0.81 7.62 -18.43
C GLY A 33 0.16 8.33 -17.51
N GLY A 34 -0.11 9.60 -17.21
CA GLY A 34 0.76 10.42 -16.40
C GLY A 34 1.34 11.58 -17.18
N ASN A 35 2.39 12.17 -16.60
CA ASN A 35 3.04 13.32 -17.20
C ASN A 35 4.49 13.36 -16.75
N GLY A 36 5.39 13.63 -17.70
CA GLY A 36 6.80 13.81 -17.43
C GLY A 36 7.63 12.91 -18.31
N ASP A 37 8.88 12.69 -17.89
CA ASP A 37 9.80 11.84 -18.63
C ASP A 37 9.44 10.37 -18.44
N MET A 38 9.55 9.60 -19.52
CA MET A 38 9.27 8.17 -19.46
C MET A 38 10.31 7.36 -20.22
N THR A 39 11.46 7.96 -20.51
CA THR A 39 12.53 7.27 -21.22
C THR A 39 12.86 5.94 -20.55
N TYR A 40 13.16 4.93 -21.37
CA TYR A 40 13.54 3.62 -20.86
C TYR A 40 14.42 2.92 -21.90
N ALA A 41 15.03 1.82 -21.48
CA ALA A 41 15.91 1.03 -22.33
C ALA A 41 15.71 -0.45 -22.05
N ARG A 42 15.97 -1.27 -23.06
CA ARG A 42 15.82 -2.72 -22.95
C ARG A 42 17.08 -3.42 -23.44
N LEU A 43 17.45 -4.50 -22.74
CA LEU A 43 18.56 -5.35 -23.15
C LEU A 43 18.15 -6.80 -22.95
N GLY A 44 18.70 -7.68 -23.77
CA GLY A 44 18.38 -9.09 -23.68
C GLY A 44 19.09 -9.86 -24.76
N PHE A 45 18.97 -11.19 -24.67
CA PHE A 45 19.58 -12.09 -25.65
C PHE A 45 18.63 -13.22 -25.99
N LYS A 46 18.66 -13.64 -27.25
CA LYS A 46 17.88 -14.77 -27.74
C LYS A 46 18.84 -15.79 -28.36
N GLY A 47 18.90 -16.97 -27.78
CA GLY A 47 19.81 -18.03 -28.23
C GLY A 47 19.06 -19.22 -28.79
N GLU A 48 19.62 -19.83 -29.84
CA GLU A 48 19.03 -20.99 -30.48
C GLU A 48 20.16 -21.89 -30.95
N THR A 49 20.08 -23.17 -30.63
CA THR A 49 21.11 -24.13 -30.98
C THR A 49 20.49 -25.35 -31.64
N GLN A 50 21.12 -25.81 -32.73
CA GLN A 50 20.69 -27.02 -33.43
C GLN A 50 21.41 -28.20 -32.81
N ILE A 51 20.72 -28.92 -31.92
CA ILE A 51 21.32 -30.08 -31.28
C ILE A 51 21.54 -31.19 -32.30
N ASN A 52 20.57 -31.39 -33.18
CA ASN A 52 20.69 -32.31 -34.30
C ASN A 52 19.65 -31.90 -35.34
N SER A 53 19.42 -32.77 -36.32
CA SER A 53 18.53 -32.42 -37.42
C SER A 53 17.14 -32.06 -36.94
N ASP A 54 16.66 -32.70 -35.87
CA ASP A 54 15.31 -32.49 -35.37
C ASP A 54 15.25 -31.71 -34.06
N LEU A 55 16.12 -32.01 -33.10
CA LEU A 55 16.07 -31.37 -31.80
C LEU A 55 16.68 -29.97 -31.86
N THR A 56 16.04 -29.03 -31.17
CA THR A 56 16.49 -27.64 -31.14
C THR A 56 16.30 -27.08 -29.74
N GLY A 57 17.37 -26.52 -29.17
CA GLY A 57 17.33 -25.89 -27.87
C GLY A 57 17.39 -24.38 -27.99
N TYR A 58 16.74 -23.69 -27.06
CA TYR A 58 16.70 -22.24 -27.09
C TYR A 58 16.53 -21.69 -25.68
N GLY A 59 16.95 -20.44 -25.51
CA GLY A 59 16.80 -19.74 -24.25
C GLY A 59 16.75 -18.24 -24.50
N GLN A 60 16.19 -17.51 -23.55
CA GLN A 60 15.98 -16.09 -23.74
C GLN A 60 15.95 -15.35 -22.42
N TRP A 61 16.37 -14.08 -22.47
CA TRP A 61 16.38 -13.19 -21.31
C TRP A 61 16.13 -11.78 -21.81
N GLU A 62 15.36 -11.01 -21.06
CA GLU A 62 15.03 -9.64 -21.45
C GLU A 62 14.89 -8.81 -20.17
N TYR A 63 15.43 -7.61 -20.21
CA TYR A 63 15.47 -6.74 -19.04
C TYR A 63 15.05 -5.33 -19.42
N ASN A 64 14.48 -4.62 -18.45
CA ASN A 64 14.00 -3.25 -18.64
C ASN A 64 14.75 -2.34 -17.67
N PHE A 65 15.63 -1.49 -18.20
CA PHE A 65 16.26 -0.43 -17.44
C PHE A 65 15.48 0.86 -17.64
N GLN A 66 15.19 1.56 -16.55
CA GLN A 66 14.51 2.84 -16.63
C GLN A 66 15.55 3.97 -16.77
N GLY A 67 15.16 5.03 -17.48
CA GLY A 67 16.02 6.17 -17.66
C GLY A 67 15.50 7.43 -16.99
N ASN A 68 14.28 7.36 -16.45
CA ASN A 68 13.64 8.50 -15.81
C ASN A 68 13.90 8.56 -14.31
N ASN A 69 14.87 7.80 -13.81
CA ASN A 69 15.28 7.84 -12.41
C ASN A 69 16.61 8.56 -12.28
N SER A 70 16.83 9.13 -11.10
CA SER A 70 18.10 9.76 -10.79
C SER A 70 19.14 8.70 -10.41
N GLU A 71 20.38 9.13 -10.30
CA GLU A 71 21.45 8.23 -9.89
C GLU A 71 21.50 8.02 -8.37
N GLY A 72 20.55 8.60 -7.64
CA GLY A 72 20.53 8.49 -6.19
C GLY A 72 19.80 7.27 -5.67
N ALA A 73 19.05 7.47 -4.57
CA ALA A 73 18.41 6.36 -3.87
C ALA A 73 17.25 5.76 -4.64
N ASP A 74 16.74 6.46 -5.66
CA ASP A 74 15.63 5.98 -6.46
C ASP A 74 16.08 5.43 -7.80
N ALA A 75 17.33 5.01 -7.92
CA ALA A 75 17.87 4.61 -9.21
C ALA A 75 17.19 3.35 -9.76
N GLN A 76 16.79 2.43 -8.90
CA GLN A 76 16.24 1.15 -9.34
C GLN A 76 14.73 1.16 -9.52
N THR A 77 14.06 2.28 -9.27
CA THR A 77 12.60 2.30 -9.35
C THR A 77 12.14 1.99 -10.77
N GLY A 78 11.41 0.88 -10.92
CA GLY A 78 10.82 0.49 -12.19
C GLY A 78 11.64 -0.48 -13.01
N ASN A 79 12.88 -0.76 -12.61
CA ASN A 79 13.69 -1.75 -13.30
C ASN A 79 13.23 -3.16 -12.95
N LYS A 80 13.32 -4.06 -13.92
CA LYS A 80 12.75 -5.40 -13.78
C LYS A 80 13.29 -6.30 -14.88
N THR A 81 13.05 -7.60 -14.71
CA THR A 81 13.36 -8.61 -15.72
C THR A 81 12.04 -9.00 -16.38
N ARG A 82 11.94 -8.79 -17.69
CA ARG A 82 10.70 -9.07 -18.39
C ARG A 82 10.55 -10.56 -18.69
N LEU A 83 11.58 -11.17 -19.27
CA LEU A 83 11.54 -12.58 -19.64
C LEU A 83 12.82 -13.27 -19.18
N ALA A 84 12.70 -14.58 -18.94
CA ALA A 84 13.83 -15.41 -18.57
C ALA A 84 13.39 -16.87 -18.55
N PHE A 85 13.63 -17.60 -19.64
CA PHE A 85 13.17 -18.97 -19.74
C PHE A 85 14.14 -19.77 -20.60
N ALA A 86 13.93 -21.08 -20.62
CA ALA A 86 14.71 -21.98 -21.45
C ALA A 86 13.81 -23.16 -21.82
N GLY A 87 14.08 -23.76 -22.98
CA GLY A 87 13.22 -24.82 -23.44
C GLY A 87 13.87 -25.64 -24.54
N LEU A 88 13.15 -26.68 -24.95
CA LEU A 88 13.58 -27.60 -25.99
C LEU A 88 12.46 -27.74 -27.01
N LYS A 89 12.82 -28.22 -28.19
CA LYS A 89 11.87 -28.37 -29.29
C LYS A 89 12.20 -29.62 -30.09
N TYR A 90 11.17 -30.41 -30.39
CA TYR A 90 11.31 -31.58 -31.24
C TYR A 90 10.45 -31.40 -32.48
N ALA A 91 10.93 -31.94 -33.60
CA ALA A 91 10.30 -31.72 -34.90
C ALA A 91 8.85 -32.16 -34.91
N ASP A 92 7.93 -31.19 -34.89
CA ASP A 92 6.49 -31.41 -34.99
C ASP A 92 5.87 -31.95 -33.71
N VAL A 93 6.67 -32.47 -32.79
CA VAL A 93 6.11 -32.93 -31.53
C VAL A 93 5.68 -31.74 -30.68
N GLY A 94 6.45 -30.65 -30.72
CA GLY A 94 6.12 -29.43 -30.00
C GLY A 94 7.37 -28.86 -29.36
N SER A 95 7.15 -27.82 -28.56
CA SER A 95 8.22 -27.14 -27.83
C SER A 95 7.78 -26.92 -26.39
N PHE A 96 8.66 -27.24 -25.44
CA PHE A 96 8.40 -27.09 -24.02
C PHE A 96 9.44 -26.18 -23.40
N ASP A 97 8.99 -25.12 -22.73
CA ASP A 97 9.88 -24.17 -22.08
C ASP A 97 9.35 -23.79 -20.70
N TYR A 98 10.28 -23.52 -19.79
CA TYR A 98 9.96 -23.12 -18.42
C TYR A 98 10.75 -21.86 -18.06
N GLY A 99 10.17 -21.09 -17.14
CA GLY A 99 10.77 -19.87 -16.65
C GLY A 99 9.71 -18.79 -16.54
N ARG A 100 10.16 -17.53 -16.54
CA ARG A 100 9.26 -16.38 -16.57
C ARG A 100 8.92 -16.06 -18.02
N ASN A 101 7.66 -16.23 -18.38
CA ASN A 101 7.24 -16.02 -19.77
C ASN A 101 5.79 -15.56 -19.76
N TYR A 102 5.21 -15.43 -20.95
CA TYR A 102 3.84 -14.96 -21.08
C TYR A 102 2.84 -16.08 -20.80
N GLY A 103 1.72 -15.72 -20.21
CA GLY A 103 0.65 -16.68 -20.01
C GLY A 103 -0.05 -17.01 -21.31
N VAL A 104 -0.71 -18.18 -21.31
CA VAL A 104 -1.30 -18.67 -22.55
C VAL A 104 -2.42 -17.76 -23.02
N VAL A 105 -3.17 -17.16 -22.09
CA VAL A 105 -4.27 -16.30 -22.50
C VAL A 105 -3.77 -15.09 -23.27
N TYR A 106 -2.47 -14.74 -23.13
CA TYR A 106 -1.92 -13.67 -23.95
C TYR A 106 -1.92 -14.04 -25.42
N ASP A 107 -1.86 -15.33 -25.74
CA ASP A 107 -1.93 -15.76 -27.14
C ASP A 107 -3.08 -15.07 -27.87
N ALA A 108 -4.22 -14.93 -27.19
CA ALA A 108 -5.36 -14.22 -27.78
C ALA A 108 -5.17 -12.70 -27.68
N LEU A 109 -4.81 -12.20 -26.50
CA LEU A 109 -4.80 -10.76 -26.27
C LEU A 109 -3.81 -10.04 -27.17
N GLY A 110 -2.75 -10.72 -27.61
CA GLY A 110 -1.77 -10.07 -28.49
C GLY A 110 -2.37 -9.51 -29.75
N TYR A 111 -3.53 -10.02 -30.17
CA TYR A 111 -4.14 -9.53 -31.41
C TYR A 111 -4.36 -8.02 -31.36
N THR A 112 -4.68 -7.48 -30.18
CA THR A 112 -5.02 -6.08 -30.03
C THR A 112 -3.96 -5.29 -29.27
N ASP A 113 -2.77 -5.86 -29.07
CA ASP A 113 -1.69 -5.18 -28.36
C ASP A 113 -0.67 -4.64 -29.36
N MET A 114 -1.16 -3.81 -30.27
CA MET A 114 -0.37 -3.33 -31.39
C MET A 114 -0.18 -1.82 -31.39
N LEU A 115 -0.65 -1.11 -30.36
CA LEU A 115 -0.62 0.34 -30.40
C LEU A 115 0.80 0.86 -30.20
N PRO A 116 1.05 2.11 -30.59
CA PRO A 116 2.43 2.63 -30.49
C PRO A 116 2.97 2.66 -29.08
N GLU A 117 2.15 3.06 -28.09
CA GLU A 117 2.61 3.14 -26.71
C GLU A 117 1.72 2.37 -25.75
N PHE A 118 0.42 2.62 -25.79
CA PHE A 118 -0.53 2.07 -24.83
C PHE A 118 -1.18 0.80 -25.41
N GLY A 119 -2.33 0.43 -24.87
CA GLY A 119 -3.07 -0.73 -25.35
C GLY A 119 -2.83 -1.96 -24.49
N GLY A 120 -3.58 -3.01 -24.81
CA GLY A 120 -3.47 -4.25 -24.06
C GLY A 120 -3.59 -4.07 -22.57
N ASP A 121 -4.56 -3.26 -22.13
CA ASP A 121 -4.71 -2.98 -20.71
C ASP A 121 -5.08 -4.22 -19.92
N THR A 122 -5.55 -5.28 -20.59
CA THR A 122 -5.91 -6.51 -19.91
C THR A 122 -4.72 -7.42 -19.67
N ALA A 123 -3.61 -7.21 -20.38
CA ALA A 123 -2.43 -8.06 -20.25
C ALA A 123 -1.58 -7.57 -19.07
N TYR A 124 -2.15 -7.73 -17.87
CA TYR A 124 -1.48 -7.29 -16.66
C TYR A 124 -0.27 -8.18 -16.35
N SER A 125 0.82 -7.55 -15.90
CA SER A 125 1.98 -8.31 -15.50
C SER A 125 1.71 -9.01 -14.17
N ASP A 126 2.16 -10.26 -14.06
CA ASP A 126 1.97 -11.04 -12.85
C ASP A 126 0.49 -11.20 -12.52
N ASP A 127 -0.31 -11.50 -13.53
CA ASP A 127 -1.77 -11.60 -13.38
C ASP A 127 -2.25 -12.88 -14.06
N PHE A 128 -1.85 -14.02 -13.51
CA PHE A 128 -2.29 -15.35 -13.96
C PHE A 128 -1.85 -15.55 -15.41
N PHE A 129 -2.76 -15.70 -16.38
CA PHE A 129 -2.38 -16.14 -17.71
C PHE A 129 -2.47 -15.05 -18.77
N VAL A 130 -2.70 -13.79 -18.39
CA VAL A 130 -2.89 -12.73 -19.38
C VAL A 130 -1.60 -11.97 -19.68
N GLY A 131 -0.56 -12.15 -18.89
CA GLY A 131 0.68 -11.42 -19.11
C GLY A 131 1.90 -12.15 -18.63
N ARG A 132 3.05 -11.49 -18.70
CA ARG A 132 4.30 -12.09 -18.22
C ARG A 132 4.15 -12.51 -16.77
N VAL A 133 4.46 -13.78 -16.50
CA VAL A 133 4.36 -14.36 -15.17
C VAL A 133 5.59 -15.23 -14.93
N GLY A 134 5.78 -15.63 -13.68
CA GLY A 134 6.95 -16.39 -13.27
C GLY A 134 6.68 -17.87 -13.12
N GLY A 135 7.63 -18.68 -13.58
CA GLY A 135 7.56 -20.12 -13.39
C GLY A 135 6.39 -20.78 -14.08
N VAL A 136 6.29 -20.62 -15.40
CA VAL A 136 5.23 -21.20 -16.19
C VAL A 136 5.85 -22.25 -17.13
N ALA A 137 5.42 -23.49 -16.98
CA ALA A 137 5.79 -24.57 -17.89
C ALA A 137 4.79 -24.57 -19.04
N THR A 138 5.30 -24.38 -20.27
CA THR A 138 4.45 -24.17 -21.43
C THR A 138 4.83 -25.14 -22.54
N TYR A 139 3.87 -25.94 -22.98
CA TYR A 139 4.00 -26.80 -24.15
C TYR A 139 3.20 -26.20 -25.29
N ARG A 140 3.83 -26.04 -26.45
CA ARG A 140 3.22 -25.42 -27.61
C ARG A 140 3.44 -26.27 -28.84
N ASN A 141 2.41 -26.37 -29.68
CA ASN A 141 2.45 -27.17 -30.89
C ASN A 141 1.98 -26.33 -32.08
N SER A 142 2.70 -26.46 -33.19
CA SER A 142 2.39 -25.71 -34.40
C SER A 142 1.92 -26.67 -35.49
N ASN A 143 0.84 -26.31 -36.17
CA ASN A 143 0.33 -27.07 -37.31
C ASN A 143 -0.10 -28.49 -36.93
N PHE A 144 -0.37 -28.72 -35.65
CA PHE A 144 -0.86 -30.00 -35.12
C PHE A 144 -0.07 -31.17 -35.69
N PHE A 145 1.19 -31.24 -35.28
CA PHE A 145 2.09 -32.33 -35.67
C PHE A 145 2.26 -32.37 -37.18
N GLY A 146 2.10 -31.24 -37.85
CA GLY A 146 2.26 -31.19 -39.29
C GLY A 146 1.07 -31.67 -40.09
N LEU A 147 -0.11 -31.81 -39.48
CA LEU A 147 -1.27 -32.32 -40.19
C LEU A 147 -2.19 -31.23 -40.73
N VAL A 148 -2.30 -30.09 -40.03
CA VAL A 148 -3.18 -29.00 -40.46
C VAL A 148 -2.36 -27.71 -40.53
N ASP A 149 -2.39 -27.06 -41.68
CA ASP A 149 -1.67 -25.81 -41.87
C ASP A 149 -2.46 -24.66 -41.24
N GLY A 150 -1.86 -24.00 -40.26
CA GLY A 150 -2.47 -22.87 -39.59
C GLY A 150 -3.06 -23.18 -38.22
N LEU A 151 -3.11 -24.45 -37.83
CA LEU A 151 -3.71 -24.87 -36.57
C LEU A 151 -2.62 -25.01 -35.51
N ASN A 152 -2.70 -24.21 -34.46
CA ASN A 152 -1.76 -24.27 -33.35
C ASN A 152 -2.51 -24.33 -32.04
N PHE A 153 -1.90 -24.97 -31.04
CA PHE A 153 -2.49 -25.05 -29.71
C PHE A 153 -1.37 -25.08 -28.67
N ALA A 154 -1.74 -24.79 -27.42
CA ALA A 154 -0.78 -24.71 -26.33
C ALA A 154 -1.46 -25.06 -25.01
N VAL A 155 -0.68 -25.65 -24.11
CA VAL A 155 -1.13 -25.96 -22.75
C VAL A 155 -0.03 -25.55 -21.78
N GLN A 156 -0.42 -24.96 -20.65
CA GLN A 156 0.52 -24.32 -19.75
C GLN A 156 0.15 -24.61 -18.30
N TYR A 157 1.19 -24.85 -17.48
CA TYR A 157 1.03 -25.05 -16.05
C TYR A 157 1.70 -23.90 -15.32
N LEU A 158 0.94 -23.23 -14.45
CA LEU A 158 1.42 -22.09 -13.69
C LEU A 158 1.69 -22.54 -12.26
N GLY A 159 2.95 -22.42 -11.82
CA GLY A 159 3.29 -22.77 -10.47
C GLY A 159 2.92 -21.67 -9.49
N LYS A 160 2.74 -22.05 -8.23
CA LYS A 160 2.34 -21.09 -7.21
C LYS A 160 3.49 -20.17 -6.86
N ASN A 161 3.16 -18.89 -6.65
CA ASN A 161 4.13 -17.88 -6.22
C ASN A 161 3.46 -17.07 -5.11
N GLU A 162 3.79 -17.40 -3.87
CA GLU A 162 3.26 -16.70 -2.70
C GLU A 162 4.20 -15.56 -2.36
N ARG A 163 3.92 -14.38 -2.91
CA ARG A 163 4.73 -13.19 -2.72
C ARG A 163 4.14 -12.34 -1.59
N ASP A 164 4.84 -11.24 -1.28
CA ASP A 164 4.41 -10.38 -0.18
C ASP A 164 3.15 -9.59 -0.49
N THR A 165 2.75 -9.51 -1.77
CA THR A 165 1.57 -8.76 -2.17
C THR A 165 0.54 -9.70 -2.78
N ALA A 166 -0.74 -9.36 -2.59
CA ALA A 166 -1.80 -10.12 -3.24
C ALA A 166 -1.81 -9.86 -4.74
N ARG A 167 -1.40 -8.66 -5.16
CA ARG A 167 -1.38 -8.32 -6.58
C ARG A 167 -0.41 -9.20 -7.35
N ARG A 168 0.77 -9.46 -6.79
CA ARG A 168 1.82 -10.17 -7.49
C ARG A 168 1.88 -11.65 -7.13
N SER A 169 0.87 -12.16 -6.42
CA SER A 169 0.82 -13.55 -6.01
C SER A 169 -0.08 -14.36 -6.95
N ASN A 170 -0.01 -15.67 -6.81
CA ASN A 170 -0.85 -16.59 -7.59
C ASN A 170 -0.70 -17.99 -7.01
N GLY A 171 -1.69 -18.83 -7.29
CA GLY A 171 -1.64 -20.23 -6.91
C GLY A 171 -1.28 -21.12 -8.08
N ASP A 172 -1.56 -22.41 -7.92
CA ASP A 172 -1.36 -23.37 -9.00
C ASP A 172 -2.52 -23.31 -9.99
N GLY A 173 -2.21 -23.55 -11.26
CA GLY A 173 -3.24 -23.46 -12.29
C GLY A 173 -2.79 -24.10 -13.58
N VAL A 174 -3.75 -24.22 -14.50
CA VAL A 174 -3.52 -24.77 -15.83
C VAL A 174 -4.30 -23.93 -16.83
N GLY A 175 -3.81 -23.90 -18.07
CA GLY A 175 -4.47 -23.13 -19.11
C GLY A 175 -4.08 -23.64 -20.48
N GLY A 176 -4.81 -23.15 -21.48
CA GLY A 176 -4.57 -23.58 -22.84
C GLY A 176 -5.08 -22.56 -23.83
N SER A 177 -4.74 -22.80 -25.10
CA SER A 177 -5.11 -21.88 -26.18
C SER A 177 -5.17 -22.65 -27.49
N ILE A 178 -6.03 -22.16 -28.39
CA ILE A 178 -6.15 -22.69 -29.74
C ILE A 178 -6.18 -21.51 -30.71
N SER A 179 -5.59 -21.69 -31.88
CA SER A 179 -5.48 -20.62 -32.85
C SER A 179 -5.51 -21.22 -34.25
N TYR A 180 -6.17 -20.52 -35.18
CA TYR A 180 -6.21 -20.92 -36.58
C TYR A 180 -5.99 -19.69 -37.43
N GLU A 181 -5.12 -19.82 -38.44
CA GLU A 181 -4.83 -18.74 -39.38
C GLU A 181 -4.94 -19.27 -40.80
N TYR A 182 -5.66 -18.54 -41.64
CA TYR A 182 -5.83 -18.88 -43.05
C TYR A 182 -5.84 -17.60 -43.86
N GLU A 183 -4.89 -17.49 -44.79
CA GLU A 183 -4.83 -16.38 -45.74
C GLU A 183 -5.05 -15.03 -45.04
N GLY A 184 -4.19 -14.77 -44.05
CA GLY A 184 -4.21 -13.53 -43.32
C GLY A 184 -5.27 -13.41 -42.24
N PHE A 185 -6.28 -14.26 -42.25
CA PHE A 185 -7.30 -14.26 -41.21
C PHE A 185 -6.87 -15.13 -40.04
N GLY A 186 -7.31 -14.76 -38.84
CA GLY A 186 -6.96 -15.49 -37.64
C GLY A 186 -8.06 -15.55 -36.60
N ILE A 187 -8.27 -16.73 -36.03
CA ILE A 187 -9.23 -16.95 -34.96
C ILE A 187 -8.48 -17.59 -33.79
N VAL A 188 -8.79 -17.16 -32.57
CA VAL A 188 -8.05 -17.62 -31.40
C VAL A 188 -8.98 -17.67 -30.19
N GLY A 189 -8.78 -18.68 -29.36
CA GLY A 189 -9.44 -18.78 -28.07
C GLY A 189 -8.49 -19.33 -27.01
N ALA A 190 -8.60 -18.84 -25.78
CA ALA A 190 -7.69 -19.26 -24.71
C ALA A 190 -8.41 -19.15 -23.38
N TYR A 191 -8.11 -20.08 -22.48
CA TYR A 191 -8.75 -20.14 -21.18
C TYR A 191 -7.75 -20.63 -20.14
N GLY A 192 -7.90 -20.15 -18.91
CA GLY A 192 -7.04 -20.57 -17.81
C GLY A 192 -7.66 -20.41 -16.45
N ALA A 193 -7.45 -21.38 -15.57
CA ALA A 193 -7.95 -21.33 -14.20
C ALA A 193 -6.82 -21.66 -13.24
N ALA A 194 -6.95 -21.17 -12.00
CA ALA A 194 -5.91 -21.35 -11.00
C ALA A 194 -6.48 -21.08 -9.62
N ASP A 195 -5.78 -21.61 -8.61
CA ASP A 195 -6.15 -21.35 -7.23
C ASP A 195 -5.74 -19.92 -6.84
N ARG A 196 -6.20 -19.50 -5.66
CA ARG A 196 -5.88 -18.19 -5.11
C ARG A 196 -5.24 -18.36 -3.73
N THR A 197 -4.26 -17.52 -3.43
CA THR A 197 -3.54 -17.64 -2.17
C THR A 197 -4.39 -17.16 -1.00
N ASN A 198 -4.03 -17.63 0.19
CA ASN A 198 -4.71 -17.16 1.40
C ASN A 198 -4.66 -15.65 1.50
N LEU A 199 -3.48 -15.07 1.21
CA LEU A 199 -3.36 -13.62 1.22
C LEU A 199 -4.30 -12.98 0.21
N GLN A 200 -4.46 -13.61 -0.96
CA GLN A 200 -5.35 -13.07 -1.97
C GLN A 200 -6.80 -13.15 -1.53
N GLU A 201 -7.18 -14.23 -0.85
CA GLU A 201 -8.57 -14.38 -0.40
C GLU A 201 -8.87 -13.42 0.73
N ALA A 202 -7.90 -13.17 1.62
CA ALA A 202 -8.11 -12.28 2.75
C ALA A 202 -8.34 -10.83 2.34
N GLN A 203 -8.12 -10.49 1.07
CA GLN A 203 -8.26 -9.10 0.65
C GLN A 203 -9.73 -8.68 0.62
N PRO A 204 -10.00 -7.39 0.84
CA PRO A 204 -11.40 -6.96 0.94
C PRO A 204 -12.18 -7.10 -0.35
N LEU A 205 -11.54 -6.90 -1.51
CA LEU A 205 -12.22 -6.97 -2.80
C LEU A 205 -11.95 -8.32 -3.46
N GLY A 206 -13.00 -8.96 -3.93
CA GLY A 206 -12.89 -10.27 -4.54
C GLY A 206 -13.40 -11.37 -3.63
N ASN A 207 -13.96 -12.42 -4.25
CA ASN A 207 -14.50 -13.55 -3.53
C ASN A 207 -14.38 -14.80 -4.40
N GLY A 208 -14.03 -15.91 -3.76
CA GLY A 208 -13.86 -17.17 -4.46
C GLY A 208 -12.58 -17.88 -4.11
N LYS A 209 -12.51 -19.17 -4.46
CA LYS A 209 -11.32 -19.98 -4.22
C LYS A 209 -10.54 -20.28 -5.48
N LYS A 210 -11.07 -19.90 -6.66
CA LYS A 210 -10.42 -20.13 -7.94
C LYS A 210 -10.54 -18.87 -8.79
N ALA A 211 -9.46 -18.55 -9.52
CA ALA A 211 -9.48 -17.45 -10.47
C ALA A 211 -9.41 -18.01 -11.89
N GLU A 212 -10.18 -17.39 -12.80
CA GLU A 212 -10.27 -17.87 -14.17
C GLU A 212 -10.28 -16.68 -15.12
N GLN A 213 -9.58 -16.83 -16.25
CA GLN A 213 -9.46 -15.81 -17.28
C GLN A 213 -9.59 -16.46 -18.65
N TRP A 214 -10.36 -15.84 -19.54
CA TRP A 214 -10.48 -16.35 -20.90
C TRP A 214 -10.73 -15.20 -21.87
N ALA A 215 -10.24 -15.38 -23.09
CA ALA A 215 -10.33 -14.35 -24.12
C ALA A 215 -10.35 -15.02 -25.49
N THR A 216 -10.89 -14.29 -26.47
CA THR A 216 -11.01 -14.77 -27.83
C THR A 216 -10.66 -13.62 -28.78
N GLY A 217 -10.02 -13.96 -29.90
CA GLY A 217 -9.51 -12.93 -30.80
C GLY A 217 -9.78 -13.26 -32.24
N LEU A 218 -9.97 -12.20 -33.04
CA LEU A 218 -10.16 -12.29 -34.49
C LEU A 218 -9.37 -11.17 -35.13
N LYS A 219 -8.57 -11.49 -36.14
CA LYS A 219 -7.71 -10.50 -36.78
C LYS A 219 -7.66 -10.70 -38.29
N TYR A 220 -7.37 -9.62 -39.00
CA TYR A 220 -7.01 -9.68 -40.41
C TYR A 220 -5.71 -8.90 -40.60
N ASP A 221 -4.70 -9.56 -41.17
CA ASP A 221 -3.37 -8.98 -41.33
C ASP A 221 -2.89 -9.29 -42.74
N ALA A 222 -3.04 -8.32 -43.65
CA ALA A 222 -2.61 -8.50 -45.03
C ALA A 222 -2.92 -7.22 -45.81
N ASN A 223 -2.24 -7.07 -46.95
CA ASN A 223 -2.45 -5.95 -47.86
C ASN A 223 -2.27 -4.61 -47.13
N ASN A 224 -1.28 -4.55 -46.25
CA ASN A 224 -0.95 -3.37 -45.47
C ASN A 224 -2.05 -2.97 -44.49
N ILE A 225 -3.04 -3.83 -44.27
CA ILE A 225 -4.15 -3.56 -43.37
C ILE A 225 -4.04 -4.50 -42.18
N TYR A 226 -4.34 -3.98 -40.99
CA TYR A 226 -4.36 -4.80 -39.78
C TYR A 226 -5.61 -4.46 -38.98
N LEU A 227 -6.54 -5.39 -38.92
CA LEU A 227 -7.74 -5.28 -38.10
C LEU A 227 -7.71 -6.37 -37.03
N ALA A 228 -8.14 -6.03 -35.82
CA ALA A 228 -8.13 -6.98 -34.72
C ALA A 228 -9.24 -6.66 -33.76
N ALA A 229 -9.85 -7.71 -33.20
CA ALA A 229 -10.90 -7.57 -32.21
C ALA A 229 -10.68 -8.63 -31.14
N ASN A 230 -10.86 -8.23 -29.88
CA ASN A 230 -10.68 -9.13 -28.74
C ASN A 230 -11.86 -8.99 -27.80
N TYR A 231 -12.40 -10.13 -27.36
CA TYR A 231 -13.36 -10.17 -26.27
C TYR A 231 -12.89 -11.17 -25.23
N GLY A 232 -12.94 -10.76 -23.97
CA GLY A 232 -12.53 -11.63 -22.88
C GLY A 232 -13.34 -11.36 -21.64
N GLU A 233 -13.47 -12.38 -20.80
CA GLU A 233 -14.20 -12.28 -19.55
C GLU A 233 -13.32 -12.88 -18.46
N THR A 234 -13.21 -12.18 -17.33
CA THR A 234 -12.37 -12.63 -16.23
C THR A 234 -13.16 -12.60 -14.93
N ARG A 235 -12.86 -13.56 -14.06
CA ARG A 235 -13.50 -13.68 -12.76
C ARG A 235 -12.44 -13.81 -11.69
N ASN A 236 -12.39 -12.85 -10.76
CA ASN A 236 -11.46 -12.87 -9.63
C ASN A 236 -10.01 -12.82 -10.10
N ALA A 237 -9.73 -12.05 -11.14
CA ALA A 237 -8.39 -12.01 -11.69
C ALA A 237 -7.88 -10.59 -11.95
N THR A 238 -8.77 -9.66 -12.25
CA THR A 238 -8.33 -8.30 -12.60
C THR A 238 -8.04 -7.50 -11.34
N PRO A 239 -6.84 -6.93 -11.20
CA PRO A 239 -6.55 -6.13 -10.00
C PRO A 239 -7.23 -4.77 -10.05
N ILE A 240 -7.74 -4.34 -8.90
CA ILE A 240 -8.44 -3.07 -8.75
C ILE A 240 -8.06 -2.45 -7.41
N THR A 241 -8.08 -1.12 -7.36
CA THR A 241 -7.81 -0.38 -6.14
C THR A 241 -8.86 0.71 -5.99
N ASN A 242 -9.58 0.69 -4.87
CA ASN A 242 -10.53 1.75 -4.51
C ASN A 242 -9.77 2.84 -3.78
N LYS A 243 -9.62 4.00 -4.43
CA LYS A 243 -8.82 5.08 -3.88
C LYS A 243 -9.54 5.89 -2.80
N PHE A 244 -10.88 5.81 -2.75
CA PHE A 244 -11.61 6.62 -1.76
C PHE A 244 -11.53 5.99 -0.37
N THR A 245 -11.58 4.67 -0.28
CA THR A 245 -11.40 3.95 0.97
C THR A 245 -10.04 3.27 1.05
N ASN A 246 -9.20 3.41 0.02
CA ASN A 246 -7.87 2.82 -0.03
C ASN A 246 -7.93 1.32 0.30
N THR A 247 -8.61 0.59 -0.58
CA THR A 247 -8.71 -0.86 -0.49
C THR A 247 -8.34 -1.46 -1.84
N SER A 248 -7.81 -2.68 -1.80
CA SER A 248 -7.33 -3.35 -3.00
C SER A 248 -7.86 -4.77 -3.05
N GLY A 249 -7.75 -5.38 -4.23
CA GLY A 249 -8.20 -6.74 -4.42
C GLY A 249 -8.40 -7.07 -5.89
N PHE A 250 -9.46 -7.80 -6.20
CA PHE A 250 -9.74 -8.20 -7.57
C PHE A 250 -11.24 -8.07 -7.85
N ALA A 251 -11.56 -7.80 -9.12
CA ALA A 251 -12.94 -7.70 -9.54
C ALA A 251 -13.56 -9.09 -9.68
N ASN A 252 -14.76 -9.26 -9.10
CA ASN A 252 -15.43 -10.55 -9.18
C ASN A 252 -15.76 -10.94 -10.61
N LYS A 253 -15.95 -9.96 -11.49
CA LYS A 253 -16.22 -10.23 -12.90
C LYS A 253 -15.88 -8.98 -13.70
N THR A 254 -15.36 -9.20 -14.91
CA THR A 254 -15.01 -8.12 -15.82
C THR A 254 -15.31 -8.55 -17.24
N GLN A 255 -15.77 -7.60 -18.05
CA GLN A 255 -15.98 -7.78 -19.48
C GLN A 255 -15.03 -6.86 -20.21
N ASP A 256 -14.17 -7.43 -21.06
CA ASP A 256 -13.10 -6.70 -21.71
C ASP A 256 -13.28 -6.78 -23.21
N VAL A 257 -13.22 -5.62 -23.87
CA VAL A 257 -13.39 -5.51 -25.31
C VAL A 257 -12.27 -4.65 -25.87
N LEU A 258 -11.62 -5.14 -26.91
CA LEU A 258 -10.51 -4.46 -27.56
C LEU A 258 -10.73 -4.46 -29.06
N LEU A 259 -10.49 -3.31 -29.69
CA LEU A 259 -10.62 -3.16 -31.13
C LEU A 259 -9.42 -2.37 -31.63
N VAL A 260 -8.87 -2.77 -32.77
CA VAL A 260 -7.69 -2.14 -33.34
C VAL A 260 -7.84 -2.13 -34.84
N ALA A 261 -7.56 -0.97 -35.45
CA ALA A 261 -7.49 -0.83 -36.90
C ALA A 261 -6.20 -0.09 -37.22
N GLN A 262 -5.47 -0.58 -38.20
CA GLN A 262 -4.17 -0.01 -38.53
C GLN A 262 -3.92 -0.19 -40.02
N TYR A 263 -3.26 0.79 -40.62
CA TYR A 263 -2.83 0.73 -42.01
C TYR A 263 -1.33 1.00 -42.06
N GLN A 264 -0.67 0.43 -43.07
CA GLN A 264 0.77 0.56 -43.23
C GLN A 264 1.05 1.15 -44.61
N PHE A 265 1.53 2.39 -44.63
CA PHE A 265 1.89 3.02 -45.88
C PHE A 265 3.26 2.53 -46.36
N ASP A 266 3.46 2.61 -47.67
CA ASP A 266 4.69 2.10 -48.26
C ASP A 266 5.92 2.84 -47.75
N PHE A 267 5.79 4.14 -47.48
CA PHE A 267 6.93 4.96 -47.06
C PHE A 267 7.12 5.01 -45.55
N GLY A 268 6.29 4.32 -44.77
CA GLY A 268 6.54 4.18 -43.34
C GLY A 268 5.38 4.54 -42.45
N LEU A 269 4.66 5.61 -42.79
CA LEU A 269 3.59 6.12 -41.92
C LEU A 269 2.54 5.03 -41.67
N ARG A 270 2.23 4.80 -40.40
CA ARG A 270 1.26 3.78 -39.98
C ARG A 270 0.18 4.43 -39.14
N PRO A 271 -0.97 4.79 -39.71
CA PRO A 271 -2.07 5.32 -38.89
C PRO A 271 -2.68 4.22 -38.04
N SER A 272 -3.20 4.62 -36.88
CA SER A 272 -3.75 3.67 -35.92
C SER A 272 -4.99 4.23 -35.25
N ILE A 273 -6.03 3.40 -35.17
CA ILE A 273 -7.25 3.71 -34.43
C ILE A 273 -7.56 2.51 -33.54
N ALA A 274 -8.07 2.78 -32.34
CA ALA A 274 -8.33 1.70 -31.41
C ALA A 274 -9.44 2.09 -30.44
N TYR A 275 -10.10 1.07 -29.91
CA TYR A 275 -11.10 1.21 -28.86
C TYR A 275 -10.83 0.15 -27.81
N THR A 276 -11.03 0.52 -26.54
CA THR A 276 -10.74 -0.37 -25.42
C THR A 276 -11.71 -0.06 -24.30
N LYS A 277 -12.44 -1.07 -23.84
CA LYS A 277 -13.32 -0.91 -22.70
C LYS A 277 -13.29 -2.16 -21.85
N SER A 278 -12.86 -2.00 -20.60
CA SER A 278 -12.91 -3.05 -19.59
C SER A 278 -13.89 -2.60 -18.51
N LYS A 279 -14.85 -3.45 -18.21
CA LYS A 279 -15.96 -3.11 -17.33
C LYS A 279 -16.12 -4.21 -16.30
N ALA A 280 -16.12 -3.83 -15.03
CA ALA A 280 -16.19 -4.76 -13.91
C ALA A 280 -17.61 -4.82 -13.36
N LYS A 281 -17.96 -5.99 -12.83
CA LYS A 281 -19.26 -6.22 -12.23
C LYS A 281 -19.08 -6.99 -10.93
N ASP A 282 -20.05 -6.84 -10.03
CA ASP A 282 -20.03 -7.49 -8.73
C ASP A 282 -18.91 -6.97 -7.84
N VAL A 283 -18.49 -5.73 -8.07
CA VAL A 283 -17.47 -5.11 -7.23
C VAL A 283 -18.09 -4.81 -5.88
N GLU A 284 -17.45 -5.28 -4.81
CA GLU A 284 -18.00 -5.14 -3.47
C GLU A 284 -18.18 -3.66 -3.12
N GLY A 285 -19.42 -3.27 -2.88
CA GLY A 285 -19.75 -1.92 -2.47
C GLY A 285 -20.13 -0.97 -3.58
N ILE A 286 -19.86 -1.32 -4.84
CA ILE A 286 -20.14 -0.41 -5.95
C ILE A 286 -20.99 -1.13 -7.00
N GLY A 287 -20.75 -2.42 -7.20
CA GLY A 287 -21.47 -3.14 -8.23
C GLY A 287 -20.71 -3.12 -9.54
N ASP A 288 -21.17 -2.30 -10.49
CA ASP A 288 -20.55 -2.19 -11.80
C ASP A 288 -19.68 -0.95 -11.86
N VAL A 289 -18.49 -1.09 -12.46
CA VAL A 289 -17.55 0.02 -12.60
C VAL A 289 -16.81 -0.14 -13.92
N ASP A 290 -16.37 0.99 -14.49
CA ASP A 290 -15.56 1.00 -15.69
C ASP A 290 -14.08 1.12 -15.29
N LEU A 291 -13.29 0.14 -15.70
CA LEU A 291 -11.85 0.17 -15.44
C LEU A 291 -11.07 0.86 -16.55
N VAL A 292 -11.38 0.55 -17.81
CA VAL A 292 -10.73 1.15 -18.96
C VAL A 292 -11.82 1.55 -19.96
N ASN A 293 -11.62 2.69 -20.63
CA ASN A 293 -12.58 3.17 -21.61
C ASN A 293 -12.00 4.36 -22.36
N TYR A 294 -11.66 4.16 -23.63
CA TYR A 294 -11.01 5.21 -24.40
C TYR A 294 -11.03 4.86 -25.88
N PHE A 295 -10.79 5.88 -26.70
CA PHE A 295 -10.44 5.74 -28.10
C PHE A 295 -8.99 6.18 -28.27
N GLU A 296 -8.34 5.68 -29.32
CA GLU A 296 -6.92 5.94 -29.54
C GLU A 296 -6.72 6.44 -30.97
N VAL A 297 -5.95 7.52 -31.09
CA VAL A 297 -5.50 8.04 -32.38
C VAL A 297 -3.99 8.20 -32.32
N GLY A 298 -3.28 7.46 -33.17
CA GLY A 298 -1.83 7.46 -33.12
C GLY A 298 -1.24 7.19 -34.49
N ALA A 299 0.02 7.59 -34.63
CA ALA A 299 0.77 7.41 -35.87
C ALA A 299 2.21 7.05 -35.52
N THR A 300 2.78 6.12 -36.29
CA THR A 300 4.17 5.72 -36.13
C THR A 300 4.87 5.84 -37.47
N TYR A 301 5.96 6.60 -37.53
CA TYR A 301 6.77 6.73 -38.73
C TYR A 301 8.02 5.87 -38.55
N TYR A 302 8.11 4.81 -39.35
CA TYR A 302 9.28 3.93 -39.33
C TYR A 302 10.28 4.46 -40.34
N PHE A 303 11.34 5.11 -39.85
CA PHE A 303 12.45 5.49 -40.73
C PHE A 303 13.07 4.26 -41.38
N ASN A 304 13.25 3.19 -40.61
CA ASN A 304 13.74 1.91 -41.12
C ASN A 304 13.59 0.89 -39.99
N LYS A 305 14.21 -0.28 -40.17
CA LYS A 305 14.06 -1.37 -39.21
C LYS A 305 14.64 -1.04 -37.84
N ASN A 306 15.49 -0.01 -37.74
CA ASN A 306 16.20 0.29 -36.51
C ASN A 306 15.74 1.57 -35.80
N MET A 307 15.06 2.48 -36.49
CA MET A 307 14.66 3.74 -35.90
C MET A 307 13.20 4.03 -36.19
N SER A 308 12.52 4.65 -35.23
CA SER A 308 11.10 4.94 -35.35
C SER A 308 10.75 6.10 -34.44
N THR A 309 9.61 6.72 -34.75
CA THR A 309 9.03 7.79 -33.93
C THR A 309 7.52 7.64 -33.97
N TYR A 310 6.87 7.89 -32.84
CA TYR A 310 5.43 7.72 -32.76
C TYR A 310 4.82 8.80 -31.88
N VAL A 311 3.52 9.02 -32.13
CA VAL A 311 2.69 9.93 -31.34
C VAL A 311 1.40 9.19 -31.06
N ASP A 312 1.00 9.14 -29.78
CA ASP A 312 -0.15 8.36 -29.36
C ASP A 312 -1.04 9.23 -28.49
N TYR A 313 -2.26 9.45 -28.93
CA TYR A 313 -3.25 10.24 -28.20
C TYR A 313 -4.33 9.30 -27.67
N ILE A 314 -4.57 9.35 -26.37
CA ILE A 314 -5.59 8.53 -25.72
C ILE A 314 -6.73 9.45 -25.33
N ILE A 315 -7.87 9.31 -26.02
CA ILE A 315 -9.08 10.04 -25.70
C ILE A 315 -9.80 9.24 -24.62
N ASN A 316 -9.70 9.70 -23.38
CA ASN A 316 -10.21 8.94 -22.25
C ASN A 316 -11.70 9.19 -22.06
N GLN A 317 -12.48 8.11 -22.03
CA GLN A 317 -13.92 8.19 -21.85
C GLN A 317 -14.35 7.98 -20.40
N ILE A 318 -13.42 7.62 -19.51
CA ILE A 318 -13.76 7.38 -18.11
C ILE A 318 -14.46 8.61 -17.54
N ASP A 319 -15.47 8.37 -16.71
CA ASP A 319 -16.23 9.44 -16.10
C ASP A 319 -15.40 10.14 -15.03
N SER A 320 -15.59 11.46 -14.91
CA SER A 320 -14.87 12.21 -13.88
C SER A 320 -15.30 11.82 -12.48
N ASP A 321 -16.47 11.20 -12.33
CA ASP A 321 -16.97 10.72 -11.04
C ASP A 321 -16.85 9.20 -10.93
N ASN A 322 -15.76 8.62 -11.44
CA ASN A 322 -15.59 7.18 -11.40
C ASN A 322 -15.61 6.70 -9.95
N LYS A 323 -16.40 5.66 -9.69
CA LYS A 323 -16.60 5.18 -8.33
C LYS A 323 -15.41 4.41 -7.77
N LEU A 324 -14.36 4.20 -8.56
CA LEU A 324 -13.11 3.62 -8.09
C LEU A 324 -11.95 4.59 -8.19
N GLY A 325 -12.19 5.82 -8.64
CA GLY A 325 -11.12 6.79 -8.79
C GLY A 325 -10.28 6.64 -10.03
N VAL A 326 -10.77 5.94 -11.05
CA VAL A 326 -9.99 5.76 -12.26
C VAL A 326 -9.77 7.12 -12.93
N GLY A 327 -8.58 7.32 -13.48
CA GLY A 327 -8.27 8.56 -14.14
C GLY A 327 -9.24 8.84 -15.27
N SER A 328 -9.52 10.14 -15.49
CA SER A 328 -10.47 10.56 -16.51
C SER A 328 -9.88 11.52 -17.54
N ASP A 329 -8.65 11.98 -17.35
CA ASP A 329 -8.03 12.91 -18.29
C ASP A 329 -7.35 12.16 -19.43
N ASP A 330 -7.11 12.89 -20.51
CA ASP A 330 -6.41 12.34 -21.67
C ASP A 330 -4.90 12.30 -21.40
N THR A 331 -4.17 11.69 -22.34
CA THR A 331 -2.72 11.58 -22.25
C THR A 331 -2.15 11.45 -23.65
N VAL A 332 -1.02 12.13 -23.88
CA VAL A 332 -0.35 12.14 -25.18
C VAL A 332 1.07 11.63 -24.98
N ALA A 333 1.42 10.53 -25.66
CA ALA A 333 2.76 10.00 -25.63
C ALA A 333 3.50 10.41 -26.89
N VAL A 334 4.76 10.83 -26.71
CA VAL A 334 5.64 11.21 -27.81
C VAL A 334 6.94 10.46 -27.64
N GLY A 335 7.34 9.70 -28.66
CA GLY A 335 8.48 8.82 -28.53
C GLY A 335 9.37 8.84 -29.76
N ILE A 336 10.67 8.70 -29.49
CA ILE A 336 11.68 8.50 -30.52
C ILE A 336 12.49 7.27 -30.11
N VAL A 337 12.59 6.30 -31.00
CA VAL A 337 13.06 4.97 -30.64
C VAL A 337 14.22 4.57 -31.55
N TYR A 338 15.33 4.17 -30.94
CA TYR A 338 16.36 3.39 -31.60
C TYR A 338 16.31 1.97 -31.07
N GLN A 339 16.47 1.00 -31.98
CA GLN A 339 16.42 -0.40 -31.59
C GLN A 339 17.27 -1.22 -32.54
N PHE A 340 17.77 -2.34 -32.02
CA PHE A 340 18.60 -3.25 -32.80
C PHE A 340 18.31 -4.70 -32.41
N ALA B 1 -19.73 10.09 32.10
CA ALA B 1 -20.80 10.60 33.01
C ALA B 1 -21.74 9.48 33.43
N GLU B 2 -21.91 9.29 34.73
CA GLU B 2 -22.79 8.24 35.23
C GLU B 2 -24.24 8.62 34.96
N ILE B 3 -24.92 7.81 34.15
CA ILE B 3 -26.28 8.12 33.71
C ILE B 3 -27.31 7.15 34.28
N TYR B 4 -26.89 6.06 34.92
CA TYR B 4 -27.81 5.08 35.45
C TYR B 4 -27.18 4.39 36.65
N ASN B 5 -27.99 4.18 37.69
CA ASN B 5 -27.51 3.44 38.87
C ASN B 5 -28.77 2.98 39.63
N LYS B 6 -29.21 1.77 39.33
CA LYS B 6 -30.38 1.16 39.93
C LYS B 6 -30.14 -0.33 40.01
N ASP B 7 -30.50 -0.92 41.15
CA ASP B 7 -30.34 -2.37 41.35
C ASP B 7 -28.88 -2.80 41.19
N GLY B 8 -27.96 -2.00 41.71
CA GLY B 8 -26.56 -2.38 41.70
C GLY B 8 -25.90 -2.42 40.34
N ASN B 9 -26.41 -1.66 39.37
CA ASN B 9 -25.83 -1.59 38.03
C ASN B 9 -25.55 -0.14 37.69
N LYS B 10 -24.28 0.21 37.52
CA LYS B 10 -23.88 1.56 37.17
C LYS B 10 -23.45 1.58 35.71
N VAL B 11 -23.84 2.63 34.99
CA VAL B 11 -23.54 2.77 33.57
C VAL B 11 -22.99 4.17 33.33
N ASP B 12 -21.76 4.25 32.84
CA ASP B 12 -21.12 5.52 32.53
C ASP B 12 -21.12 5.71 31.02
N LEU B 13 -21.94 6.63 30.52
CA LEU B 13 -21.90 7.02 29.12
C LEU B 13 -21.00 8.25 29.01
N TYR B 14 -19.82 8.06 28.41
CA TYR B 14 -18.79 9.08 28.35
C TYR B 14 -18.41 9.39 26.91
N GLY B 15 -17.97 10.63 26.69
CA GLY B 15 -17.57 11.08 25.37
C GLY B 15 -16.77 12.37 25.46
N LYS B 16 -16.42 12.90 24.29
CA LYS B 16 -15.70 14.17 24.20
C LYS B 16 -15.74 14.67 22.77
N ALA B 17 -15.65 15.99 22.63
CA ALA B 17 -15.59 16.67 21.34
C ALA B 17 -14.32 17.52 21.31
N VAL B 18 -13.42 17.21 20.36
CA VAL B 18 -12.10 17.81 20.30
C VAL B 18 -12.01 18.64 19.02
N GLY B 19 -12.06 19.96 19.16
CA GLY B 19 -11.73 20.84 18.06
C GLY B 19 -10.23 21.01 17.95
N LEU B 20 -9.64 20.59 16.83
CA LEU B 20 -8.20 20.45 16.74
C LEU B 20 -7.69 20.92 15.38
N HIS B 21 -6.53 21.58 15.38
CA HIS B 21 -5.85 21.97 14.16
C HIS B 21 -4.36 21.72 14.31
N TYR B 22 -3.76 21.12 13.29
CA TYR B 22 -2.32 20.92 13.21
C TYR B 22 -1.70 21.98 12.30
N PHE B 23 -0.53 22.48 12.69
CA PHE B 23 0.21 23.44 11.90
C PHE B 23 1.58 22.87 11.60
N SER B 24 1.89 22.70 10.31
CA SER B 24 3.20 22.24 9.86
C SER B 24 3.55 22.93 8.55
N LYS B 25 4.85 22.95 8.26
CA LYS B 25 5.35 23.68 7.11
C LYS B 25 4.96 22.99 5.80
N GLY B 26 4.53 23.79 4.83
CA GLY B 26 4.14 23.22 3.56
C GLY B 26 2.87 22.40 3.67
N ASN B 27 2.73 21.44 2.76
CA ASN B 27 1.61 20.51 2.80
C ASN B 27 1.70 19.59 4.02
N GLY B 28 2.87 19.49 4.65
CA GLY B 28 3.04 18.65 5.82
C GLY B 28 3.41 17.21 5.55
N GLU B 29 3.70 16.85 4.30
CA GLU B 29 4.03 15.46 3.99
C GLU B 29 5.32 15.04 4.66
N ASN B 30 6.23 15.97 4.93
CA ASN B 30 7.51 15.69 5.56
C ASN B 30 7.53 16.05 7.04
N SER B 31 6.37 16.13 7.68
CA SER B 31 6.26 16.57 9.06
C SER B 31 5.97 15.39 9.99
N TYR B 32 5.94 15.69 11.29
CA TYR B 32 5.70 14.67 12.31
C TYR B 32 4.21 14.36 12.46
N GLY B 33 3.36 15.39 12.44
CA GLY B 33 1.93 15.20 12.68
C GLY B 33 1.04 15.48 11.49
N GLY B 34 1.47 16.38 10.60
CA GLY B 34 0.69 16.77 9.46
C GLY B 34 0.26 18.23 9.52
N ASN B 35 -0.74 18.55 8.69
CA ASN B 35 -1.25 19.91 8.60
C ASN B 35 -2.71 19.89 8.17
N GLY B 36 -3.53 20.69 8.84
CA GLY B 36 -4.93 20.88 8.49
C GLY B 36 -5.82 20.64 9.68
N ASP B 37 -7.10 20.40 9.40
CA ASP B 37 -8.09 20.14 10.43
C ASP B 37 -7.92 18.73 10.97
N MET B 38 -8.08 18.59 12.29
CA MET B 38 -7.96 17.27 12.92
C MET B 38 -9.05 17.02 13.95
N THR B 39 -10.14 17.78 13.90
CA THR B 39 -11.25 17.59 14.83
C THR B 39 -11.71 16.15 14.84
N TYR B 40 -12.06 15.65 16.02
CA TYR B 40 -12.57 14.29 16.18
C TYR B 40 -13.46 14.25 17.40
N ALA B 41 -14.17 13.13 17.54
CA ALA B 41 -15.10 12.94 18.65
C ALA B 41 -15.01 11.49 19.13
N ARG B 42 -15.32 11.29 20.41
CA ARG B 42 -15.28 9.97 21.02
C ARG B 42 -16.58 9.70 21.74
N LEU B 43 -17.07 8.47 21.64
CA LEU B 43 -18.24 8.01 22.37
C LEU B 43 -17.95 6.62 22.91
N GLY B 44 -18.59 6.29 24.03
CA GLY B 44 -18.38 4.99 24.63
C GLY B 44 -19.17 4.88 25.91
N PHE B 45 -19.17 3.66 26.46
CA PHE B 45 -19.86 3.38 27.71
C PHE B 45 -18.99 2.46 28.56
N LYS B 46 -19.05 2.68 29.88
CA LYS B 46 -18.41 1.81 30.86
C LYS B 46 -19.48 1.31 31.82
N GLY B 47 -19.68 0.00 31.85
CA GLY B 47 -20.70 -0.62 32.65
C GLY B 47 -20.14 -1.47 33.78
N GLU B 48 -20.84 -1.48 34.91
CA GLU B 48 -20.42 -2.22 36.09
C GLU B 48 -21.65 -2.75 36.82
N THR B 49 -21.64 -4.03 37.15
CA THR B 49 -22.75 -4.68 37.83
C THR B 49 -22.23 -5.46 39.03
N GLN B 50 -22.93 -5.32 40.16
CA GLN B 50 -22.60 -6.03 41.39
C GLN B 50 -23.36 -7.36 41.42
N ILE B 51 -22.68 -8.44 41.05
CA ILE B 51 -23.33 -9.76 41.07
C ILE B 51 -23.57 -10.20 42.51
N ASN B 52 -22.58 -10.02 43.38
CA ASN B 52 -22.73 -10.27 44.80
C ASN B 52 -21.64 -9.51 45.54
N SER B 53 -21.45 -9.84 46.83
CA SER B 53 -20.53 -9.08 47.66
C SER B 53 -19.12 -9.09 47.10
N ASP B 54 -18.71 -10.20 46.47
CA ASP B 54 -17.36 -10.35 45.93
C ASP B 54 -17.29 -10.31 44.42
N LEU B 55 -18.22 -10.98 43.73
CA LEU B 55 -18.18 -11.05 42.27
C LEU B 55 -18.69 -9.75 41.67
N THR B 56 -18.01 -9.29 40.62
CA THR B 56 -18.39 -8.06 39.93
C THR B 56 -18.16 -8.23 38.43
N GLY B 57 -19.16 -7.89 37.63
CA GLY B 57 -19.07 -7.96 36.19
C GLY B 57 -18.92 -6.57 35.58
N TYR B 58 -18.23 -6.51 34.44
CA TYR B 58 -17.99 -5.23 33.79
C TYR B 58 -17.83 -5.40 32.28
N GLY B 59 -18.07 -4.30 31.57
CA GLY B 59 -17.88 -4.23 30.14
C GLY B 59 -17.63 -2.80 29.72
N GLN B 60 -17.00 -2.64 28.56
CA GLN B 60 -16.63 -1.31 28.08
C GLN B 60 -16.57 -1.29 26.56
N TRP B 61 -16.88 -0.13 26.00
CA TRP B 61 -16.84 0.09 24.56
C TRP B 61 -16.50 1.55 24.31
N GLU B 62 -15.69 1.80 23.28
CA GLU B 62 -15.26 3.16 22.96
C GLU B 62 -15.08 3.28 21.45
N TYR B 63 -15.49 4.42 20.91
CA TYR B 63 -15.46 4.65 19.47
C TYR B 63 -14.88 6.01 19.15
N ASN B 64 -14.28 6.11 17.98
CA ASN B 64 -13.66 7.35 17.48
C ASN B 64 -14.36 7.74 16.18
N PHE B 65 -15.15 8.81 16.23
CA PHE B 65 -15.72 9.43 15.04
C PHE B 65 -14.86 10.62 14.64
N GLN B 66 -14.53 10.71 13.36
CA GLN B 66 -13.74 11.82 12.86
C GLN B 66 -14.63 12.98 12.44
N GLY B 67 -14.12 14.19 12.59
CA GLY B 67 -14.84 15.39 12.21
C GLY B 67 -14.18 16.12 11.06
N ASN B 68 -12.99 15.66 10.66
CA ASN B 68 -12.23 16.27 9.58
C ASN B 68 -12.50 15.64 8.23
N ASN B 69 -13.55 14.84 8.12
CA ASN B 69 -13.97 14.25 6.85
C ASN B 69 -15.23 14.94 6.34
N SER B 70 -15.43 14.86 5.03
CA SER B 70 -16.63 15.39 4.41
C SER B 70 -17.78 14.42 4.59
N GLU B 71 -18.98 14.88 4.24
CA GLU B 71 -20.16 14.04 4.28
C GLU B 71 -20.29 13.14 3.05
N GLY B 72 -19.31 13.17 2.15
CA GLY B 72 -19.37 12.36 0.95
C GLY B 72 -18.81 10.96 1.13
N ALA B 73 -18.09 10.48 0.10
CA ALA B 73 -17.62 9.10 0.08
C ALA B 73 -16.48 8.85 1.05
N ASP B 74 -15.85 9.90 1.57
CA ASP B 74 -14.76 9.75 2.54
C ASP B 74 -15.21 10.02 3.97
N ALA B 75 -16.51 9.87 4.24
CA ALA B 75 -17.05 10.21 5.55
C ALA B 75 -16.50 9.31 6.65
N GLN B 76 -16.22 8.05 6.32
CA GLN B 76 -15.80 7.07 7.30
C GLN B 76 -14.29 7.02 7.51
N THR B 77 -13.53 7.86 6.81
CA THR B 77 -12.07 7.83 6.92
C THR B 77 -11.63 8.11 8.35
N GLY B 78 -11.03 7.11 8.99
CA GLY B 78 -10.50 7.27 10.33
C GLY B 78 -11.42 6.86 11.44
N ASN B 79 -12.68 6.52 11.14
CA ASN B 79 -13.59 6.03 12.17
C ASN B 79 -13.22 4.60 12.53
N LYS B 80 -13.36 4.26 13.81
CA LYS B 80 -12.89 2.97 14.30
C LYS B 80 -13.43 2.73 15.69
N THR B 81 -13.28 1.50 16.16
CA THR B 81 -13.59 1.11 17.53
C THR B 81 -12.29 0.97 18.30
N ARG B 82 -12.12 1.77 19.35
CA ARG B 82 -10.89 1.75 20.12
C ARG B 82 -10.88 0.57 21.08
N LEU B 83 -11.95 0.41 21.86
CA LEU B 83 -12.07 -0.66 22.84
C LEU B 83 -13.43 -1.33 22.74
N ALA B 84 -13.47 -2.59 23.15
CA ALA B 84 -14.72 -3.36 23.18
C ALA B 84 -14.45 -4.69 23.88
N PHE B 85 -14.74 -4.77 25.18
CA PHE B 85 -14.43 -5.97 25.95
C PHE B 85 -15.44 -6.13 27.08
N ALA B 86 -15.37 -7.28 27.73
CA ALA B 86 -16.19 -7.59 28.90
C ALA B 86 -15.39 -8.54 29.77
N GLY B 87 -15.66 -8.50 31.07
CA GLY B 87 -14.87 -9.31 31.98
C GLY B 87 -15.55 -9.48 33.32
N LEU B 88 -14.90 -10.28 34.16
CA LEU B 88 -15.40 -10.60 35.49
C LEU B 88 -14.30 -10.33 36.51
N LYS B 89 -14.71 -10.17 37.76
CA LYS B 89 -13.77 -9.87 38.85
C LYS B 89 -14.23 -10.56 40.12
N TYR B 90 -13.30 -11.20 40.81
CA TYR B 90 -13.56 -11.86 42.09
C TYR B 90 -12.72 -11.18 43.16
N ALA B 91 -13.27 -11.13 44.37
CA ALA B 91 -12.65 -10.39 45.47
C ALA B 91 -11.24 -10.92 45.76
N ASP B 92 -10.23 -10.14 45.38
CA ASP B 92 -8.83 -10.41 45.64
C ASP B 92 -8.23 -11.51 44.76
N VAL B 93 -9.07 -12.31 44.12
CA VAL B 93 -8.53 -13.34 43.22
C VAL B 93 -8.03 -12.72 41.93
N GLY B 94 -8.73 -11.71 41.41
CA GLY B 94 -8.30 -11.01 40.20
C GLY B 94 -9.49 -10.74 39.30
N SER B 95 -9.18 -10.25 38.10
CA SER B 95 -10.20 -9.92 37.10
C SER B 95 -9.77 -10.43 35.73
N PHE B 96 -10.70 -11.06 35.01
CA PHE B 96 -10.46 -11.60 33.69
C PHE B 96 -11.41 -10.95 32.70
N ASP B 97 -10.86 -10.39 31.62
CA ASP B 97 -11.65 -9.75 30.58
C ASP B 97 -11.11 -10.14 29.21
N TYR B 98 -12.03 -10.25 28.24
CA TYR B 98 -11.68 -10.60 26.87
C TYR B 98 -12.32 -9.60 25.91
N GLY B 99 -11.68 -9.43 24.75
CA GLY B 99 -12.14 -8.54 23.72
C GLY B 99 -10.99 -7.75 23.16
N ARG B 100 -11.31 -6.60 22.56
CA ARG B 100 -10.29 -5.67 22.09
C ARG B 100 -9.87 -4.77 23.25
N ASN B 101 -8.61 -4.88 23.66
CA ASN B 101 -8.11 -4.16 24.82
C ASN B 101 -6.63 -3.85 24.61
N TYR B 102 -6.02 -3.26 25.64
CA TYR B 102 -4.61 -2.89 25.57
C TYR B 102 -3.71 -4.09 25.83
N GLY B 103 -2.56 -4.12 25.16
CA GLY B 103 -1.57 -5.13 25.46
C GLY B 103 -0.87 -4.87 26.77
N VAL B 104 -0.29 -5.93 27.34
CA VAL B 104 0.28 -5.82 28.68
C VAL B 104 1.46 -4.86 28.71
N VAL B 105 2.26 -4.81 27.64
CA VAL B 105 3.43 -3.94 27.65
C VAL B 105 2.99 -2.47 27.74
N TYR B 106 1.74 -2.17 27.39
CA TYR B 106 1.27 -0.81 27.60
C TYR B 106 1.26 -0.44 29.08
N ASP B 107 1.10 -1.43 29.96
CA ASP B 107 1.19 -1.16 31.40
C ASP B 107 2.41 -0.31 31.72
N ALA B 108 3.55 -0.63 31.09
CA ALA B 108 4.76 0.16 31.27
C ALA B 108 4.73 1.43 30.44
N LEU B 109 4.39 1.31 29.16
CA LEU B 109 4.50 2.45 28.24
C LEU B 109 3.58 3.59 28.65
N GLY B 110 2.46 3.28 29.31
CA GLY B 110 1.55 4.33 29.74
C GLY B 110 2.18 5.36 30.65
N TYR B 111 3.28 5.00 31.32
CA TYR B 111 3.94 5.95 32.22
C TYR B 111 4.32 7.23 31.50
N THR B 112 4.70 7.14 30.22
CA THR B 112 5.20 8.28 29.48
C THR B 112 4.24 8.74 28.40
N ASP B 113 3.00 8.29 28.43
CA ASP B 113 1.99 8.66 27.44
C ASP B 113 1.05 9.72 28.00
N MET B 114 1.64 10.84 28.43
CA MET B 114 0.92 11.88 29.15
C MET B 114 0.83 13.21 28.42
N LEU B 115 1.36 13.31 27.20
CA LEU B 115 1.44 14.61 26.54
C LEU B 115 0.06 15.05 26.06
N PRO B 116 -0.12 16.35 25.78
CA PRO B 116 -1.46 16.83 25.41
C PRO B 116 -2.01 16.21 24.13
N GLU B 117 -1.17 16.05 23.10
CA GLU B 117 -1.63 15.51 21.83
C GLU B 117 -0.79 14.31 21.40
N PHE B 118 0.52 14.48 21.37
CA PHE B 118 1.44 13.48 20.86
C PHE B 118 1.97 12.61 22.00
N GLY B 119 3.09 11.94 21.77
CA GLY B 119 3.73 11.13 22.79
C GLY B 119 3.37 9.66 22.66
N GLY B 120 4.05 8.85 23.48
CA GLY B 120 3.79 7.41 23.48
C GLY B 120 3.84 6.80 22.09
N ASP B 121 4.85 7.19 21.30
CA ASP B 121 4.94 6.75 19.92
C ASP B 121 5.18 5.25 19.78
N THR B 122 5.61 4.58 20.84
CA THR B 122 5.86 3.14 20.77
C THR B 122 4.61 2.31 20.98
N ALA B 123 3.55 2.88 21.54
CA ALA B 123 2.31 2.14 21.81
C ALA B 123 1.47 2.10 20.54
N TYR B 124 1.97 1.37 19.55
CA TYR B 124 1.32 1.28 18.25
C TYR B 124 0.00 0.53 18.35
N SER B 125 -1.00 1.00 17.61
CA SER B 125 -2.27 0.28 17.55
C SER B 125 -2.11 -0.98 16.70
N ASP B 126 -2.71 -2.07 17.16
CA ASP B 126 -2.66 -3.35 16.46
C ASP B 126 -1.21 -3.81 16.25
N ASP B 127 -0.42 -3.71 17.32
CA ASP B 127 1.00 -4.04 17.27
C ASP B 127 1.38 -4.91 18.48
N PHE B 128 0.86 -6.14 18.50
CA PHE B 128 1.21 -7.14 19.51
C PHE B 128 0.81 -6.62 20.88
N PHE B 129 1.74 -6.41 21.82
CA PHE B 129 1.40 -6.17 23.21
C PHE B 129 1.59 -4.72 23.66
N VAL B 130 1.90 -3.80 22.75
CA VAL B 130 2.18 -2.43 23.13
C VAL B 130 0.99 -1.49 22.99
N GLY B 131 -0.09 -1.92 22.34
CA GLY B 131 -1.23 -1.05 22.16
C GLY B 131 -2.55 -1.78 22.03
N ARG B 132 -3.62 -1.02 21.75
CA ARG B 132 -4.94 -1.63 21.57
C ARG B 132 -4.87 -2.69 20.48
N VAL B 133 -5.33 -3.90 20.82
CA VAL B 133 -5.31 -5.05 19.93
C VAL B 133 -6.62 -5.81 20.08
N GLY B 134 -6.84 -6.74 19.17
CA GLY B 134 -8.09 -7.50 19.13
C GLY B 134 -7.90 -8.89 19.75
N GLY B 135 -8.88 -9.31 20.53
CA GLY B 135 -8.90 -10.65 21.08
C GLY B 135 -7.79 -10.96 22.06
N VAL B 136 -7.69 -10.19 23.15
CA VAL B 136 -6.69 -10.41 24.18
C VAL B 136 -7.39 -10.82 25.47
N ALA B 137 -7.07 -12.03 25.94
CA ALA B 137 -7.52 -12.50 27.25
C ALA B 137 -6.51 -12.04 28.29
N THR B 138 -6.98 -11.27 29.28
CA THR B 138 -6.10 -10.62 30.24
C THR B 138 -6.55 -10.94 31.66
N TYR B 139 -5.65 -11.51 32.46
CA TYR B 139 -5.86 -11.72 33.88
C TYR B 139 -5.01 -10.73 34.66
N ARG B 140 -5.63 -10.01 35.59
CA ARG B 140 -4.96 -9.00 36.38
C ARG B 140 -5.31 -9.19 37.85
N ASN B 141 -4.32 -8.99 38.72
CA ASN B 141 -4.48 -9.09 40.16
C ASN B 141 -3.86 -7.85 40.80
N SER B 142 -4.55 -7.29 41.79
CA SER B 142 -4.12 -6.07 42.46
C SER B 142 -3.75 -6.36 43.90
N ASN B 143 -2.64 -5.75 44.36
CA ASN B 143 -2.18 -5.83 45.74
C ASN B 143 -1.81 -7.25 46.16
N PHE B 144 -1.48 -8.10 45.19
CA PHE B 144 -1.07 -9.48 45.44
C PHE B 144 -1.99 -10.17 46.44
N PHE B 145 -3.25 -10.33 46.03
CA PHE B 145 -4.26 -11.05 46.82
C PHE B 145 -4.48 -10.41 48.19
N GLY B 146 -4.25 -9.10 48.28
CA GLY B 146 -4.45 -8.38 49.52
C GLY B 146 -3.34 -8.53 50.54
N LEU B 147 -2.20 -9.07 50.13
CA LEU B 147 -1.08 -9.31 51.04
C LEU B 147 -0.02 -8.21 50.99
N VAL B 148 0.18 -7.59 49.82
CA VAL B 148 1.19 -6.55 49.64
C VAL B 148 0.50 -5.33 49.06
N ASP B 149 0.64 -4.19 49.73
CA ASP B 149 0.04 -2.94 49.27
C ASP B 149 0.90 -2.32 48.18
N GLY B 150 0.33 -2.16 46.99
CA GLY B 150 1.00 -1.53 45.87
C GLY B 150 1.55 -2.48 44.82
N LEU B 151 1.51 -3.78 45.08
CA LEU B 151 2.07 -4.77 44.17
C LEU B 151 0.95 -5.33 43.29
N ASN B 152 1.08 -5.15 41.98
CA ASN B 152 0.13 -5.66 41.01
C ASN B 152 0.87 -6.42 39.92
N PHE B 153 0.20 -7.40 39.33
CA PHE B 153 0.77 -8.17 38.23
C PHE B 153 -0.34 -8.58 37.28
N ALA B 154 0.06 -8.98 36.07
CA ALA B 154 -0.90 -9.33 35.04
C ALA B 154 -0.28 -10.34 34.08
N VAL B 155 -1.12 -11.21 33.54
CA VAL B 155 -0.72 -12.18 32.53
C VAL B 155 -1.78 -12.17 31.43
N GLN B 156 -1.33 -12.23 30.17
CA GLN B 156 -2.21 -11.99 29.04
C GLN B 156 -1.93 -12.97 27.91
N TYR B 157 -3.00 -13.44 27.27
CA TYR B 157 -2.92 -14.32 26.11
C TYR B 157 -3.46 -13.57 24.90
N LEU B 158 -2.65 -13.49 23.84
CA LEU B 158 -3.01 -12.77 22.63
C LEU B 158 -3.44 -13.76 21.56
N GLY B 159 -4.70 -13.63 21.11
CA GLY B 159 -5.22 -14.51 20.09
C GLY B 159 -4.74 -14.16 18.69
N LYS B 160 -4.84 -15.14 17.81
CA LYS B 160 -4.37 -14.97 16.44
C LYS B 160 -5.30 -14.03 15.66
N ASN B 161 -4.68 -13.17 14.85
CA ASN B 161 -5.43 -12.28 13.95
C ASN B 161 -4.69 -12.27 12.61
N GLU B 162 -5.15 -13.08 11.67
CA GLU B 162 -4.59 -13.10 10.31
C GLU B 162 -5.43 -12.17 9.45
N ARG B 163 -5.02 -10.91 9.38
CA ARG B 163 -5.74 -9.89 8.63
C ARG B 163 -5.14 -9.75 7.22
N ASP B 164 -5.76 -8.87 6.43
CA ASP B 164 -5.32 -8.66 5.05
C ASP B 164 -3.99 -7.93 4.96
N THR B 165 -3.52 -7.32 6.03
CA THR B 165 -2.26 -6.58 6.04
C THR B 165 -1.26 -7.25 6.98
N ALA B 166 0.02 -7.13 6.63
CA ALA B 166 1.06 -7.61 7.54
C ALA B 166 1.15 -6.71 8.76
N ARG B 167 0.85 -5.42 8.60
CA ARG B 167 0.92 -4.49 9.71
C ARG B 167 -0.09 -4.83 10.79
N ARG B 168 -1.31 -5.19 10.40
CA ARG B 168 -2.40 -5.40 11.34
C ARG B 168 -2.59 -6.87 11.72
N SER B 169 -1.66 -7.74 11.35
CA SER B 169 -1.75 -9.16 11.66
C SER B 169 -0.91 -9.50 12.89
N ASN B 170 -1.13 -10.70 13.42
CA ASN B 170 -0.37 -11.20 14.56
C ASN B 170 -0.73 -12.66 14.77
N GLY B 171 0.18 -13.37 15.46
CA GLY B 171 -0.04 -14.75 15.83
C GLY B 171 -0.44 -14.91 17.29
N ASP B 172 -0.28 -16.11 17.79
CA ASP B 172 -0.53 -16.40 19.20
C ASP B 172 0.65 -15.95 20.05
N GLY B 173 0.37 -15.51 21.27
CA GLY B 173 1.42 -15.01 22.12
C GLY B 173 0.97 -14.91 23.57
N VAL B 174 1.95 -14.64 24.43
CA VAL B 174 1.73 -14.48 25.86
C VAL B 174 2.57 -13.31 26.36
N GLY B 175 2.11 -12.69 27.43
CA GLY B 175 2.82 -11.57 28.03
C GLY B 175 2.41 -11.38 29.47
N GLY B 176 3.17 -10.51 30.15
CA GLY B 176 2.91 -10.26 31.56
C GLY B 176 3.48 -8.93 32.00
N SER B 177 3.15 -8.56 33.24
CA SER B 177 3.59 -7.29 33.79
C SER B 177 3.63 -7.37 35.31
N ILE B 178 4.54 -6.61 35.90
CA ILE B 178 4.66 -6.48 37.35
C ILE B 178 4.84 -5.01 37.69
N SER B 179 4.27 -4.58 38.82
CA SER B 179 4.31 -3.18 39.20
C SER B 179 4.29 -3.04 40.72
N TYR B 180 5.04 -2.05 41.22
CA TYR B 180 5.05 -1.70 42.63
C TYR B 180 4.95 -0.19 42.74
N GLU B 181 4.10 0.29 43.64
CA GLU B 181 3.91 1.73 43.84
C GLU B 181 3.98 2.04 45.34
N TYR B 182 4.80 3.03 45.69
CA TYR B 182 4.94 3.46 47.09
C TYR B 182 5.19 4.95 47.14
N GLU B 183 4.34 5.67 47.88
CA GLU B 183 4.53 7.09 48.17
C GLU B 183 4.90 7.88 46.92
N GLY B 184 4.02 7.78 45.91
CA GLY B 184 4.18 8.51 44.67
C GLY B 184 5.19 7.92 43.69
N PHE B 185 6.06 7.04 44.15
CA PHE B 185 7.03 6.38 43.27
C PHE B 185 6.40 5.15 42.64
N GLY B 186 6.82 4.84 41.42
CA GLY B 186 6.30 3.69 40.71
C GLY B 186 7.32 3.02 39.83
N ILE B 187 7.39 1.68 39.89
CA ILE B 187 8.27 0.88 39.05
C ILE B 187 7.43 -0.18 38.35
N VAL B 188 7.74 -0.45 37.09
CA VAL B 188 6.92 -1.34 36.27
C VAL B 188 7.83 -2.11 35.31
N GLY B 189 7.48 -3.37 35.07
CA GLY B 189 8.12 -4.16 34.05
C GLY B 189 7.10 -4.99 33.31
N ALA B 190 7.32 -5.18 32.01
CA ALA B 190 6.37 -5.90 31.18
C ALA B 190 7.09 -6.54 29.99
N TYR B 191 6.62 -7.74 29.62
CA TYR B 191 7.20 -8.49 28.52
C TYR B 191 6.12 -9.26 27.79
N GLY B 192 6.32 -9.46 26.48
CA GLY B 192 5.41 -10.25 25.69
C GLY B 192 6.09 -10.81 24.45
N ALA B 193 5.80 -12.06 24.13
CA ALA B 193 6.32 -12.72 22.94
C ALA B 193 5.16 -13.41 22.21
N ALA B 194 5.34 -13.60 20.90
CA ALA B 194 4.27 -14.16 20.09
C ALA B 194 4.83 -14.65 18.77
N ASP B 195 4.08 -15.52 18.11
CA ASP B 195 4.42 -16.00 16.79
C ASP B 195 4.20 -14.90 15.76
N ARG B 196 4.65 -15.15 14.54
CA ARG B 196 4.49 -14.22 13.43
C ARG B 196 3.77 -14.92 12.29
N THR B 197 2.88 -14.19 11.63
CA THR B 197 2.10 -14.78 10.53
C THR B 197 2.96 -14.88 9.27
N ASN B 198 2.56 -15.79 8.38
CA ASN B 198 3.25 -15.94 7.11
C ASN B 198 3.27 -14.63 6.33
N LEU B 199 2.13 -13.93 6.31
CA LEU B 199 2.08 -12.64 5.62
C LEU B 199 3.11 -11.68 6.18
N GLN B 200 3.31 -11.71 7.50
CA GLN B 200 4.31 -10.84 8.13
C GLN B 200 5.73 -11.27 7.74
N GLU B 201 5.96 -12.58 7.65
CA GLU B 201 7.29 -13.07 7.29
C GLU B 201 7.61 -12.81 5.84
N ALA B 202 6.60 -12.91 4.97
CA ALA B 202 6.84 -12.72 3.54
C ALA B 202 7.29 -11.30 3.20
N GLN B 203 7.20 -10.37 4.15
CA GLN B 203 7.60 -9.00 3.89
C GLN B 203 9.13 -8.88 3.86
N PRO B 204 9.66 -7.95 3.08
CA PRO B 204 11.13 -7.87 2.94
C PRO B 204 11.85 -7.47 4.22
N LEU B 205 11.23 -6.65 5.07
CA LEU B 205 11.88 -6.16 6.29
C LEU B 205 11.46 -7.00 7.48
N GLY B 206 12.44 -7.49 8.23
CA GLY B 206 12.20 -8.34 9.37
C GLY B 206 12.52 -9.79 9.06
N ASN B 207 12.99 -10.51 10.07
CA ASN B 207 13.33 -11.92 9.93
C ASN B 207 13.16 -12.62 11.27
N GLY B 208 12.57 -13.82 11.24
CA GLY B 208 12.31 -14.58 12.44
C GLY B 208 10.88 -15.06 12.49
N LYS B 209 10.59 -16.03 13.36
CA LYS B 209 9.24 -16.55 13.53
C LYS B 209 8.59 -16.07 14.83
N LYS B 210 9.32 -15.33 15.67
CA LYS B 210 8.76 -14.83 16.92
C LYS B 210 9.10 -13.36 17.09
N ALA B 211 8.14 -12.60 17.58
CA ALA B 211 8.31 -11.18 17.90
C ALA B 211 8.29 -10.99 19.41
N GLU B 212 9.09 -10.04 19.89
CA GLU B 212 9.24 -9.80 21.31
C GLU B 212 9.16 -8.30 21.58
N GLN B 213 8.46 -7.95 22.66
CA GLN B 213 8.31 -6.58 23.10
C GLN B 213 8.44 -6.59 24.61
N TRP B 214 9.27 -5.70 25.15
CA TRP B 214 9.39 -5.57 26.60
C TRP B 214 9.79 -4.13 26.92
N ALA B 215 9.32 -3.66 28.08
CA ALA B 215 9.55 -2.29 28.48
C ALA B 215 9.53 -2.21 30.00
N THR B 216 10.17 -1.17 30.52
CA THR B 216 10.25 -0.92 31.95
C THR B 216 10.02 0.56 32.20
N GLY B 217 9.38 0.88 33.31
CA GLY B 217 8.98 2.24 33.59
C GLY B 217 9.26 2.62 35.03
N LEU B 218 9.58 3.90 35.22
CA LEU B 218 9.83 4.49 36.53
C LEU B 218 9.16 5.85 36.56
N LYS B 219 8.38 6.11 37.60
CA LYS B 219 7.62 7.36 37.67
C LYS B 219 7.59 7.88 39.09
N TYR B 220 7.43 9.20 39.21
CA TYR B 220 7.09 9.86 40.46
C TYR B 220 5.89 10.76 40.20
N ASP B 221 4.81 10.55 40.95
CA ASP B 221 3.55 11.25 40.73
C ASP B 221 3.01 11.71 42.08
N ALA B 222 3.26 12.97 42.42
CA ALA B 222 2.80 13.55 43.67
C ALA B 222 3.25 15.00 43.74
N ASN B 223 2.60 15.76 44.64
CA ASN B 223 2.93 17.15 44.89
C ASN B 223 2.90 17.97 43.60
N ASN B 224 1.90 17.73 42.76
CA ASN B 224 1.69 18.42 41.50
C ASN B 224 2.79 18.15 40.49
N ILE B 225 3.67 17.18 40.76
CA ILE B 225 4.79 16.87 39.90
C ILE B 225 4.58 15.49 39.29
N TYR B 226 4.94 15.34 38.02
CA TYR B 226 4.90 14.05 37.34
C TYR B 226 6.18 13.90 36.52
N LEU B 227 7.05 12.99 36.94
CA LEU B 227 8.23 12.60 36.19
C LEU B 227 8.10 11.12 35.84
N ALA B 228 8.48 10.76 34.61
CA ALA B 228 8.36 9.38 34.16
C ALA B 228 9.40 9.09 33.09
N ALA B 229 9.92 7.87 33.11
CA ALA B 229 10.91 7.41 32.15
C ALA B 229 10.59 5.99 31.72
N ASN B 230 10.78 5.71 30.43
CA ASN B 230 10.52 4.40 29.85
C ASN B 230 11.72 3.96 29.02
N TYR B 231 12.14 2.71 29.21
CA TYR B 231 13.10 2.08 28.32
C TYR B 231 12.53 0.75 27.87
N GLY B 232 12.57 0.49 26.57
CA GLY B 232 12.04 -0.75 26.02
C GLY B 232 12.81 -1.16 24.77
N GLU B 233 12.78 -2.45 24.49
CA GLU B 233 13.41 -3.02 23.32
C GLU B 233 12.42 -3.95 22.62
N THR B 234 12.38 -3.88 21.30
CA THR B 234 11.49 -4.69 20.49
C THR B 234 12.30 -5.41 19.42
N ARG B 235 11.87 -6.63 19.10
CA ARG B 235 12.52 -7.43 18.07
C ARG B 235 11.45 -7.94 17.12
N ASN B 236 11.54 -7.52 15.86
CA ASN B 236 10.61 -7.96 14.81
C ASN B 236 9.17 -7.61 15.17
N ALA B 237 8.96 -6.43 15.76
CA ALA B 237 7.63 -6.04 16.20
C ALA B 237 7.26 -4.63 15.77
N THR B 238 8.25 -3.75 15.62
CA THR B 238 7.94 -2.37 15.23
C THR B 238 7.77 -2.28 13.72
N PRO B 239 6.63 -1.79 13.22
CA PRO B 239 6.45 -1.72 11.76
C PRO B 239 7.25 -0.58 11.14
N ILE B 240 7.76 -0.82 9.93
CA ILE B 240 8.59 0.13 9.21
C ILE B 240 8.17 0.14 7.74
N THR B 241 8.31 1.31 7.11
CA THR B 241 8.05 1.49 5.70
C THR B 241 9.18 2.31 5.08
N ASN B 242 9.84 1.74 4.07
CA ASN B 242 10.86 2.44 3.30
C ASN B 242 10.17 3.19 2.15
N LYS B 243 10.17 4.52 2.22
CA LYS B 243 9.44 5.32 1.24
C LYS B 243 10.16 5.44 -0.10
N PHE B 244 11.48 5.23 -0.13
CA PHE B 244 12.20 5.38 -1.39
C PHE B 244 12.01 4.17 -2.29
N THR B 245 11.98 2.97 -1.70
CA THR B 245 11.72 1.74 -2.43
C THR B 245 10.30 1.22 -2.21
N ASN B 246 9.50 1.91 -1.41
CA ASN B 246 8.12 1.53 -1.12
C ASN B 246 8.04 0.05 -0.73
N THR B 247 8.73 -0.28 0.36
CA THR B 247 8.69 -1.62 0.94
C THR B 247 8.43 -1.48 2.43
N SER B 248 7.75 -2.49 3.00
CA SER B 248 7.33 -2.45 4.39
C SER B 248 7.65 -3.77 5.07
N GLY B 249 7.53 -3.76 6.40
CA GLY B 249 7.79 -4.92 7.22
C GLY B 249 7.95 -4.53 8.67
N PHE B 250 8.93 -5.09 9.36
CA PHE B 250 9.14 -4.79 10.77
C PHE B 250 10.63 -4.64 11.04
N ALA B 251 10.94 -3.83 12.06
CA ALA B 251 12.32 -3.59 12.45
C ALA B 251 12.86 -4.82 13.19
N ASN B 252 14.03 -5.29 12.77
CA ASN B 252 14.62 -6.47 13.40
C ASN B 252 14.94 -6.22 14.86
N LYS B 253 15.26 -4.98 15.22
CA LYS B 253 15.55 -4.63 16.61
C LYS B 253 15.39 -3.13 16.77
N THR B 254 14.91 -2.71 17.94
CA THR B 254 14.73 -1.30 18.24
C THR B 254 15.02 -1.04 19.70
N GLN B 255 15.61 0.11 19.98
CA GLN B 255 15.82 0.61 21.33
C GLN B 255 14.98 1.87 21.50
N ASP B 256 14.08 1.86 22.47
CA ASP B 256 13.09 2.92 22.62
C ASP B 256 13.25 3.56 24.00
N VAL B 257 13.32 4.89 24.03
CA VAL B 257 13.47 5.65 25.26
C VAL B 257 12.49 6.82 25.24
N LEU B 258 11.74 6.97 26.32
CA LEU B 258 10.74 8.02 26.45
C LEU B 258 10.89 8.69 27.80
N LEU B 259 10.83 10.02 27.81
CA LEU B 259 10.96 10.79 29.04
C LEU B 259 9.94 11.93 29.05
N VAL B 260 9.34 12.17 30.22
CA VAL B 260 8.31 13.19 30.39
C VAL B 260 8.47 13.84 31.76
N ALA B 261 8.36 15.16 31.80
CA ALA B 261 8.32 15.93 33.04
C ALA B 261 7.14 16.89 32.96
N GLN B 262 6.37 16.97 34.04
CA GLN B 262 5.16 17.77 34.04
C GLN B 262 4.91 18.31 35.45
N TYR B 263 4.39 19.53 35.51
CA TYR B 263 3.95 20.15 36.75
C TYR B 263 2.50 20.62 36.57
N GLN B 264 1.77 20.66 37.68
CA GLN B 264 0.36 21.05 37.69
C GLN B 264 0.18 22.23 38.63
N PHE B 265 -0.11 23.40 38.08
CA PHE B 265 -0.37 24.56 38.92
C PHE B 265 -1.79 24.48 39.49
N ASP B 266 -1.98 25.14 40.63
CA ASP B 266 -3.26 25.04 41.33
C ASP B 266 -4.41 25.60 40.50
N PHE B 267 -4.16 26.63 39.69
CA PHE B 267 -5.23 27.30 38.97
C PHE B 267 -5.53 26.68 37.61
N GLY B 268 -4.83 25.61 37.22
CA GLY B 268 -5.21 24.85 36.05
C GLY B 268 -4.10 24.57 35.06
N LEU B 269 -3.27 25.56 34.78
CA LEU B 269 -2.23 25.40 33.77
C LEU B 269 -1.29 24.27 34.14
N ARG B 270 -1.06 23.36 33.20
CA ARG B 270 -0.19 22.21 33.40
C ARG B 270 0.90 22.22 32.34
N PRO B 271 2.08 22.75 32.63
CA PRO B 271 3.17 22.70 31.65
C PRO B 271 3.69 21.28 31.47
N SER B 272 4.20 21.01 30.27
CA SER B 272 4.67 19.68 29.91
C SER B 272 5.92 19.77 29.06
N ILE B 273 6.92 18.96 29.40
CA ILE B 273 8.15 18.80 28.64
C ILE B 273 8.37 17.31 28.44
N ALA B 274 8.90 16.93 27.27
CA ALA B 274 9.08 15.52 26.98
C ALA B 274 10.20 15.33 25.98
N TYR B 275 10.80 14.13 26.02
CA TYR B 275 11.79 13.69 25.07
C TYR B 275 11.44 12.28 24.62
N THR B 276 11.67 11.99 23.34
CA THR B 276 11.29 10.71 22.76
C THR B 276 12.28 10.36 21.66
N LYS B 277 12.91 9.19 21.78
CA LYS B 277 13.80 8.69 20.73
C LYS B 277 13.66 7.17 20.65
N SER B 278 13.19 6.69 19.50
CA SER B 278 13.15 5.28 19.16
C SER B 278 14.04 5.05 17.94
N LYS B 279 14.95 4.09 18.04
CA LYS B 279 15.94 3.84 17.00
C LYS B 279 15.97 2.37 16.65
N ALA B 280 15.92 2.05 15.36
CA ALA B 280 15.89 0.69 14.86
C ALA B 280 17.28 0.24 14.43
N LYS B 281 17.52 -1.07 14.54
CA LYS B 281 18.80 -1.66 14.18
C LYS B 281 18.57 -2.92 13.35
N ASP B 282 19.56 -3.25 12.53
CA ASP B 282 19.53 -4.42 11.65
C ASP B 282 18.47 -4.30 10.56
N VAL B 283 18.13 -3.07 10.16
CA VAL B 283 17.19 -2.87 9.07
C VAL B 283 17.85 -3.28 7.76
N GLU B 284 17.18 -4.15 7.01
CA GLU B 284 17.77 -4.71 5.80
C GLU B 284 18.14 -3.61 4.81
N GLY B 285 19.43 -3.48 4.52
CA GLY B 285 19.89 -2.55 3.52
C GLY B 285 20.27 -1.18 4.02
N ILE B 286 19.91 -0.82 5.24
CA ILE B 286 20.14 0.50 5.78
C ILE B 286 20.92 0.44 7.07
N GLY B 287 20.71 -0.60 7.86
CA GLY B 287 21.41 -0.80 9.13
C GLY B 287 20.68 -0.13 10.30
N ASP B 288 21.25 0.96 10.81
CA ASP B 288 20.66 1.69 11.92
C ASP B 288 19.98 2.96 11.41
N VAL B 289 18.78 3.22 11.94
CA VAL B 289 18.01 4.41 11.58
C VAL B 289 17.23 4.87 12.79
N ASP B 290 16.90 6.16 12.80
CA ASP B 290 16.07 6.74 13.84
C ASP B 290 14.62 6.74 13.37
N LEU B 291 13.75 6.09 14.15
CA LEU B 291 12.33 6.06 13.83
C LEU B 291 11.60 7.26 14.43
N VAL B 292 11.90 7.60 15.68
CA VAL B 292 11.33 8.76 16.35
C VAL B 292 12.46 9.46 17.08
N ASN B 293 12.40 10.79 17.09
CA ASN B 293 13.44 11.58 17.75
C ASN B 293 13.00 13.04 17.82
N TYR B 294 12.65 13.52 19.00
CA TYR B 294 12.15 14.87 19.14
C TYR B 294 12.14 15.26 20.62
N PHE B 295 12.04 16.56 20.85
CA PHE B 295 11.69 17.12 22.15
C PHE B 295 10.28 17.71 22.04
N GLU B 296 9.60 17.81 23.17
CA GLU B 296 8.22 18.27 23.20
C GLU B 296 8.10 19.38 24.23
N VAL B 297 7.46 20.48 23.82
CA VAL B 297 7.10 21.58 24.71
C VAL B 297 5.62 21.84 24.53
N GLY B 298 4.84 21.62 25.59
CA GLY B 298 3.40 21.75 25.50
C GLY B 298 2.81 22.17 26.83
N ALA B 299 1.61 22.73 26.76
CA ALA B 299 0.89 23.20 27.92
C ALA B 299 -0.59 22.92 27.72
N THR B 300 -1.26 22.51 28.81
CA THR B 300 -2.69 22.25 28.81
C THR B 300 -3.30 23.04 29.95
N TYR B 301 -4.28 23.88 29.64
CA TYR B 301 -5.01 24.65 30.65
C TYR B 301 -6.34 23.95 30.90
N TYR B 302 -6.50 23.39 32.10
CA TYR B 302 -7.75 22.74 32.50
C TYR B 302 -8.66 23.79 33.11
N PHE B 303 -9.68 24.21 32.36
CA PHE B 303 -10.71 25.06 32.95
C PHE B 303 -11.39 24.33 34.11
N ASN B 304 -11.68 23.05 33.92
CA ASN B 304 -12.28 22.20 34.95
C ASN B 304 -12.24 20.76 34.45
N LYS B 305 -12.94 19.87 35.15
CA LYS B 305 -12.92 18.47 34.78
C LYS B 305 -13.55 18.19 33.42
N ASN B 306 -14.32 19.13 32.89
CA ASN B 306 -15.07 18.91 31.67
C ASN B 306 -14.57 19.69 30.46
N MET B 307 -13.80 20.76 30.65
CA MET B 307 -13.34 21.59 29.55
C MET B 307 -11.85 21.83 29.69
N SER B 308 -11.16 21.88 28.55
CA SER B 308 -9.72 22.06 28.54
C SER B 308 -9.29 22.62 27.19
N THR B 309 -8.11 23.21 27.16
CA THR B 309 -7.48 23.70 25.93
C THR B 309 -5.99 23.45 26.06
N TYR B 310 -5.35 23.04 24.96
CA TYR B 310 -3.94 22.69 25.00
C TYR B 310 -3.25 23.09 23.71
N VAL B 311 -1.93 23.25 23.82
CA VAL B 311 -1.04 23.51 22.69
C VAL B 311 0.18 22.60 22.85
N ASP B 312 0.53 21.89 21.78
CA ASP B 312 1.60 20.90 21.82
C ASP B 312 2.54 21.15 20.66
N TYR B 313 3.80 21.46 20.97
CA TYR B 313 4.84 21.74 19.99
C TYR B 313 5.83 20.59 20.02
N ILE B 314 6.06 19.96 18.86
CA ILE B 314 7.00 18.87 18.71
C ILE B 314 8.20 19.41 17.94
N ILE B 315 9.33 19.55 18.63
CA ILE B 315 10.58 19.96 18.00
C ILE B 315 11.25 18.69 17.48
N ASN B 316 11.16 18.49 16.17
CA ASN B 316 11.59 17.23 15.55
C ASN B 316 13.09 17.26 15.26
N GLN B 317 13.80 16.25 15.75
CA GLN B 317 15.24 16.12 15.57
C GLN B 317 15.61 15.20 14.41
N ILE B 318 14.64 14.52 13.79
CA ILE B 318 14.94 13.61 12.71
C ILE B 318 15.73 14.32 11.61
N ASP B 319 16.68 13.59 11.01
CA ASP B 319 17.54 14.16 9.98
C ASP B 319 16.76 14.40 8.70
N SER B 320 17.11 15.49 8.02
CA SER B 320 16.47 15.79 6.73
C SER B 320 16.86 14.78 5.66
N ASP B 321 17.98 14.09 5.83
CA ASP B 321 18.43 13.04 4.91
C ASP B 321 18.24 11.65 5.51
N ASN B 322 17.15 11.47 6.25
CA ASN B 322 16.90 10.18 6.89
C ASN B 322 16.78 9.08 5.84
N LYS B 323 17.45 7.96 6.10
CA LYS B 323 17.56 6.88 5.12
C LYS B 323 16.27 6.10 4.93
N LEU B 324 15.22 6.37 5.70
CA LEU B 324 13.92 5.74 5.49
C LEU B 324 12.84 6.72 5.08
N GLY B 325 13.16 8.02 4.96
CA GLY B 325 12.16 9.00 4.61
C GLY B 325 11.28 9.44 5.74
N VAL B 326 11.71 9.24 6.99
CA VAL B 326 10.90 9.66 8.14
C VAL B 326 10.78 11.18 8.12
N GLY B 327 9.60 11.68 8.48
CA GLY B 327 9.38 13.11 8.48
C GLY B 327 10.38 13.83 9.36
N SER B 328 10.75 15.04 8.94
CA SER B 328 11.74 15.83 9.65
C SER B 328 11.26 17.22 10.06
N ASP B 329 10.06 17.64 9.65
CA ASP B 329 9.56 18.95 9.99
C ASP B 329 8.88 18.93 11.36
N ASP B 330 8.75 20.12 11.95
CA ASP B 330 8.07 20.26 13.22
C ASP B 330 6.56 20.26 13.02
N THR B 331 5.83 20.23 14.13
CA THR B 331 4.37 20.27 14.10
C THR B 331 3.85 20.82 15.41
N VAL B 332 2.86 21.70 15.32
CA VAL B 332 2.23 22.32 16.48
C VAL B 332 0.73 22.04 16.41
N ALA B 333 0.20 21.37 17.43
CA ALA B 333 -1.22 21.09 17.55
C ALA B 333 -1.87 22.09 18.50
N VAL B 334 -3.05 22.57 18.13
CA VAL B 334 -3.82 23.50 18.94
C VAL B 334 -5.22 22.92 19.09
N GLY B 335 -5.67 22.73 20.32
CA GLY B 335 -6.91 22.01 20.57
C GLY B 335 -7.74 22.67 21.64
N ILE B 336 -9.06 22.54 21.47
CA ILE B 336 -10.04 22.92 22.48
C ILE B 336 -10.94 21.70 22.69
N VAL B 337 -11.07 21.27 23.94
CA VAL B 337 -11.66 19.98 24.25
C VAL B 337 -12.80 20.17 25.24
N TYR B 338 -13.97 19.68 24.87
CA TYR B 338 -15.05 19.44 25.82
C TYR B 338 -15.18 17.94 26.04
N GLN B 339 -15.43 17.55 27.29
CA GLN B 339 -15.57 16.13 27.60
C GLN B 339 -16.52 15.98 28.78
N PHE B 340 -17.17 14.81 28.82
CA PHE B 340 -18.14 14.50 29.87
C PHE B 340 -18.08 13.02 30.26
N ALA C 1 30.56 -16.62 -25.30
CA ALA C 1 30.69 -16.56 -26.79
C ALA C 1 31.57 -15.38 -27.20
N GLU C 2 32.64 -15.68 -27.94
CA GLU C 2 33.56 -14.65 -28.40
C GLU C 2 32.89 -13.82 -29.50
N ILE C 3 32.71 -12.52 -29.23
CA ILE C 3 32.00 -11.64 -30.14
C ILE C 3 32.90 -10.61 -30.81
N TYR C 4 34.16 -10.49 -30.38
CA TYR C 4 35.08 -9.51 -30.93
C TYR C 4 36.49 -10.06 -30.85
N ASN C 5 37.28 -9.82 -31.90
CA ASN C 5 38.68 -10.24 -31.91
C ASN C 5 39.40 -9.47 -33.02
N LYS C 6 39.99 -8.34 -32.63
CA LYS C 6 40.72 -7.49 -33.57
C LYS C 6 41.86 -6.82 -32.83
N ASP C 7 43.03 -6.78 -33.48
CA ASP C 7 44.20 -6.13 -32.91
C ASP C 7 44.56 -6.73 -31.54
N GLY C 8 44.45 -8.05 -31.43
CA GLY C 8 44.85 -8.73 -30.22
C GLY C 8 44.01 -8.44 -29.01
N ASN C 9 42.75 -8.04 -29.19
CA ASN C 9 41.83 -7.81 -28.08
C ASN C 9 40.55 -8.59 -28.37
N LYS C 10 40.32 -9.65 -27.58
CA LYS C 10 39.13 -10.47 -27.72
C LYS C 10 38.22 -10.29 -26.51
N VAL C 11 36.91 -10.31 -26.75
CA VAL C 11 35.90 -10.09 -25.73
C VAL C 11 34.92 -11.25 -25.81
N ASP C 12 34.79 -12.00 -24.72
CA ASP C 12 33.86 -13.12 -24.62
C ASP C 12 32.65 -12.67 -23.82
N LEU C 13 31.53 -12.46 -24.50
CA LEU C 13 30.26 -12.15 -23.84
C LEU C 13 29.52 -13.46 -23.63
N TYR C 14 29.39 -13.86 -22.38
CA TYR C 14 28.81 -15.14 -22.02
C TYR C 14 27.62 -14.95 -21.10
N GLY C 15 26.68 -15.88 -21.17
CA GLY C 15 25.49 -15.83 -20.35
C GLY C 15 24.80 -17.18 -20.33
N LYS C 16 23.68 -17.23 -19.62
CA LYS C 16 22.88 -18.44 -19.56
C LYS C 16 21.52 -18.10 -18.97
N ALA C 17 20.52 -18.88 -19.36
CA ALA C 17 19.16 -18.77 -18.83
C ALA C 17 18.76 -20.13 -18.29
N VAL C 18 18.53 -20.20 -16.98
CA VAL C 18 18.29 -21.46 -16.28
C VAL C 18 16.86 -21.46 -15.76
N GLY C 19 15.99 -22.24 -16.39
CA GLY C 19 14.69 -22.51 -15.85
C GLY C 19 14.79 -23.58 -14.78
N LEU C 20 14.44 -23.24 -13.55
CA LEU C 20 14.77 -24.07 -12.39
C LEU C 20 13.58 -24.13 -11.44
N HIS C 21 13.33 -25.31 -10.88
CA HIS C 21 12.29 -25.51 -9.89
C HIS C 21 12.82 -26.38 -8.75
N TYR C 22 12.56 -25.95 -7.52
CA TYR C 22 12.87 -26.73 -6.34
C TYR C 22 11.59 -27.39 -5.83
N PHE C 23 11.72 -28.64 -5.36
CA PHE C 23 10.61 -29.39 -4.80
C PHE C 23 10.95 -29.79 -3.38
N SER C 24 10.13 -29.36 -2.43
CA SER C 24 10.26 -29.77 -1.03
C SER C 24 8.86 -29.93 -0.44
N LYS C 25 8.76 -30.77 0.58
CA LYS C 25 7.47 -31.09 1.17
C LYS C 25 6.95 -29.92 1.99
N GLY C 26 5.64 -29.67 1.88
CA GLY C 26 5.06 -28.56 2.58
C GLY C 26 5.48 -27.24 1.97
N ASN C 27 5.46 -26.18 2.79
CA ASN C 27 5.92 -24.89 2.33
C ASN C 27 7.41 -24.86 2.05
N GLY C 28 8.16 -25.83 2.56
CA GLY C 28 9.59 -25.88 2.35
C GLY C 28 10.41 -25.06 3.31
N GLU C 29 9.78 -24.49 4.34
CA GLU C 29 10.52 -23.66 5.28
C GLU C 29 11.54 -24.46 6.08
N ASN C 30 11.29 -25.75 6.28
CA ASN C 30 12.18 -26.62 7.04
C ASN C 30 13.05 -27.49 6.13
N SER C 31 13.27 -27.08 4.89
CA SER C 31 14.00 -27.88 3.92
C SER C 31 15.40 -27.30 3.70
N TYR C 32 16.17 -28.00 2.87
CA TYR C 32 17.55 -27.62 2.59
C TYR C 32 17.62 -26.48 1.59
N GLY C 33 16.82 -26.54 0.54
CA GLY C 33 16.89 -25.55 -0.53
C GLY C 33 15.66 -24.67 -0.63
N GLY C 34 14.51 -25.19 -0.22
CA GLY C 34 13.26 -24.49 -0.32
C GLY C 34 12.30 -25.16 -1.29
N ASN C 35 11.29 -24.40 -1.72
CA ASN C 35 10.27 -24.90 -2.62
C ASN C 35 9.71 -23.75 -3.43
N GLY C 36 9.57 -23.97 -4.74
CA GLY C 36 8.96 -23.02 -5.65
C GLY C 36 9.86 -22.75 -6.84
N ASP C 37 9.59 -21.64 -7.52
CA ASP C 37 10.37 -21.26 -8.70
C ASP C 37 11.73 -20.72 -8.28
N MET C 38 12.76 -21.08 -9.05
CA MET C 38 14.11 -20.60 -8.80
C MET C 38 14.80 -20.16 -10.09
N THR C 39 14.04 -19.94 -11.15
CA THR C 39 14.63 -19.53 -12.43
C THR C 39 15.54 -18.33 -12.24
N TYR C 40 16.65 -18.31 -12.96
CA TYR C 40 17.58 -17.21 -12.92
C TYR C 40 18.34 -17.14 -14.24
N ALA C 41 19.07 -16.04 -14.42
CA ALA C 41 19.86 -15.80 -15.62
C ALA C 41 21.17 -15.14 -15.23
N ARG C 42 22.20 -15.37 -16.04
CA ARG C 42 23.52 -14.83 -15.79
C ARG C 42 24.02 -14.13 -17.04
N LEU C 43 24.70 -13.00 -16.85
CA LEU C 43 25.34 -12.26 -17.93
C LEU C 43 26.72 -11.82 -17.47
N GLY C 44 27.64 -11.68 -18.42
CA GLY C 44 28.97 -11.24 -18.08
C GLY C 44 29.85 -11.22 -19.32
N PHE C 45 31.05 -10.67 -19.14
CA PHE C 45 32.04 -10.61 -20.22
C PHE C 45 33.43 -10.89 -19.68
N LYS C 46 34.24 -11.55 -20.50
CA LYS C 46 35.64 -11.81 -20.20
C LYS C 46 36.48 -11.20 -21.31
N GLY C 47 37.33 -10.24 -20.96
CA GLY C 47 38.16 -9.53 -21.93
C GLY C 47 39.63 -9.86 -21.73
N GLU C 48 40.36 -9.92 -22.86
CA GLU C 48 41.78 -10.25 -22.84
C GLU C 48 42.46 -9.45 -23.96
N THR C 49 43.56 -8.79 -23.61
CA THR C 49 44.29 -7.95 -24.55
C THR C 49 45.77 -8.30 -24.50
N GLN C 50 46.39 -8.40 -25.69
CA GLN C 50 47.81 -8.68 -25.81
C GLN C 50 48.56 -7.36 -25.84
N ILE C 51 49.10 -6.95 -24.69
CA ILE C 51 49.81 -5.68 -24.63
C ILE C 51 51.14 -5.76 -25.38
N ASN C 52 51.86 -6.85 -25.20
CA ASN C 52 53.10 -7.08 -25.95
C ASN C 52 53.43 -8.57 -25.89
N SER C 53 54.66 -8.92 -26.29
CA SER C 53 55.03 -10.32 -26.43
C SER C 53 54.83 -11.08 -25.13
N ASP C 54 55.08 -10.44 -23.99
CA ASP C 54 54.99 -11.08 -22.68
C ASP C 54 53.81 -10.60 -21.87
N LEU C 55 53.55 -9.29 -21.86
CA LEU C 55 52.51 -8.73 -21.02
C LEU C 55 51.13 -8.99 -21.61
N THR C 56 50.20 -9.34 -20.72
CA THR C 56 48.82 -9.63 -21.11
C THR C 56 47.89 -9.07 -20.04
N GLY C 57 46.89 -8.31 -20.47
CA GLY C 57 45.89 -7.75 -19.58
C GLY C 57 44.57 -8.48 -19.73
N TYR C 58 43.81 -8.53 -18.63
CA TYR C 58 42.52 -9.21 -18.65
C TYR C 58 41.60 -8.56 -17.63
N GLY C 59 40.30 -8.72 -17.86
CA GLY C 59 39.29 -8.22 -16.96
C GLY C 59 38.03 -9.04 -17.12
N GLN C 60 37.19 -9.02 -16.09
CA GLN C 60 35.99 -9.84 -16.09
C GLN C 60 34.91 -9.21 -15.23
N TRP C 61 33.66 -9.47 -15.61
CA TRP C 61 32.49 -8.99 -14.88
C TRP C 61 31.36 -10.00 -15.09
N GLU C 62 30.59 -10.24 -14.04
CA GLU C 62 29.50 -11.20 -14.09
C GLU C 62 28.38 -10.72 -13.18
N TYR C 63 27.14 -10.88 -13.65
CA TYR C 63 25.97 -10.42 -12.94
C TYR C 63 24.91 -11.52 -12.94
N ASN C 64 24.09 -11.53 -11.88
CA ASN C 64 23.05 -12.53 -11.71
C ASN C 64 21.70 -11.81 -11.65
N PHE C 65 20.89 -11.98 -12.69
CA PHE C 65 19.51 -11.53 -12.68
C PHE C 65 18.61 -12.70 -12.29
N GLN C 66 17.68 -12.46 -11.37
CA GLN C 66 16.73 -13.48 -10.95
C GLN C 66 15.49 -13.44 -11.84
N GLY C 67 14.88 -14.60 -12.01
CA GLY C 67 13.68 -14.71 -12.84
C GLY C 67 12.46 -15.08 -12.02
N ASN C 68 12.65 -15.38 -10.74
CA ASN C 68 11.55 -15.79 -9.86
C ASN C 68 10.94 -14.61 -9.11
N ASN C 69 11.24 -13.38 -9.49
CA ASN C 69 10.66 -12.20 -8.89
C ASN C 69 9.64 -11.56 -9.83
N SER C 70 8.68 -10.84 -9.25
CA SER C 70 7.67 -10.13 -10.00
C SER C 70 8.22 -8.79 -10.49
N GLU C 71 7.44 -8.15 -11.36
CA GLU C 71 7.78 -6.82 -11.85
C GLU C 71 7.40 -5.72 -10.86
N GLY C 72 6.93 -6.10 -9.67
CA GLY C 72 6.55 -5.13 -8.67
C GLY C 72 7.70 -4.67 -7.81
N ALA C 73 7.44 -4.50 -6.51
CA ALA C 73 8.43 -3.91 -5.62
C ALA C 73 9.61 -4.83 -5.32
N ASP C 74 9.50 -6.12 -5.60
CA ASP C 74 10.56 -7.08 -5.32
C ASP C 74 11.33 -7.49 -6.58
N ALA C 75 11.33 -6.65 -7.61
CA ALA C 75 11.96 -7.05 -8.87
C ALA C 75 13.47 -7.26 -8.71
N GLN C 76 14.10 -6.51 -7.82
CA GLN C 76 15.55 -6.57 -7.64
C GLN C 76 15.98 -7.59 -6.59
N THR C 77 15.04 -8.32 -5.99
CA THR C 77 15.37 -9.28 -4.95
C THR C 77 16.30 -10.37 -5.48
N GLY C 78 17.52 -10.41 -4.96
CA GLY C 78 18.47 -11.45 -5.32
C GLY C 78 19.42 -11.10 -6.43
N ASN C 79 19.23 -9.97 -7.10
CA ASN C 79 20.17 -9.54 -8.13
C ASN C 79 21.42 -8.99 -7.49
N LYS C 80 22.57 -9.24 -8.12
CA LYS C 80 23.86 -8.91 -7.54
C LYS C 80 24.93 -9.04 -8.61
N THR C 81 26.12 -8.52 -8.29
CA THR C 81 27.31 -8.69 -9.11
C THR C 81 28.20 -9.75 -8.45
N ARG C 82 28.45 -10.84 -9.16
CA ARG C 82 29.23 -11.94 -8.59
C ARG C 82 30.72 -11.64 -8.62
N LEU C 83 31.24 -11.23 -9.77
CA LEU C 83 32.66 -10.94 -9.93
C LEU C 83 32.83 -9.60 -10.64
N ALA C 84 33.97 -8.96 -10.37
CA ALA C 84 34.31 -7.69 -11.00
C ALA C 84 35.74 -7.33 -10.64
N PHE C 85 36.69 -7.65 -11.52
CA PHE C 85 38.09 -7.43 -11.23
C PHE C 85 38.84 -7.15 -12.53
N ALA C 86 40.10 -6.75 -12.38
CA ALA C 86 40.99 -6.52 -13.49
C ALA C 86 42.40 -6.88 -13.05
N GLY C 87 43.22 -7.29 -14.00
CA GLY C 87 44.56 -7.73 -13.65
C GLY C 87 45.47 -7.79 -14.85
N LEU C 88 46.74 -8.09 -14.56
CA LEU C 88 47.78 -8.17 -15.57
C LEU C 88 48.52 -9.49 -15.41
N LYS C 89 49.24 -9.86 -16.46
CA LYS C 89 49.98 -11.12 -16.48
C LYS C 89 51.29 -10.91 -17.21
N TYR C 90 52.36 -11.45 -16.63
CA TYR C 90 53.68 -11.43 -17.23
C TYR C 90 54.10 -12.87 -17.49
N ALA C 91 54.81 -13.09 -18.60
CA ALA C 91 55.13 -14.45 -19.03
C ALA C 91 55.93 -15.20 -17.97
N ASP C 92 55.28 -16.13 -17.27
CA ASP C 92 55.90 -17.01 -16.29
C ASP C 92 56.24 -16.31 -14.97
N VAL C 93 56.28 -14.97 -14.96
CA VAL C 93 56.52 -14.26 -13.71
C VAL C 93 55.30 -14.35 -12.80
N GLY C 94 54.10 -14.31 -13.38
CA GLY C 94 52.87 -14.45 -12.62
C GLY C 94 51.75 -13.53 -13.08
N SER C 95 50.63 -13.55 -12.36
CA SER C 95 49.47 -12.72 -12.69
C SER C 95 48.90 -12.09 -11.43
N PHE C 96 48.58 -10.79 -11.52
CA PHE C 96 48.04 -10.03 -10.41
C PHE C 96 46.69 -9.44 -10.81
N ASP C 97 45.66 -9.69 -10.00
CA ASP C 97 44.34 -9.15 -10.26
C ASP C 97 43.74 -8.63 -8.97
N TYR C 98 42.98 -7.53 -9.07
CA TYR C 98 42.33 -6.92 -7.93
C TYR C 98 40.88 -6.61 -8.26
N GLY C 99 40.03 -6.61 -7.23
CA GLY C 99 38.63 -6.34 -7.35
C GLY C 99 37.85 -7.35 -6.55
N ARG C 100 36.59 -7.54 -6.90
CA ARG C 100 35.80 -8.60 -6.28
C ARG C 100 36.07 -9.89 -7.03
N ASN C 101 36.66 -10.86 -6.34
CA ASN C 101 37.08 -12.12 -6.96
C ASN C 101 36.95 -13.22 -5.91
N TYR C 102 37.41 -14.42 -6.27
CA TYR C 102 37.30 -15.55 -5.36
C TYR C 102 38.42 -15.52 -4.33
N GLY C 103 38.10 -15.98 -3.12
CA GLY C 103 39.12 -16.14 -2.11
C GLY C 103 40.01 -17.33 -2.40
N VAL C 104 41.22 -17.29 -1.86
CA VAL C 104 42.21 -18.32 -2.19
C VAL C 104 41.77 -19.69 -1.69
N VAL C 105 41.09 -19.74 -0.55
CA VAL C 105 40.67 -21.04 -0.01
C VAL C 105 39.69 -21.75 -0.92
N TYR C 106 39.02 -21.00 -1.82
CA TYR C 106 38.15 -21.66 -2.79
C TYR C 106 38.94 -22.57 -3.72
N ASP C 107 40.22 -22.27 -3.95
CA ASP C 107 41.06 -23.16 -4.74
C ASP C 107 40.93 -24.60 -4.27
N ALA C 108 40.88 -24.81 -2.96
CA ALA C 108 40.68 -26.14 -2.41
C ALA C 108 39.22 -26.56 -2.51
N LEU C 109 38.30 -25.70 -2.07
CA LEU C 109 36.90 -26.09 -2.00
C LEU C 109 36.32 -26.38 -3.38
N GLY C 110 36.87 -25.76 -4.42
CA GLY C 110 36.39 -26.01 -5.77
C GLY C 110 36.48 -27.47 -6.18
N TYR C 111 37.38 -28.23 -5.57
CA TYR C 111 37.50 -29.65 -5.90
C TYR C 111 36.18 -30.37 -5.72
N THR C 112 35.38 -29.97 -4.73
CA THR C 112 34.15 -30.65 -4.38
C THR C 112 32.91 -29.83 -4.71
N ASP C 113 33.07 -28.75 -5.48
CA ASP C 113 31.96 -27.88 -5.88
C ASP C 113 31.56 -28.16 -7.32
N MET C 114 31.23 -29.42 -7.60
CA MET C 114 30.97 -29.86 -8.97
C MET C 114 29.54 -30.33 -9.19
N LEU C 115 28.67 -30.21 -8.21
CA LEU C 115 27.33 -30.76 -8.32
C LEU C 115 26.47 -29.92 -9.26
N PRO C 116 25.39 -30.48 -9.80
CA PRO C 116 24.60 -29.74 -10.78
C PRO C 116 23.99 -28.46 -10.25
N GLU C 117 23.45 -28.49 -9.03
CA GLU C 117 22.78 -27.32 -8.46
C GLU C 117 23.35 -26.99 -7.09
N PHE C 118 23.45 -28.00 -6.21
CA PHE C 118 23.86 -27.78 -4.83
C PHE C 118 25.37 -28.02 -4.71
N GLY C 119 25.85 -28.27 -3.49
CA GLY C 119 27.25 -28.58 -3.26
C GLY C 119 28.04 -27.36 -2.80
N GLY C 120 29.29 -27.62 -2.44
CA GLY C 120 30.17 -26.55 -1.98
C GLY C 120 29.56 -25.71 -0.89
N ASP C 121 28.94 -26.35 0.10
CA ASP C 121 28.23 -25.62 1.14
C ASP C 121 29.17 -24.78 2.01
N THR C 122 30.47 -25.08 2.00
CA THR C 122 31.43 -24.32 2.80
C THR C 122 31.94 -23.07 2.10
N ALA C 123 31.74 -22.95 0.79
CA ALA C 123 32.23 -21.79 0.03
C ALA C 123 31.24 -20.64 0.15
N TYR C 124 31.14 -20.10 1.36
CA TYR C 124 30.21 -19.02 1.63
C TYR C 124 30.66 -17.73 0.95
N SER C 125 29.71 -17.02 0.35
CA SER C 125 30.00 -15.72 -0.27
C SER C 125 30.20 -14.64 0.79
N ASP C 126 31.18 -13.77 0.55
CA ASP C 126 31.48 -12.67 1.47
C ASP C 126 31.83 -13.19 2.86
N ASP C 127 32.65 -14.24 2.91
CA ASP C 127 33.04 -14.90 4.15
C ASP C 127 34.55 -15.11 4.11
N PHE C 128 35.30 -14.01 4.15
CA PHE C 128 36.77 -14.04 4.17
C PHE C 128 37.24 -14.69 2.88
N PHE C 129 37.92 -15.83 2.91
CA PHE C 129 38.59 -16.38 1.73
C PHE C 129 37.93 -17.63 1.17
N VAL C 130 36.75 -18.02 1.67
CA VAL C 130 36.14 -19.28 1.22
C VAL C 130 35.17 -19.09 0.07
N GLY C 131 34.80 -17.85 -0.26
CA GLY C 131 33.89 -17.59 -1.35
C GLY C 131 34.17 -16.24 -1.98
N ARG C 132 33.32 -15.86 -2.93
CA ARG C 132 33.45 -14.57 -3.59
C ARG C 132 33.44 -13.45 -2.55
N VAL C 133 34.45 -12.58 -2.60
CA VAL C 133 34.61 -11.48 -1.66
C VAL C 133 35.06 -10.23 -2.41
N GLY C 134 34.96 -9.10 -1.73
CA GLY C 134 35.23 -7.80 -2.33
C GLY C 134 36.62 -7.27 -1.94
N GLY C 135 37.26 -6.65 -2.92
CA GLY C 135 38.53 -5.97 -2.69
C GLY C 135 39.65 -6.89 -2.28
N VAL C 136 39.94 -7.90 -3.10
CA VAL C 136 41.00 -8.86 -2.84
C VAL C 136 42.07 -8.70 -3.92
N ALA C 137 43.28 -8.35 -3.50
CA ALA C 137 44.43 -8.32 -4.39
C ALA C 137 45.07 -9.70 -4.38
N THR C 138 45.14 -10.33 -5.55
CA THR C 138 45.58 -11.72 -5.66
C THR C 138 46.72 -11.82 -6.67
N TYR C 139 47.86 -12.33 -6.20
CA TYR C 139 48.99 -12.66 -7.06
C TYR C 139 49.06 -14.18 -7.19
N ARG C 140 49.12 -14.66 -8.42
CA ARG C 140 49.10 -16.09 -8.70
C ARG C 140 50.22 -16.42 -9.68
N ASN C 141 50.88 -17.56 -9.45
CA ASN C 141 51.97 -18.02 -10.31
C ASN C 141 51.72 -19.47 -10.68
N SER C 142 51.94 -19.78 -11.96
CA SER C 142 51.70 -21.10 -12.49
C SER C 142 53.00 -21.76 -12.90
N ASN C 143 53.14 -23.05 -12.59
CA ASN C 143 54.27 -23.87 -12.98
C ASN C 143 55.59 -23.38 -12.37
N PHE C 144 55.51 -22.64 -11.27
CA PHE C 144 56.69 -22.14 -10.56
C PHE C 144 57.71 -21.57 -11.56
N PHE C 145 57.32 -20.49 -12.24
CA PHE C 145 58.17 -19.79 -13.18
C PHE C 145 58.61 -20.69 -14.33
N GLY C 146 57.79 -21.71 -14.63
CA GLY C 146 58.10 -22.63 -15.71
C GLY C 146 59.13 -23.69 -15.39
N LEU C 147 59.45 -23.91 -14.13
CA LEU C 147 60.46 -24.89 -13.74
C LEU C 147 59.88 -26.24 -13.37
N VAL C 148 58.68 -26.28 -12.80
CA VAL C 148 58.03 -27.52 -12.40
C VAL C 148 56.66 -27.55 -13.05
N ASP C 149 56.37 -28.61 -13.80
CA ASP C 149 55.09 -28.74 -14.49
C ASP C 149 54.02 -29.24 -13.52
N GLY C 150 52.97 -28.44 -13.34
CA GLY C 150 51.86 -28.80 -12.49
C GLY C 150 51.84 -28.12 -11.14
N LEU C 151 52.90 -27.40 -10.79
CA LEU C 151 53.01 -26.75 -9.49
C LEU C 151 52.56 -25.31 -9.59
N ASN C 152 51.50 -24.96 -8.85
CA ASN C 152 50.97 -23.60 -8.83
C ASN C 152 50.77 -23.15 -7.39
N PHE C 153 50.88 -21.83 -7.18
CA PHE C 153 50.65 -21.25 -5.88
C PHE C 153 50.06 -19.86 -6.04
N ALA C 154 49.50 -19.34 -4.95
CA ALA C 154 48.83 -18.05 -4.97
C ALA C 154 48.91 -17.42 -3.59
N VAL C 155 48.97 -16.08 -3.56
CA VAL C 155 48.94 -15.30 -2.33
C VAL C 155 47.98 -14.13 -2.53
N GLN C 156 47.17 -13.86 -1.49
CA GLN C 156 46.06 -12.92 -1.61
C GLN C 156 45.97 -12.08 -0.35
N TYR C 157 45.75 -10.78 -0.54
CA TYR C 157 45.53 -9.84 0.56
C TYR C 157 44.11 -9.30 0.48
N LEU C 158 43.36 -9.47 1.56
CA LEU C 158 41.97 -9.04 1.64
C LEU C 158 41.87 -7.79 2.49
N GLY C 159 41.39 -6.70 1.89
CA GLY C 159 41.22 -5.47 2.62
C GLY C 159 39.94 -5.47 3.45
N LYS C 160 39.91 -4.62 4.47
CA LYS C 160 38.76 -4.56 5.36
C LYS C 160 37.58 -3.89 4.66
N ASN C 161 36.38 -4.39 4.94
CA ASN C 161 35.14 -3.85 4.42
C ASN C 161 34.14 -3.75 5.58
N GLU C 162 33.96 -2.53 6.09
CA GLU C 162 33.02 -2.29 7.18
C GLU C 162 31.67 -1.99 6.56
N ARG C 163 30.86 -3.05 6.39
CA ARG C 163 29.55 -2.93 5.79
C ARG C 163 28.49 -2.77 6.89
N ASP C 164 27.25 -2.57 6.47
CA ASP C 164 26.15 -2.39 7.42
C ASP C 164 25.77 -3.67 8.14
N THR C 165 26.22 -4.83 7.65
CA THR C 165 25.89 -6.11 8.24
C THR C 165 27.15 -6.79 8.77
N ALA C 166 26.97 -7.59 9.82
CA ALA C 166 28.08 -8.39 10.34
C ALA C 166 28.39 -9.57 9.43
N ARG C 167 27.37 -10.12 8.75
CA ARG C 167 27.58 -11.28 7.88
C ARG C 167 28.48 -10.94 6.70
N ARG C 168 28.28 -9.76 6.09
CA ARG C 168 28.96 -9.41 4.85
C ARG C 168 30.20 -8.54 5.09
N SER C 169 30.62 -8.38 6.34
CA SER C 169 31.78 -7.58 6.67
C SER C 169 33.02 -8.46 6.86
N ASN C 170 34.18 -7.81 6.91
CA ASN C 170 35.44 -8.50 7.13
C ASN C 170 36.53 -7.45 7.38
N GLY C 171 37.61 -7.90 8.01
CA GLY C 171 38.77 -7.07 8.27
C GLY C 171 39.90 -7.35 7.30
N ASP C 172 41.09 -6.91 7.69
CA ASP C 172 42.30 -7.16 6.92
C ASP C 172 42.80 -8.58 7.17
N GLY C 173 43.39 -9.18 6.14
CA GLY C 173 43.86 -10.56 6.25
C GLY C 173 44.77 -10.91 5.10
N VAL C 174 45.38 -12.09 5.23
CA VAL C 174 46.26 -12.64 4.20
C VAL C 174 45.97 -14.12 4.06
N GLY C 175 46.22 -14.66 2.87
CA GLY C 175 45.99 -16.07 2.62
C GLY C 175 46.81 -16.54 1.44
N GLY C 176 46.84 -17.86 1.26
CA GLY C 176 47.62 -18.45 0.19
C GLY C 176 47.12 -19.84 -0.14
N SER C 177 47.66 -20.40 -1.22
CA SER C 177 47.27 -21.71 -1.69
C SER C 177 48.40 -22.32 -2.49
N ILE C 178 48.48 -23.64 -2.45
CA ILE C 178 49.45 -24.41 -3.22
C ILE C 178 48.73 -25.59 -3.86
N SER C 179 49.14 -25.95 -5.06
CA SER C 179 48.46 -27.01 -5.81
C SER C 179 49.46 -27.73 -6.70
N TYR C 180 49.29 -29.05 -6.83
CA TYR C 180 50.11 -29.86 -7.72
C TYR C 180 49.22 -30.83 -8.48
N GLU C 181 49.47 -30.96 -9.78
CA GLU C 181 48.71 -31.88 -10.64
C GLU C 181 49.66 -32.73 -11.46
N TYR C 182 49.44 -34.04 -11.45
CA TYR C 182 50.23 -34.98 -12.24
C TYR C 182 49.30 -36.10 -12.70
N GLU C 183 49.24 -36.30 -14.02
CA GLU C 183 48.49 -37.40 -14.64
C GLU C 183 47.08 -37.52 -14.04
N GLY C 184 46.35 -36.41 -14.10
CA GLY C 184 44.97 -36.38 -13.65
C GLY C 184 44.79 -36.30 -12.14
N PHE C 185 45.81 -36.60 -11.36
CA PHE C 185 45.72 -36.50 -9.91
C PHE C 185 46.06 -35.07 -9.48
N GLY C 186 45.41 -34.63 -8.42
CA GLY C 186 45.62 -33.28 -7.93
C GLY C 186 45.52 -33.17 -6.42
N ILE C 187 46.48 -32.45 -5.82
CA ILE C 187 46.50 -32.18 -4.40
C ILE C 187 46.58 -30.68 -4.20
N VAL C 188 45.85 -30.16 -3.20
CA VAL C 188 45.73 -28.73 -3.00
C VAL C 188 45.64 -28.45 -1.50
N GLY C 189 46.27 -27.36 -1.09
CA GLY C 189 46.13 -26.86 0.26
C GLY C 189 46.05 -25.34 0.24
N ALA C 190 45.25 -24.81 1.15
CA ALA C 190 45.02 -23.37 1.22
C ALA C 190 44.72 -22.95 2.64
N TYR C 191 45.21 -21.77 3.02
CA TYR C 191 45.04 -21.25 4.36
C TYR C 191 44.87 -19.74 4.28
N GLY C 192 44.10 -19.19 5.22
CA GLY C 192 43.89 -17.76 5.30
C GLY C 192 43.47 -17.29 6.67
N ALA C 193 44.02 -16.15 7.11
CA ALA C 193 43.68 -15.55 8.38
C ALA C 193 43.36 -14.07 8.16
N ALA C 194 42.55 -13.51 9.06
CA ALA C 194 42.13 -12.12 8.93
C ALA C 194 41.60 -11.63 10.26
N ASP C 195 41.60 -10.31 10.41
CA ASP C 195 41.03 -9.67 11.58
C ASP C 195 39.50 -9.68 11.50
N ARG C 196 38.87 -9.31 12.61
CA ARG C 196 37.42 -9.23 12.71
C ARG C 196 37.01 -7.83 13.16
N THR C 197 35.91 -7.34 12.59
CA THR C 197 35.45 -6.00 12.92
C THR C 197 34.83 -5.97 14.31
N ASN C 198 34.79 -4.77 14.89
CA ASN C 198 34.15 -4.61 16.20
C ASN C 198 32.71 -5.13 16.17
N LEU C 199 31.98 -4.81 15.10
CA LEU C 199 30.62 -5.31 14.95
C LEU C 199 30.58 -6.84 14.94
N GLN C 200 31.59 -7.47 14.34
CA GLN C 200 31.61 -8.93 14.26
C GLN C 200 31.79 -9.55 15.65
N GLU C 201 32.60 -8.93 16.51
CA GLU C 201 32.80 -9.47 17.85
C GLU C 201 31.57 -9.28 18.72
N ALA C 202 30.83 -8.19 18.52
CA ALA C 202 29.66 -7.90 19.35
C ALA C 202 28.54 -8.92 19.18
N GLN C 203 28.63 -9.82 18.19
CA GLN C 203 27.57 -10.78 17.98
C GLN C 203 27.59 -11.86 19.06
N PRO C 204 26.43 -12.42 19.41
CA PRO C 204 26.41 -13.41 20.50
C PRO C 204 27.15 -14.69 20.15
N LEU C 205 27.13 -15.10 18.89
CA LEU C 205 27.77 -16.34 18.46
C LEU C 205 29.14 -16.05 17.88
N GLY C 206 30.16 -16.72 18.39
CA GLY C 206 31.53 -16.51 17.99
C GLY C 206 32.29 -15.66 18.99
N ASN C 207 33.57 -15.94 19.13
CA ASN C 207 34.41 -15.18 20.04
C ASN C 207 35.85 -15.22 19.56
N GLY C 208 36.52 -14.08 19.64
CA GLY C 208 37.90 -13.96 19.19
C GLY C 208 38.13 -12.75 18.32
N LYS C 209 39.39 -12.40 18.11
CA LYS C 209 39.78 -11.26 17.28
C LYS C 209 40.37 -11.70 15.95
N LYS C 210 40.43 -13.00 15.68
CA LYS C 210 40.98 -13.53 14.44
C LYS C 210 40.04 -14.53 13.82
N ALA C 211 39.94 -14.49 12.49
CA ALA C 211 39.21 -15.48 11.71
C ALA C 211 40.22 -16.33 10.97
N GLU C 212 39.98 -17.63 10.91
CA GLU C 212 40.93 -18.56 10.31
C GLU C 212 40.18 -19.58 9.47
N GLN C 213 40.71 -19.85 8.28
CA GLN C 213 40.13 -20.82 7.36
C GLN C 213 41.24 -21.57 6.66
N TRP C 214 41.14 -22.90 6.59
CA TRP C 214 42.07 -23.69 5.81
C TRP C 214 41.36 -24.95 5.33
N ALA C 215 41.80 -25.44 4.16
CA ALA C 215 41.19 -26.59 3.54
C ALA C 215 42.21 -27.29 2.67
N THR C 216 41.97 -28.57 2.42
CA THR C 216 42.85 -29.41 1.60
C THR C 216 41.99 -30.29 0.72
N GLY C 217 42.44 -30.53 -0.50
CA GLY C 217 41.66 -31.26 -1.47
C GLY C 217 42.51 -32.23 -2.26
N LEU C 218 41.88 -33.34 -2.65
CA LEU C 218 42.52 -34.37 -3.47
C LEU C 218 41.51 -34.83 -4.51
N LYS C 219 41.94 -34.87 -5.78
CA LYS C 219 41.06 -35.22 -6.88
C LYS C 219 41.78 -36.09 -7.89
N TYR C 220 41.01 -36.88 -8.62
CA TYR C 220 41.47 -37.55 -9.83
C TYR C 220 40.48 -37.24 -10.94
N ASP C 221 40.97 -36.69 -12.05
CA ASP C 221 40.12 -36.21 -13.14
C ASP C 221 40.69 -36.73 -14.46
N ALA C 222 40.14 -37.83 -14.96
CA ALA C 222 40.57 -38.41 -16.21
C ALA C 222 39.74 -39.66 -16.49
N ASN C 223 39.75 -40.09 -17.76
CA ASN C 223 39.08 -41.32 -18.19
C ASN C 223 37.60 -41.31 -17.82
N ASN C 224 36.96 -40.15 -17.99
CA ASN C 224 35.54 -39.92 -17.75
C ASN C 224 35.14 -40.02 -16.29
N ILE C 225 36.10 -40.13 -15.37
CA ILE C 225 35.82 -40.23 -13.95
C ILE C 225 36.34 -38.98 -13.26
N TYR C 226 35.59 -38.50 -12.27
CA TYR C 226 36.01 -37.39 -11.42
C TYR C 226 35.69 -37.75 -9.98
N LEU C 227 36.73 -38.01 -9.19
CA LEU C 227 36.60 -38.24 -7.76
C LEU C 227 37.33 -37.12 -7.03
N ALA C 228 36.74 -36.65 -5.94
CA ALA C 228 37.32 -35.53 -5.20
C ALA C 228 36.94 -35.62 -3.73
N ALA C 229 37.88 -35.20 -2.87
CA ALA C 229 37.67 -35.17 -1.43
C ALA C 229 38.24 -33.89 -0.87
N ASN C 230 37.52 -33.27 0.05
CA ASN C 230 37.94 -32.02 0.68
C ASN C 230 37.76 -32.13 2.19
N TYR C 231 38.77 -31.70 2.94
CA TYR C 231 38.68 -31.54 4.38
C TYR C 231 39.14 -30.13 4.74
N GLY C 232 38.35 -29.44 5.57
CA GLY C 232 38.69 -28.09 5.97
C GLY C 232 38.19 -27.77 7.36
N GLU C 233 38.86 -26.80 7.99
CA GLU C 233 38.52 -26.34 9.33
C GLU C 233 38.50 -24.81 9.36
N THR C 234 37.52 -24.26 10.06
CA THR C 234 37.37 -22.81 10.19
C THR C 234 37.26 -22.44 11.66
N ARG C 235 37.80 -21.27 12.00
CA ARG C 235 37.74 -20.74 13.36
C ARG C 235 37.21 -19.32 13.32
N ASN C 236 36.04 -19.10 13.93
CA ASN C 236 35.42 -17.78 14.01
C ASN C 236 35.16 -17.20 12.63
N ALA C 237 34.80 -18.06 11.67
CA ALA C 237 34.64 -17.59 10.29
C ALA C 237 33.36 -18.10 9.62
N THR C 238 32.87 -19.26 10.02
CA THR C 238 31.69 -19.83 9.37
C THR C 238 30.42 -19.19 9.90
N PRO C 239 29.55 -18.65 9.04
CA PRO C 239 28.32 -18.03 9.53
C PRO C 239 27.34 -19.07 10.04
N ILE C 240 26.65 -18.73 11.12
CA ILE C 240 25.71 -19.62 11.78
C ILE C 240 24.49 -18.80 12.17
N THR C 241 23.32 -19.46 12.16
CA THR C 241 22.07 -18.80 12.54
C THR C 241 21.28 -19.73 13.46
N ASN C 242 21.00 -19.26 14.67
CA ASN C 242 20.11 -19.95 15.60
C ASN C 242 18.69 -19.41 15.37
N LYS C 243 17.81 -20.23 14.81
CA LYS C 243 16.47 -19.78 14.47
C LYS C 243 15.55 -19.70 15.67
N PHE C 244 15.88 -20.40 16.77
CA PHE C 244 14.99 -20.44 17.92
C PHE C 244 15.07 -19.17 18.76
N THR C 245 16.26 -18.59 18.91
CA THR C 245 16.44 -17.35 19.64
C THR C 245 16.63 -16.14 18.74
N ASN C 246 16.57 -16.33 17.42
CA ASN C 246 16.78 -15.25 16.46
C ASN C 246 18.09 -14.52 16.76
N THR C 247 19.18 -15.29 16.73
CA THR C 247 20.53 -14.76 16.86
C THR C 247 21.40 -15.34 15.77
N SER C 248 22.39 -14.56 15.33
CA SER C 248 23.28 -14.95 14.25
C SER C 248 24.70 -14.61 14.65
N GLY C 249 25.65 -15.16 13.90
CA GLY C 249 27.06 -14.91 14.17
C GLY C 249 27.95 -15.92 13.47
N PHE C 250 28.99 -16.39 14.15
CA PHE C 250 29.91 -17.34 13.55
C PHE C 250 30.25 -18.43 14.55
N ALA C 251 30.55 -19.62 14.02
CA ALA C 251 30.95 -20.76 14.83
C ALA C 251 32.40 -20.60 15.26
N ASN C 252 32.67 -20.82 16.54
CA ASN C 252 34.04 -20.70 17.03
C ASN C 252 34.95 -21.72 16.35
N LYS C 253 34.41 -22.85 15.91
CA LYS C 253 35.19 -23.85 15.21
C LYS C 253 34.24 -24.73 14.39
N THR C 254 34.72 -25.16 13.22
CA THR C 254 33.95 -26.04 12.35
C THR C 254 34.89 -27.01 11.65
N GLN C 255 34.42 -28.24 11.49
CA GLN C 255 35.14 -29.29 10.74
C GLN C 255 34.29 -29.70 9.56
N ASP C 256 34.86 -29.59 8.35
CA ASP C 256 34.12 -29.76 7.11
C ASP C 256 34.71 -30.89 6.28
N VAL C 257 33.84 -31.76 5.76
CA VAL C 257 34.24 -32.90 4.93
C VAL C 257 33.35 -32.91 3.68
N LEU C 258 33.98 -33.01 2.52
CA LEU C 258 33.28 -32.99 1.23
C LEU C 258 33.79 -34.14 0.36
N LEU C 259 32.86 -34.84 -0.30
CA LEU C 259 33.18 -35.95 -1.17
C LEU C 259 32.35 -35.87 -2.44
N VAL C 260 32.96 -36.20 -3.58
CA VAL C 260 32.30 -36.13 -4.87
C VAL C 260 32.78 -37.28 -5.75
N ALA C 261 31.83 -37.96 -6.40
CA ALA C 261 32.12 -38.98 -7.41
C ALA C 261 31.24 -38.72 -8.62
N GLN C 262 31.82 -38.77 -9.81
CA GLN C 262 31.08 -38.45 -11.03
C GLN C 262 31.63 -39.24 -12.21
N TYR C 263 30.75 -39.65 -13.11
CA TYR C 263 31.11 -40.30 -14.37
C TYR C 263 30.48 -39.54 -15.52
N GLN C 264 31.15 -39.58 -16.68
CA GLN C 264 30.69 -38.87 -17.88
C GLN C 264 30.55 -39.89 -19.00
N PHE C 265 29.32 -40.15 -19.42
CA PHE C 265 29.06 -41.06 -20.52
C PHE C 265 29.34 -40.36 -21.86
N ASP C 266 29.63 -41.17 -22.88
CA ASP C 266 29.96 -40.61 -24.18
C ASP C 266 28.80 -39.82 -24.78
N PHE C 267 27.57 -40.26 -24.52
CA PHE C 267 26.40 -39.63 -25.13
C PHE C 267 25.85 -38.48 -24.30
N GLY C 268 26.44 -38.18 -23.14
CA GLY C 268 26.11 -36.98 -22.42
C GLY C 268 25.73 -37.17 -20.96
N LEU C 269 24.92 -38.19 -20.68
CA LEU C 269 24.40 -38.38 -19.33
C LEU C 269 25.56 -38.52 -18.34
N ARG C 270 25.52 -37.72 -17.28
CA ARG C 270 26.59 -37.68 -16.29
C ARG C 270 26.04 -37.95 -14.89
N PRO C 271 26.13 -39.19 -14.39
CA PRO C 271 25.70 -39.45 -13.01
C PRO C 271 26.64 -38.79 -12.01
N SER C 272 26.07 -38.39 -10.87
CA SER C 272 26.82 -37.70 -9.83
C SER C 272 26.34 -38.15 -8.46
N ILE C 273 27.28 -38.46 -7.57
CA ILE C 273 27.01 -38.76 -6.18
C ILE C 273 27.99 -37.96 -5.32
N ALA C 274 27.52 -37.47 -4.17
CA ALA C 274 28.36 -36.64 -3.32
C ALA C 274 27.91 -36.75 -1.87
N TYR C 275 28.84 -36.42 -0.97
CA TYR C 275 28.59 -36.34 0.45
C TYR C 275 29.18 -35.06 1.00
N THR C 276 28.48 -34.45 1.96
CA THR C 276 28.88 -33.18 2.54
C THR C 276 28.41 -33.15 3.98
N LYS C 277 29.35 -32.93 4.91
CA LYS C 277 29.00 -32.76 6.32
C LYS C 277 29.91 -31.71 6.94
N SER C 278 29.30 -30.62 7.40
CA SER C 278 30.00 -29.58 8.15
C SER C 278 29.41 -29.53 9.54
N LYS C 279 30.27 -29.59 10.55
CA LYS C 279 29.84 -29.64 11.95
C LYS C 279 30.62 -28.60 12.74
N ALA C 280 29.90 -27.78 13.50
CA ALA C 280 30.49 -26.72 14.29
C ALA C 280 30.66 -27.15 15.74
N LYS C 281 31.68 -26.59 16.39
CA LYS C 281 31.96 -26.91 17.79
C LYS C 281 32.27 -25.62 18.54
N ASP C 282 32.05 -25.66 19.85
CA ASP C 282 32.27 -24.54 20.75
C ASP C 282 31.28 -23.40 20.51
N VAL C 283 30.11 -23.71 19.95
CA VAL C 283 29.08 -22.70 19.76
C VAL C 283 28.48 -22.36 21.12
N GLU C 284 28.53 -21.08 21.49
CA GLU C 284 28.02 -20.67 22.80
C GLU C 284 26.53 -20.94 22.91
N GLY C 285 26.16 -21.73 23.91
CA GLY C 285 24.78 -22.05 24.20
C GLY C 285 24.31 -23.36 23.63
N ILE C 286 25.03 -23.93 22.66
CA ILE C 286 24.60 -25.18 22.04
C ILE C 286 25.71 -26.21 22.10
N GLY C 287 26.95 -25.77 21.93
CA GLY C 287 28.10 -26.68 21.92
C GLY C 287 28.41 -27.21 20.52
N ASP C 288 28.14 -28.49 20.30
CA ASP C 288 28.38 -29.14 19.01
C ASP C 288 27.07 -29.34 18.27
N VAL C 289 27.06 -28.99 16.97
CA VAL C 289 25.90 -29.18 16.11
C VAL C 289 26.38 -29.40 14.67
N ASP C 290 25.52 -30.05 13.88
CA ASP C 290 25.78 -30.26 12.47
C ASP C 290 25.10 -29.15 11.67
N LEU C 291 25.89 -28.44 10.87
CA LEU C 291 25.39 -27.38 10.01
C LEU C 291 24.92 -27.91 8.66
N VAL C 292 25.69 -28.82 8.06
CA VAL C 292 25.36 -29.42 6.77
C VAL C 292 25.54 -30.92 6.89
N ASN C 293 24.67 -31.68 6.24
CA ASN C 293 24.73 -33.14 6.29
C ASN C 293 23.76 -33.77 5.31
N TYR C 294 24.26 -34.38 4.24
CA TYR C 294 23.37 -34.94 3.23
C TYR C 294 24.15 -35.86 2.30
N PHE C 295 23.40 -36.73 1.61
CA PHE C 295 23.86 -37.48 0.45
C PHE C 295 23.12 -36.98 -0.79
N GLU C 296 23.73 -37.20 -1.95
CA GLU C 296 23.19 -36.71 -3.21
C GLU C 296 23.12 -37.81 -4.26
N VAL C 297 22.00 -37.85 -4.98
CA VAL C 297 21.84 -38.65 -6.18
C VAL C 297 21.35 -37.71 -7.27
N GLY C 298 22.17 -37.51 -8.31
CA GLY C 298 21.84 -36.57 -9.35
C GLY C 298 22.43 -36.96 -10.69
N ALA C 299 21.83 -36.42 -11.75
CA ALA C 299 22.25 -36.70 -13.12
C ALA C 299 22.09 -35.45 -13.97
N THR C 300 23.04 -35.23 -14.88
CA THR C 300 23.00 -34.11 -15.82
C THR C 300 23.16 -34.65 -17.23
N TYR C 301 22.21 -34.33 -18.11
CA TYR C 301 22.25 -34.73 -19.50
C TYR C 301 22.72 -33.53 -20.33
N TYR C 302 23.91 -33.63 -20.89
CA TYR C 302 24.46 -32.59 -21.76
C TYR C 302 24.02 -32.86 -23.19
N PHE C 303 23.03 -32.11 -23.67
CA PHE C 303 22.70 -32.17 -25.10
C PHE C 303 23.90 -31.74 -25.94
N ASN C 304 24.60 -30.70 -25.52
CA ASN C 304 25.84 -30.25 -26.13
C ASN C 304 26.44 -29.18 -25.21
N LYS C 305 27.48 -28.50 -25.67
CA LYS C 305 28.15 -27.51 -24.83
C LYS C 305 27.26 -26.33 -24.49
N ASN C 306 26.14 -26.15 -25.22
CA ASN C 306 25.27 -25.00 -25.05
C ASN C 306 23.96 -25.31 -24.38
N MET C 307 23.53 -26.58 -24.34
CA MET C 307 22.25 -26.95 -23.76
C MET C 307 22.43 -28.15 -22.84
N SER C 308 21.70 -28.15 -21.73
CA SER C 308 21.81 -29.20 -20.73
C SER C 308 20.55 -29.25 -19.88
N THR C 309 20.33 -30.39 -19.23
CA THR C 309 19.23 -30.58 -18.29
C THR C 309 19.73 -31.46 -17.15
N TYR C 310 19.32 -31.15 -15.92
CA TYR C 310 19.80 -31.88 -14.76
C TYR C 310 18.68 -32.07 -13.74
N VAL C 311 18.87 -33.10 -12.91
CA VAL C 311 17.99 -33.40 -11.79
C VAL C 311 18.87 -33.70 -10.58
N ASP C 312 18.59 -33.04 -9.46
CA ASP C 312 19.43 -33.14 -8.26
C ASP C 312 18.55 -33.42 -7.06
N TYR C 313 18.78 -34.57 -6.43
CA TYR C 313 18.05 -35.00 -5.24
C TYR C 313 18.99 -34.93 -4.04
N ILE C 314 18.57 -34.20 -3.01
CA ILE C 314 19.34 -34.06 -1.78
C ILE C 314 18.64 -34.84 -0.68
N ILE C 315 19.24 -35.94 -0.26
CA ILE C 315 18.75 -36.74 0.86
C ILE C 315 19.36 -36.13 2.12
N ASN C 316 18.55 -35.37 2.85
CA ASN C 316 19.04 -34.61 4.00
C ASN C 316 19.10 -35.48 5.24
N GLN C 317 20.27 -35.53 5.87
CA GLN C 317 20.47 -36.30 7.08
C GLN C 317 20.33 -35.47 8.36
N ILE C 318 20.18 -34.15 8.23
CA ILE C 318 20.06 -33.30 9.41
C ILE C 318 18.92 -33.82 10.29
N ASP C 319 19.13 -33.76 11.60
CA ASP C 319 18.13 -34.24 12.54
C ASP C 319 16.94 -33.29 12.60
N SER C 320 15.74 -33.85 12.75
CA SER C 320 14.54 -33.03 12.85
C SER C 320 14.51 -32.20 14.14
N ASP C 321 15.29 -32.59 15.14
CA ASP C 321 15.39 -31.85 16.40
C ASP C 321 16.71 -31.10 16.51
N ASN C 322 17.19 -30.55 15.38
CA ASN C 322 18.45 -29.83 15.38
C ASN C 322 18.37 -28.64 16.33
N LYS C 323 19.40 -28.48 17.15
CA LYS C 323 19.38 -27.47 18.20
C LYS C 323 19.54 -26.05 17.68
N LEU C 324 19.75 -25.86 16.37
CA LEU C 324 19.78 -24.53 15.78
C LEU C 324 18.64 -24.28 14.79
N GLY C 325 17.75 -25.25 14.57
CA GLY C 325 16.67 -25.08 13.63
C GLY C 325 17.09 -25.24 12.19
N VAL C 326 18.22 -25.88 11.93
CA VAL C 326 18.69 -26.08 10.56
C VAL C 326 17.72 -27.01 9.83
N GLY C 327 17.48 -26.72 8.55
CA GLY C 327 16.54 -27.51 7.79
C GLY C 327 16.87 -29.00 7.79
N SER C 328 15.82 -29.82 7.80
CA SER C 328 15.96 -31.26 7.84
C SER C 328 15.25 -32.00 6.71
N ASP C 329 14.47 -31.31 5.87
CA ASP C 329 13.73 -31.97 4.80
C ASP C 329 14.59 -32.10 3.55
N ASP C 330 14.15 -32.99 2.66
CA ASP C 330 14.83 -33.21 1.39
C ASP C 330 14.50 -32.08 0.42
N THR C 331 15.20 -32.10 -0.72
CA THR C 331 14.96 -31.11 -1.77
C THR C 331 15.40 -31.72 -3.11
N VAL C 332 14.58 -31.52 -4.13
CA VAL C 332 14.87 -32.01 -5.48
C VAL C 332 14.83 -30.82 -6.43
N ALA C 333 15.96 -30.55 -7.09
CA ALA C 333 16.04 -29.49 -8.08
C ALA C 333 15.94 -30.08 -9.47
N VAL C 334 15.16 -29.42 -10.33
CA VAL C 334 15.01 -29.81 -11.73
C VAL C 334 15.26 -28.56 -12.56
N GLY C 335 16.22 -28.64 -13.47
CA GLY C 335 16.65 -27.46 -14.22
C GLY C 335 16.86 -27.78 -15.68
N ILE C 336 16.57 -26.79 -16.51
CA ILE C 336 16.88 -26.83 -17.95
C ILE C 336 17.66 -25.56 -18.27
N VAL C 337 18.83 -25.73 -18.88
CA VAL C 337 19.81 -24.65 -18.99
C VAL C 337 20.17 -24.45 -20.46
N TYR C 338 20.02 -23.23 -20.94
CA TYR C 338 20.66 -22.77 -22.16
C TYR C 338 21.79 -21.82 -21.78
N GLN C 339 22.91 -21.93 -22.48
CA GLN C 339 24.07 -21.11 -22.17
C GLN C 339 24.88 -20.87 -23.44
N PHE C 340 25.61 -19.75 -23.43
CA PHE C 340 26.47 -19.39 -24.55
C PHE C 340 27.75 -18.73 -24.04
N ALA D 1 -32.62 15.11 24.81
CA ALA D 1 -33.13 14.82 26.18
C ALA D 1 -32.01 14.97 27.21
N GLU D 2 -32.23 15.81 28.20
CA GLU D 2 -31.23 16.03 29.25
C GLU D 2 -31.14 14.79 30.14
N ILE D 3 -29.96 14.15 30.14
CA ILE D 3 -29.75 12.92 30.88
C ILE D 3 -28.80 13.10 32.05
N TYR D 4 -28.11 14.23 32.14
CA TYR D 4 -27.14 14.46 33.21
C TYR D 4 -27.04 15.94 33.49
N ASN D 5 -26.94 16.29 34.78
CA ASN D 5 -26.78 17.69 35.18
C ASN D 5 -26.28 17.68 36.64
N LYS D 6 -24.96 17.72 36.80
CA LYS D 6 -24.37 17.72 38.13
C LYS D 6 -23.08 18.53 38.11
N ASP D 7 -22.88 19.32 39.16
CA ASP D 7 -21.67 20.12 39.31
C ASP D 7 -21.48 21.06 38.12
N GLY D 8 -22.57 21.65 37.66
CA GLY D 8 -22.50 22.63 36.59
C GLY D 8 -22.11 22.07 35.24
N ASN D 9 -22.39 20.79 34.99
CA ASN D 9 -22.13 20.15 33.71
C ASN D 9 -23.41 19.47 33.23
N LYS D 10 -24.00 19.97 32.15
CA LYS D 10 -25.21 19.41 31.59
C LYS D 10 -24.90 18.69 30.29
N VAL D 11 -25.57 17.55 30.07
CA VAL D 11 -25.37 16.72 28.89
C VAL D 11 -26.73 16.42 28.29
N ASP D 12 -26.95 16.84 27.06
CA ASP D 12 -28.18 16.59 26.33
C ASP D 12 -27.93 15.50 25.30
N LEU D 13 -28.44 14.30 25.56
CA LEU D 13 -28.38 13.19 24.61
C LEU D 13 -29.67 13.15 23.80
N TYR D 14 -29.57 13.49 22.51
CA TYR D 14 -30.73 13.61 21.64
C TYR D 14 -30.58 12.70 20.42
N GLY D 15 -31.72 12.28 19.88
CA GLY D 15 -31.74 11.44 18.69
C GLY D 15 -33.12 11.45 18.07
N LYS D 16 -33.26 10.70 16.99
CA LYS D 16 -34.55 10.58 16.32
C LYS D 16 -34.49 9.44 15.31
N ALA D 17 -35.66 8.84 15.07
CA ALA D 17 -35.82 7.78 14.08
C ALA D 17 -36.93 8.18 13.12
N VAL D 18 -36.58 8.33 11.84
CA VAL D 18 -37.50 8.84 10.83
C VAL D 18 -37.76 7.72 9.84
N GLY D 19 -38.95 7.12 9.91
CA GLY D 19 -39.40 6.22 8.88
C GLY D 19 -39.95 7.01 7.71
N LEU D 20 -39.33 6.88 6.54
CA LEU D 20 -39.56 7.79 5.43
C LEU D 20 -39.64 7.01 4.14
N HIS D 21 -40.56 7.44 3.26
CA HIS D 21 -40.69 6.86 1.93
C HIS D 21 -40.92 7.98 0.92
N TYR D 22 -40.17 7.92 -0.18
CA TYR D 22 -40.34 8.84 -1.30
C TYR D 22 -41.14 8.14 -2.41
N PHE D 23 -42.01 8.90 -3.06
CA PHE D 23 -42.81 8.39 -4.16
C PHE D 23 -42.56 9.23 -5.41
N SER D 24 -42.06 8.58 -6.46
CA SER D 24 -41.88 9.20 -7.77
C SER D 24 -42.16 8.16 -8.84
N LYS D 25 -42.53 8.64 -10.01
CA LYS D 25 -42.92 7.75 -11.10
C LYS D 25 -41.71 7.02 -11.66
N GLY D 26 -41.89 5.73 -11.95
CA GLY D 26 -40.80 4.94 -12.47
C GLY D 26 -39.74 4.67 -11.42
N ASN D 27 -38.51 4.46 -11.89
CA ASN D 27 -37.39 4.24 -10.98
C ASN D 27 -37.07 5.48 -10.17
N GLY D 28 -37.53 6.65 -10.59
CA GLY D 28 -37.25 7.89 -9.89
C GLY D 28 -35.94 8.54 -10.26
N GLU D 29 -35.21 8.01 -11.23
CA GLU D 29 -33.94 8.60 -11.63
C GLU D 29 -34.14 9.97 -12.26
N ASN D 30 -35.31 10.21 -12.85
CA ASN D 30 -35.64 11.49 -13.46
C ASN D 30 -36.51 12.36 -12.56
N SER D 31 -36.51 12.09 -11.27
CA SER D 31 -37.35 12.80 -10.30
C SER D 31 -36.48 13.73 -9.46
N TYR D 32 -37.15 14.50 -8.59
CA TYR D 32 -36.46 15.45 -7.73
C TYR D 32 -35.84 14.76 -6.52
N GLY D 33 -36.56 13.80 -5.93
CA GLY D 33 -36.10 13.16 -4.70
C GLY D 33 -35.75 11.70 -4.87
N GLY D 34 -36.40 11.01 -5.80
CA GLY D 34 -36.19 9.60 -6.01
C GLY D 34 -37.41 8.77 -5.67
N ASN D 35 -37.18 7.48 -5.50
CA ASN D 35 -38.26 6.54 -5.21
C ASN D 35 -37.70 5.37 -4.41
N GLY D 36 -38.40 4.99 -3.34
CA GLY D 36 -38.05 3.86 -2.52
C GLY D 36 -37.97 4.24 -1.06
N ASP D 37 -37.28 3.41 -0.28
CA ASP D 37 -37.12 3.65 1.15
C ASP D 37 -36.08 4.74 1.39
N MET D 38 -36.36 5.59 2.39
CA MET D 38 -35.45 6.66 2.77
C MET D 38 -35.30 6.75 4.28
N THR D 39 -35.68 5.71 5.02
CA THR D 39 -35.60 5.72 6.48
C THR D 39 -34.18 6.04 6.94
N TYR D 40 -34.08 6.80 8.03
CA TYR D 40 -32.79 7.15 8.61
C TYR D 40 -32.98 7.42 10.10
N ALA D 41 -31.85 7.54 10.80
CA ALA D 41 -31.84 7.79 12.24
C ALA D 41 -30.69 8.73 12.56
N ARG D 42 -30.85 9.49 13.64
CA ARG D 42 -29.84 10.47 14.07
C ARG D 42 -29.54 10.28 15.54
N LEU D 43 -28.27 10.45 15.90
CA LEU D 43 -27.82 10.45 17.29
C LEU D 43 -26.83 11.57 17.49
N GLY D 44 -26.77 12.10 18.71
CA GLY D 44 -25.84 13.17 19.00
C GLY D 44 -25.99 13.63 20.43
N PHE D 45 -25.05 14.49 20.86
CA PHE D 45 -25.05 15.02 22.20
C PHE D 45 -24.64 16.49 22.19
N LYS D 46 -25.24 17.25 23.11
CA LYS D 46 -24.87 18.64 23.35
C LYS D 46 -24.47 18.77 24.82
N GLY D 47 -23.22 19.11 25.06
CA GLY D 47 -22.68 19.25 26.41
C GLY D 47 -22.34 20.70 26.69
N GLU D 48 -22.61 21.14 27.91
CA GLU D 48 -22.37 22.53 28.31
C GLU D 48 -21.97 22.55 29.77
N THR D 49 -20.90 23.27 30.10
CA THR D 49 -20.40 23.35 31.45
C THR D 49 -20.22 24.81 31.84
N GLN D 50 -20.65 25.15 33.05
CA GLN D 50 -20.53 26.50 33.59
C GLN D 50 -19.20 26.60 34.30
N ILE D 51 -18.19 27.14 33.62
CA ILE D 51 -16.86 27.26 34.21
C ILE D 51 -16.85 28.30 35.32
N ASN D 52 -17.56 29.41 35.12
CA ASN D 52 -17.74 30.41 36.17
C ASN D 52 -18.97 31.24 35.82
N SER D 53 -19.15 32.36 36.54
CA SER D 53 -20.37 33.15 36.39
C SER D 53 -20.56 33.64 34.95
N ASP D 54 -19.46 33.95 34.26
CA ASP D 54 -19.50 34.48 32.90
C ASP D 54 -19.05 33.49 31.84
N LEU D 55 -17.96 32.75 32.09
CA LEU D 55 -17.40 31.84 31.11
C LEU D 55 -18.21 30.56 31.03
N THR D 56 -18.42 30.07 29.80
CA THR D 56 -19.18 28.86 29.55
C THR D 56 -18.51 28.08 28.43
N GLY D 57 -18.27 26.80 28.67
CA GLY D 57 -17.72 25.91 27.67
C GLY D 57 -18.79 24.99 27.14
N TYR D 58 -18.67 24.61 25.87
CA TYR D 58 -19.67 23.75 25.26
C TYR D 58 -19.04 22.93 24.14
N GLY D 59 -19.69 21.82 23.82
CA GLY D 59 -19.28 20.97 22.72
C GLY D 59 -20.48 20.20 22.23
N GLN D 60 -20.39 19.75 20.98
CA GLN D 60 -21.53 19.08 20.36
C GLN D 60 -21.02 18.12 19.28
N TRP D 61 -21.80 17.06 19.08
CA TRP D 61 -21.51 16.04 18.08
C TRP D 61 -22.85 15.48 17.61
N GLU D 62 -22.94 15.21 16.31
CA GLU D 62 -24.17 14.68 15.72
C GLU D 62 -23.79 13.76 14.57
N TYR D 63 -24.49 12.64 14.47
CA TYR D 63 -24.19 11.61 13.49
C TYR D 63 -25.47 11.17 12.80
N ASN D 64 -25.34 10.73 11.55
CA ASN D 64 -26.46 10.30 10.74
C ASN D 64 -26.25 8.84 10.34
N PHE D 65 -27.05 7.94 10.90
CA PHE D 65 -27.11 6.55 10.46
C PHE D 65 -28.26 6.38 9.49
N GLN D 66 -28.00 5.67 8.39
CA GLN D 66 -29.04 5.37 7.42
C GLN D 66 -29.74 4.07 7.80
N GLY D 67 -31.03 3.99 7.46
CA GLY D 67 -31.80 2.79 7.74
C GLY D 67 -32.23 2.07 6.47
N ASN D 68 -31.98 2.69 5.33
CA ASN D 68 -32.37 2.14 4.03
C ASN D 68 -31.27 1.31 3.38
N ASN D 69 -30.22 0.96 4.12
CA ASN D 69 -29.15 0.11 3.63
C ASN D 69 -29.28 -1.29 4.25
N SER D 70 -28.75 -2.27 3.53
CA SER D 70 -28.72 -3.63 4.04
C SER D 70 -27.57 -3.82 5.04
N GLU D 71 -27.57 -4.96 5.71
CA GLU D 71 -26.50 -5.31 6.63
C GLU D 71 -25.27 -5.84 5.91
N GLY D 72 -25.28 -5.85 4.58
CA GLY D 72 -24.17 -6.35 3.80
C GLY D 72 -23.11 -5.30 3.50
N ALA D 73 -22.57 -5.35 2.27
CA ALA D 73 -21.43 -4.52 1.92
C ALA D 73 -21.77 -3.04 1.81
N ASP D 74 -23.04 -2.69 1.71
CA ASP D 74 -23.45 -1.30 1.58
C ASP D 74 -24.00 -0.72 2.89
N ALA D 75 -23.63 -1.32 4.02
CA ALA D 75 -24.22 -0.90 5.29
C ALA D 75 -23.84 0.54 5.66
N GLN D 76 -22.64 0.97 5.30
CA GLN D 76 -22.14 2.29 5.67
C GLN D 76 -22.47 3.37 4.65
N THR D 77 -23.14 2.99 3.56
CA THR D 77 -23.45 3.95 2.50
C THR D 77 -24.36 5.06 3.02
N GLY D 78 -23.84 6.29 3.05
CA GLY D 78 -24.60 7.45 3.46
C GLY D 78 -24.45 7.85 4.91
N ASN D 79 -23.80 7.03 5.73
CA ASN D 79 -23.54 7.40 7.12
C ASN D 79 -22.42 8.42 7.18
N LYS D 80 -22.51 9.34 8.15
CA LYS D 80 -21.60 10.46 8.19
C LYS D 80 -21.71 11.15 9.54
N THR D 81 -20.75 12.05 9.80
CA THR D 81 -20.76 12.91 10.97
C THR D 81 -21.23 14.29 10.52
N ARG D 82 -22.36 14.75 11.06
CA ARG D 82 -22.92 16.03 10.64
C ARG D 82 -22.21 17.20 11.31
N LEU D 83 -22.08 17.15 12.64
CA LEU D 83 -21.47 18.23 13.40
C LEU D 83 -20.47 17.65 14.41
N ALA D 84 -19.48 18.48 14.77
CA ALA D 84 -18.50 18.11 15.78
C ALA D 84 -17.62 19.31 16.09
N PHE D 85 -17.93 20.03 17.17
CA PHE D 85 -17.21 21.25 17.50
C PHE D 85 -17.22 21.46 19.00
N ALA D 86 -16.41 22.43 19.45
CA ALA D 86 -16.35 22.83 20.84
C ALA D 86 -15.98 24.32 20.89
N GLY D 87 -16.43 24.99 21.94
CA GLY D 87 -16.19 26.42 22.02
C GLY D 87 -16.38 26.95 23.43
N LEU D 88 -16.10 28.25 23.56
CA LEU D 88 -16.20 28.96 24.83
C LEU D 88 -17.02 30.22 24.61
N LYS D 89 -17.55 30.77 25.71
CA LYS D 89 -18.37 31.96 25.63
C LYS D 89 -18.13 32.82 26.88
N TYR D 90 -18.00 34.12 26.65
CA TYR D 90 -17.80 35.11 27.70
C TYR D 90 -18.98 36.07 27.71
N ALA D 91 -19.29 36.61 28.90
CA ALA D 91 -20.49 37.43 29.05
C ALA D 91 -20.45 38.60 28.07
N ASP D 92 -21.22 38.48 26.98
CA ASP D 92 -21.40 39.55 26.00
C ASP D 92 -20.18 39.77 25.11
N VAL D 93 -19.01 39.25 25.49
CA VAL D 93 -17.85 39.40 24.62
C VAL D 93 -18.04 38.58 23.35
N GLY D 94 -18.67 37.42 23.46
CA GLY D 94 -19.00 36.59 22.33
C GLY D 94 -18.79 35.12 22.63
N SER D 95 -18.96 34.30 21.60
CA SER D 95 -18.78 32.86 21.68
C SER D 95 -17.95 32.40 20.50
N PHE D 96 -16.92 31.60 20.77
CA PHE D 96 -16.01 31.12 19.75
C PHE D 96 -15.97 29.60 19.78
N ASP D 97 -16.21 28.96 18.63
CA ASP D 97 -16.18 27.51 18.52
C ASP D 97 -15.47 27.11 17.24
N TYR D 98 -14.78 25.98 17.29
CA TYR D 98 -14.06 25.45 16.15
C TYR D 98 -14.41 23.98 15.95
N GLY D 99 -14.29 23.53 14.71
CA GLY D 99 -14.59 22.17 14.34
C GLY D 99 -15.40 22.13 13.07
N ARG D 100 -16.11 21.03 12.87
CA ARG D 100 -17.06 20.91 11.76
C ARG D 100 -18.38 21.50 12.21
N ASN D 101 -18.78 22.60 11.58
CA ASN D 101 -19.97 23.33 11.99
C ASN D 101 -20.58 23.99 10.75
N TYR D 102 -21.61 24.81 10.97
CA TYR D 102 -22.32 25.46 9.87
C TYR D 102 -21.57 26.70 9.38
N GLY D 103 -21.66 26.94 8.07
CA GLY D 103 -21.13 28.16 7.50
C GLY D 103 -22.00 29.36 7.81
N VAL D 104 -21.38 30.55 7.74
CA VAL D 104 -22.08 31.77 8.14
C VAL D 104 -23.24 32.07 7.21
N VAL D 105 -23.11 31.78 5.92
CA VAL D 105 -24.19 32.10 4.98
C VAL D 105 -25.46 31.34 5.30
N TYR D 106 -25.37 30.24 6.05
CA TYR D 106 -26.58 29.56 6.49
C TYR D 106 -27.41 30.45 7.41
N ASP D 107 -26.77 31.37 8.13
CA ASP D 107 -27.51 32.32 8.94
C ASP D 107 -28.63 32.96 8.14
N ALA D 108 -28.36 33.33 6.90
CA ALA D 108 -29.41 33.87 6.03
C ALA D 108 -30.26 32.75 5.45
N LEU D 109 -29.62 31.73 4.86
CA LEU D 109 -30.37 30.71 4.15
C LEU D 109 -31.28 29.90 5.05
N GLY D 110 -30.92 29.76 6.33
CA GLY D 110 -31.76 29.00 7.25
C GLY D 110 -33.17 29.52 7.36
N TYR D 111 -33.39 30.80 7.04
CA TYR D 111 -34.73 31.38 7.14
C TYR D 111 -35.74 30.59 6.32
N THR D 112 -35.33 30.03 5.18
CA THR D 112 -36.24 29.37 4.26
C THR D 112 -36.06 27.86 4.21
N ASP D 113 -35.34 27.28 5.17
CA ASP D 113 -35.12 25.84 5.24
C ASP D 113 -36.03 25.23 6.31
N MET D 114 -37.33 25.43 6.12
CA MET D 114 -38.33 25.08 7.13
C MET D 114 -39.28 23.98 6.69
N LEU D 115 -39.10 23.41 5.51
CA LEU D 115 -40.07 22.44 5.01
C LEU D 115 -39.94 21.11 5.76
N PRO D 116 -40.96 20.27 5.70
CA PRO D 116 -40.90 19.01 6.46
C PRO D 116 -39.77 18.08 6.02
N GLU D 117 -39.54 17.95 4.72
CA GLU D 117 -38.52 17.05 4.21
C GLU D 117 -37.55 17.77 3.28
N PHE D 118 -38.07 18.48 2.27
CA PHE D 118 -37.24 19.07 1.24
C PHE D 118 -36.92 20.52 1.61
N GLY D 119 -36.53 21.34 0.64
CA GLY D 119 -36.26 22.75 0.86
C GLY D 119 -34.78 23.03 1.03
N GLY D 120 -34.48 24.32 1.10
CA GLY D 120 -33.09 24.74 1.29
C GLY D 120 -32.13 24.11 0.30
N ASP D 121 -32.51 24.07 -0.98
CA ASP D 121 -31.68 23.39 -1.97
C ASP D 121 -30.32 24.04 -2.16
N THR D 122 -30.16 25.29 -1.73
CA THR D 122 -28.88 25.98 -1.86
C THR D 122 -27.93 25.67 -0.72
N ALA D 123 -28.43 25.11 0.38
CA ALA D 123 -27.60 24.83 1.56
C ALA D 123 -26.87 23.50 1.34
N TYR D 124 -25.94 23.53 0.39
CA TYR D 124 -25.17 22.34 0.03
C TYR D 124 -24.19 21.98 1.14
N SER D 125 -24.06 20.68 1.40
CA SER D 125 -23.10 20.21 2.39
C SER D 125 -21.68 20.30 1.84
N ASP D 126 -20.75 20.75 2.68
CA ASP D 126 -19.34 20.87 2.30
C ASP D 126 -19.19 21.77 1.08
N ASP D 127 -19.89 22.91 1.10
CA ASP D 127 -19.92 23.84 -0.04
C ASP D 127 -19.67 25.25 0.48
N PHE D 128 -18.46 25.51 0.94
CA PHE D 128 -18.03 26.83 1.40
C PHE D 128 -18.88 27.23 2.60
N PHE D 129 -19.68 28.29 2.54
CA PHE D 129 -20.33 28.85 3.73
C PHE D 129 -21.83 28.59 3.78
N VAL D 130 -22.38 27.78 2.87
CA VAL D 130 -23.84 27.58 2.82
C VAL D 130 -24.30 26.35 3.58
N GLY D 131 -23.38 25.48 4.01
CA GLY D 131 -23.76 24.28 4.73
C GLY D 131 -22.70 23.79 5.68
N ARG D 132 -22.93 22.62 6.27
CA ARG D 132 -21.95 22.03 7.17
C ARG D 132 -20.61 21.89 6.48
N VAL D 133 -19.55 22.40 7.13
CA VAL D 133 -18.20 22.38 6.58
C VAL D 133 -17.23 22.00 7.70
N GLY D 134 -16.01 21.67 7.30
CA GLY D 134 -14.99 21.18 8.22
C GLY D 134 -13.97 22.25 8.56
N GLY D 135 -13.60 22.30 9.84
CA GLY D 135 -12.54 23.18 10.29
C GLY D 135 -12.87 24.64 10.10
N VAL D 136 -13.99 25.08 10.69
CA VAL D 136 -14.43 26.46 10.61
C VAL D 136 -14.37 27.06 12.00
N ALA D 137 -13.54 28.08 12.16
CA ALA D 137 -13.48 28.86 13.40
C ALA D 137 -14.49 30.00 13.28
N THR D 138 -15.44 30.05 14.21
CA THR D 138 -16.55 30.99 14.14
C THR D 138 -16.61 31.77 15.44
N TYR D 139 -16.49 33.09 15.34
CA TYR D 139 -16.69 33.99 16.48
C TYR D 139 -18.00 34.73 16.29
N ARG D 140 -18.91 34.58 17.24
CA ARG D 140 -20.21 35.22 17.18
C ARG D 140 -20.54 35.79 18.56
N ASN D 141 -21.12 36.99 18.59
CA ASN D 141 -21.57 37.61 19.83
C ASN D 141 -22.98 38.14 19.60
N SER D 142 -23.81 38.04 20.63
CA SER D 142 -25.22 38.37 20.57
C SER D 142 -25.48 39.69 21.29
N ASN D 143 -26.39 40.49 20.71
CA ASN D 143 -26.82 41.77 21.26
C ASN D 143 -25.72 42.83 21.19
N PHE D 144 -24.76 42.66 20.28
CA PHE D 144 -23.68 43.64 20.07
C PHE D 144 -23.07 44.10 21.40
N PHE D 145 -22.42 43.15 22.06
CA PHE D 145 -21.74 43.41 23.32
C PHE D 145 -22.73 43.86 24.40
N GLY D 146 -23.99 43.48 24.24
CA GLY D 146 -25.02 43.86 25.18
C GLY D 146 -25.52 45.28 25.05
N LEU D 147 -25.19 45.95 23.95
CA LEU D 147 -25.57 47.34 23.72
C LEU D 147 -26.79 47.50 22.83
N VAL D 148 -27.04 46.57 21.93
CA VAL D 148 -28.14 46.66 20.97
C VAL D 148 -29.02 45.43 21.13
N ASP D 149 -30.31 45.64 21.37
CA ASP D 149 -31.26 44.56 21.52
C ASP D 149 -31.69 44.06 20.14
N GLY D 150 -31.38 42.80 19.83
CA GLY D 150 -31.79 42.19 18.59
C GLY D 150 -30.71 42.14 17.53
N LEU D 151 -29.58 42.79 17.75
CA LEU D 151 -28.50 42.86 16.77
C LEU D 151 -27.44 41.82 17.08
N ASN D 152 -27.21 40.91 16.13
CA ASN D 152 -26.17 39.90 16.25
C ASN D 152 -25.33 39.91 14.99
N PHE D 153 -24.06 39.56 15.13
CA PHE D 153 -23.18 39.46 13.98
C PHE D 153 -22.16 38.35 14.21
N ALA D 154 -21.52 37.91 13.14
CA ALA D 154 -20.60 36.79 13.20
C ALA D 154 -19.53 36.93 12.13
N VAL D 155 -18.34 36.41 12.44
CA VAL D 155 -17.22 36.35 11.51
C VAL D 155 -16.61 34.96 11.63
N GLN D 156 -16.24 34.38 10.50
CA GLN D 156 -15.87 32.97 10.43
C GLN D 156 -14.64 32.80 9.55
N TYR D 157 -13.72 31.94 9.99
CA TYR D 157 -12.51 31.60 9.25
C TYR D 157 -12.59 30.14 8.83
N LEU D 158 -12.55 29.89 7.53
CA LEU D 158 -12.63 28.55 6.97
C LEU D 158 -11.26 28.14 6.47
N GLY D 159 -10.70 27.06 7.04
CA GLY D 159 -9.43 26.57 6.58
C GLY D 159 -9.59 25.72 5.32
N LYS D 160 -8.48 25.60 4.58
CA LYS D 160 -8.50 24.84 3.34
C LYS D 160 -8.59 23.34 3.65
N ASN D 161 -9.36 22.62 2.83
CA ASN D 161 -9.49 21.17 2.93
C ASN D 161 -9.41 20.62 1.50
N GLU D 162 -8.22 20.10 1.16
CA GLU D 162 -7.99 19.51 -0.16
C GLU D 162 -8.30 18.03 -0.07
N ARG D 163 -9.53 17.66 -0.44
CA ARG D 163 -9.99 16.28 -0.35
C ARG D 163 -9.78 15.56 -1.67
N ASP D 164 -10.08 14.26 -1.69
CA ASP D 164 -9.92 13.47 -2.90
C ASP D 164 -10.95 13.84 -3.96
N THR D 165 -11.98 14.59 -3.61
CA THR D 165 -13.04 14.98 -4.52
C THR D 165 -13.01 16.48 -4.74
N ALA D 166 -13.39 16.90 -5.96
CA ALA D 166 -13.50 18.32 -6.25
C ALA D 166 -14.74 18.94 -5.60
N ARG D 167 -15.81 18.17 -5.47
CA ARG D 167 -17.06 18.70 -4.92
C ARG D 167 -16.90 19.11 -3.46
N ARG D 168 -16.19 18.29 -2.67
CA ARG D 168 -16.10 18.48 -1.22
C ARG D 168 -14.85 19.23 -0.81
N SER D 169 -14.14 19.84 -1.74
CA SER D 169 -12.90 20.55 -1.44
C SER D 169 -13.15 22.05 -1.28
N ASN D 170 -12.14 22.73 -0.75
CA ASN D 170 -12.21 24.18 -0.55
C ASN D 170 -10.83 24.69 -0.15
N GLY D 171 -10.62 25.98 -0.34
CA GLY D 171 -9.43 26.66 0.08
C GLY D 171 -9.66 27.45 1.37
N ASP D 172 -8.76 28.40 1.62
CA ASP D 172 -8.92 29.29 2.76
C ASP D 172 -9.94 30.38 2.42
N GLY D 173 -10.68 30.83 3.43
CA GLY D 173 -11.70 31.83 3.20
C GLY D 173 -12.18 32.45 4.48
N VAL D 174 -12.95 33.53 4.32
CA VAL D 174 -13.53 34.26 5.44
C VAL D 174 -14.95 34.67 5.06
N GLY D 175 -15.80 34.83 6.07
CA GLY D 175 -17.17 35.22 5.85
C GLY D 175 -17.76 35.84 7.09
N GLY D 176 -18.95 36.42 6.93
CA GLY D 176 -19.61 37.08 8.03
C GLY D 176 -21.10 37.18 7.80
N SER D 177 -21.80 37.60 8.85
CA SER D 177 -23.25 37.73 8.81
C SER D 177 -23.69 38.74 9.85
N ILE D 178 -24.79 39.42 9.55
CA ILE D 178 -25.42 40.37 10.47
C ILE D 178 -26.92 40.11 10.46
N SER D 179 -27.55 40.33 11.62
CA SER D 179 -28.96 40.03 11.78
C SER D 179 -29.58 41.03 12.76
N TYR D 180 -30.82 41.41 12.49
CA TYR D 180 -31.60 42.27 13.38
C TYR D 180 -32.98 41.64 13.57
N GLU D 181 -33.44 41.57 14.80
CA GLU D 181 -34.77 41.06 15.11
C GLU D 181 -35.48 42.01 16.05
N TYR D 182 -36.67 42.46 15.65
CA TYR D 182 -37.50 43.35 16.46
C TYR D 182 -38.96 43.06 16.20
N GLU D 183 -39.73 42.89 17.27
CA GLU D 183 -41.19 42.76 17.18
C GLU D 183 -41.60 41.71 16.16
N GLY D 184 -41.07 40.50 16.33
CA GLY D 184 -41.43 39.37 15.49
C GLY D 184 -40.82 39.36 14.12
N PHE D 185 -40.32 40.50 13.63
CA PHE D 185 -39.68 40.58 12.33
C PHE D 185 -38.20 40.26 12.44
N GLY D 186 -37.65 39.69 11.37
CA GLY D 186 -36.24 39.35 11.34
C GLY D 186 -35.62 39.54 9.97
N ILE D 187 -34.46 40.19 9.93
CA ILE D 187 -33.72 40.42 8.69
C ILE D 187 -32.28 39.94 8.89
N VAL D 188 -31.71 39.34 7.85
CA VAL D 188 -30.39 38.75 7.93
C VAL D 188 -29.65 38.95 6.61
N GLY D 189 -28.35 39.20 6.70
CA GLY D 189 -27.50 39.23 5.53
C GLY D 189 -26.17 38.55 5.83
N ALA D 190 -25.63 37.88 4.81
CA ALA D 190 -24.40 37.12 4.99
C ALA D 190 -23.63 37.05 3.68
N TYR D 191 -22.29 37.07 3.79
CA TYR D 191 -21.41 37.05 2.64
C TYR D 191 -20.16 36.25 3.00
N GLY D 192 -19.59 35.60 1.99
CA GLY D 192 -18.37 34.84 2.18
C GLY D 192 -17.56 34.61 0.91
N ALA D 193 -16.24 34.72 1.01
CA ALA D 193 -15.33 34.49 -0.10
C ALA D 193 -14.22 33.54 0.34
N ALA D 194 -13.64 32.84 -0.64
CA ALA D 194 -12.63 31.85 -0.33
C ALA D 194 -11.84 31.50 -1.59
N ASP D 195 -10.65 30.94 -1.39
CA ASP D 195 -9.84 30.46 -2.49
C ASP D 195 -10.42 29.15 -3.04
N ARG D 196 -9.87 28.73 -4.18
CA ARG D 196 -10.25 27.47 -4.82
C ARG D 196 -9.00 26.63 -5.02
N THR D 197 -9.13 25.32 -4.82
CA THR D 197 -7.98 24.44 -4.96
C THR D 197 -7.62 24.24 -6.43
N ASN D 198 -6.35 23.89 -6.66
CA ASN D 198 -5.91 23.60 -8.02
C ASN D 198 -6.75 22.51 -8.65
N LEU D 199 -7.06 21.45 -7.89
CA LEU D 199 -7.93 20.40 -8.40
C LEU D 199 -9.30 20.94 -8.77
N GLN D 200 -9.81 21.89 -7.98
CA GLN D 200 -11.11 22.48 -8.26
C GLN D 200 -11.08 23.29 -9.55
N GLU D 201 -9.97 23.99 -9.81
CA GLU D 201 -9.88 24.82 -11.01
C GLU D 201 -9.82 23.96 -12.27
N ALA D 202 -9.20 22.79 -12.19
CA ALA D 202 -9.07 21.89 -13.33
C ALA D 202 -10.41 21.35 -13.82
N GLN D 203 -11.50 21.59 -13.10
CA GLN D 203 -12.78 21.02 -13.50
C GLN D 203 -13.29 21.71 -14.76
N PRO D 204 -14.03 20.99 -15.61
CA PRO D 204 -14.47 21.60 -16.87
C PRO D 204 -15.48 22.71 -16.68
N LEU D 205 -16.34 22.63 -15.66
CA LEU D 205 -17.37 23.63 -15.40
C LEU D 205 -16.89 24.56 -14.31
N GLY D 206 -16.90 25.86 -14.58
CA GLY D 206 -16.45 26.86 -13.64
C GLY D 206 -15.07 27.40 -13.99
N ASN D 207 -14.86 28.69 -13.73
CA ASN D 207 -13.57 29.32 -13.99
C ASN D 207 -13.42 30.52 -13.06
N GLY D 208 -12.21 30.72 -12.58
CA GLY D 208 -11.92 31.79 -11.63
C GLY D 208 -11.08 31.30 -10.49
N LYS D 209 -10.47 32.22 -9.73
CA LYS D 209 -9.59 31.87 -8.63
C LYS D 209 -10.20 32.07 -7.25
N LYS D 210 -11.40 32.63 -7.15
CA LYS D 210 -12.04 32.83 -5.85
C LYS D 210 -13.50 32.43 -5.96
N ALA D 211 -14.03 31.82 -4.89
CA ALA D 211 -15.43 31.46 -4.81
C ALA D 211 -16.14 32.41 -3.86
N GLU D 212 -17.35 32.80 -4.22
CA GLU D 212 -18.10 33.82 -3.51
C GLU D 212 -19.54 33.40 -3.36
N GLN D 213 -20.08 33.59 -2.16
CA GLN D 213 -21.46 33.27 -1.83
C GLN D 213 -22.01 34.34 -0.90
N TRP D 214 -23.23 34.80 -1.20
CA TRP D 214 -23.90 35.74 -0.32
C TRP D 214 -25.40 35.52 -0.41
N ALA D 215 -26.09 35.77 0.69
CA ALA D 215 -27.53 35.56 0.76
C ALA D 215 -28.12 36.52 1.78
N THR D 216 -29.40 36.80 1.61
CA THR D 216 -30.13 37.70 2.48
C THR D 216 -31.51 37.10 2.73
N GLY D 217 -32.02 37.29 3.94
CA GLY D 217 -33.27 36.67 4.34
C GLY D 217 -34.14 37.63 5.10
N LEU D 218 -35.45 37.45 4.94
CA LEU D 218 -36.46 38.24 5.63
C LEU D 218 -37.56 37.30 6.09
N LYS D 219 -37.94 37.41 7.36
CA LYS D 219 -38.95 36.52 7.92
C LYS D 219 -39.86 37.28 8.87
N TYR D 220 -41.07 36.74 9.03
CA TYR D 220 -41.98 37.12 10.09
C TYR D 220 -42.38 35.83 10.81
N ASP D 221 -42.14 35.78 12.12
CA ASP D 221 -42.34 34.58 12.92
C ASP D 221 -43.08 34.97 14.19
N ALA D 222 -44.40 34.80 14.18
CA ALA D 222 -45.23 35.14 15.34
C ALA D 222 -46.68 34.85 14.99
N ASN D 223 -47.51 34.75 16.04
CA ASN D 223 -48.95 34.56 15.88
C ASN D 223 -49.26 33.31 15.06
N ASN D 224 -48.51 32.24 15.28
CA ASN D 224 -48.67 30.96 14.61
C ASN D 224 -48.38 31.05 13.11
N ILE D 225 -47.82 32.16 12.64
CA ILE D 225 -47.53 32.37 11.23
C ILE D 225 -46.02 32.42 11.05
N TYR D 226 -45.53 31.82 9.97
CA TYR D 226 -44.12 31.90 9.62
C TYR D 226 -44.02 32.14 8.12
N LEU D 227 -43.61 33.36 7.75
CA LEU D 227 -43.30 33.72 6.37
C LEU D 227 -41.83 34.06 6.29
N ALA D 228 -41.17 33.61 5.21
CA ALA D 228 -39.75 33.84 5.06
C ALA D 228 -39.40 33.89 3.58
N ALA D 229 -38.45 34.76 3.25
CA ALA D 229 -37.96 34.91 1.89
C ALA D 229 -36.45 35.03 1.91
N ASN D 230 -35.79 34.37 0.96
CA ASN D 230 -34.34 34.41 0.84
C ASN D 230 -33.97 34.70 -0.60
N TYR D 231 -33.05 35.64 -0.80
CA TYR D 231 -32.44 35.88 -2.10
C TYR D 231 -30.94 35.82 -1.93
N GLY D 232 -30.28 35.06 -2.80
CA GLY D 232 -28.84 34.92 -2.73
C GLY D 232 -28.26 34.69 -4.10
N GLU D 233 -27.00 35.06 -4.25
CA GLU D 233 -26.26 34.89 -5.50
C GLU D 233 -24.91 34.27 -5.18
N THR D 234 -24.49 33.32 -6.00
CA THR D 234 -23.23 32.61 -5.83
C THR D 234 -22.42 32.72 -7.11
N ARG D 235 -21.11 32.75 -6.96
CA ARG D 235 -20.20 32.86 -8.10
C ARG D 235 -19.17 31.74 -8.02
N ASN D 236 -19.24 30.83 -8.99
CA ASN D 236 -18.28 29.71 -9.11
C ASN D 236 -18.23 28.90 -7.82
N ALA D 237 -19.39 28.71 -7.19
CA ALA D 237 -19.46 28.03 -5.90
C ALA D 237 -20.50 26.92 -5.88
N THR D 238 -21.54 27.05 -6.70
CA THR D 238 -22.61 26.04 -6.69
C THR D 238 -22.19 24.82 -7.52
N PRO D 239 -22.25 23.62 -6.96
CA PRO D 239 -21.84 22.44 -7.73
C PRO D 239 -22.88 22.05 -8.77
N ILE D 240 -22.40 21.62 -9.94
CA ILE D 240 -23.25 21.22 -11.05
C ILE D 240 -22.66 19.99 -11.72
N THR D 241 -23.55 19.17 -12.29
CA THR D 241 -23.16 17.98 -13.05
C THR D 241 -23.94 17.97 -14.35
N ASN D 242 -23.23 17.93 -15.47
CA ASN D 242 -23.83 17.78 -16.79
C ASN D 242 -24.00 16.29 -17.08
N LYS D 243 -25.26 15.85 -17.14
CA LYS D 243 -25.54 14.42 -17.31
C LYS D 243 -25.37 13.95 -18.74
N PHE D 244 -25.42 14.86 -19.72
CA PHE D 244 -25.31 14.46 -21.12
C PHE D 244 -23.86 14.21 -21.50
N THR D 245 -22.93 15.01 -20.97
CA THR D 245 -21.50 14.81 -21.20
C THR D 245 -20.80 14.17 -20.00
N ASN D 246 -21.55 13.89 -18.93
CA ASN D 246 -21.00 13.26 -17.73
C ASN D 246 -19.76 13.99 -17.24
N THR D 247 -19.96 15.27 -16.91
CA THR D 247 -18.92 16.13 -16.37
C THR D 247 -19.46 16.85 -15.13
N SER D 248 -18.54 17.25 -14.25
CA SER D 248 -18.89 17.89 -12.99
C SER D 248 -18.08 19.17 -12.83
N GLY D 249 -18.54 20.02 -11.90
CA GLY D 249 -17.87 21.27 -11.62
C GLY D 249 -18.73 22.27 -10.87
N PHE D 250 -18.64 23.55 -11.23
CA PHE D 250 -19.40 24.59 -10.56
C PHE D 250 -19.93 25.61 -11.57
N ALA D 251 -21.04 26.23 -11.20
CA ALA D 251 -21.65 27.29 -12.01
C ALA D 251 -20.89 28.59 -11.82
N ASN D 252 -20.54 29.25 -12.93
CA ASN D 252 -19.83 30.52 -12.83
C ASN D 252 -20.66 31.58 -12.10
N LYS D 253 -21.99 31.48 -12.17
CA LYS D 253 -22.86 32.43 -11.51
C LYS D 253 -24.23 31.78 -11.33
N THR D 254 -24.89 32.09 -10.21
CA THR D 254 -26.22 31.55 -9.92
C THR D 254 -27.04 32.58 -9.19
N GLN D 255 -28.34 32.62 -9.50
CA GLN D 255 -29.31 33.46 -8.81
C GLN D 255 -30.31 32.54 -8.11
N ASP D 256 -30.42 32.68 -6.79
CA ASP D 256 -31.20 31.77 -5.95
C ASP D 256 -32.30 32.54 -5.23
N VAL D 257 -33.52 32.01 -5.27
CA VAL D 257 -34.68 32.63 -4.63
C VAL D 257 -35.44 31.57 -3.85
N LEU D 258 -35.76 31.87 -2.60
CA LEU D 258 -36.47 30.95 -1.72
C LEU D 258 -37.62 31.69 -1.05
N LEU D 259 -38.80 31.06 -1.02
CA LEU D 259 -39.98 31.62 -0.37
C LEU D 259 -40.73 30.51 0.36
N VAL D 260 -41.20 30.83 1.57
CA VAL D 260 -41.89 29.86 2.40
C VAL D 260 -42.99 30.55 3.20
N ALA D 261 -44.15 29.90 3.26
CA ALA D 261 -45.27 30.34 4.09
C ALA D 261 -45.77 29.15 4.90
N GLN D 262 -46.03 29.38 6.19
CA GLN D 262 -46.42 28.30 7.10
C GLN D 262 -47.34 28.83 8.18
N TYR D 263 -48.32 28.00 8.57
CA TYR D 263 -49.20 28.28 9.68
C TYR D 263 -49.18 27.10 10.64
N GLN D 264 -49.41 27.38 11.93
CA GLN D 264 -49.37 26.37 12.98
C GLN D 264 -50.71 26.36 13.71
N PHE D 265 -51.46 25.28 13.56
CA PHE D 265 -52.73 25.11 14.26
C PHE D 265 -52.48 24.67 15.70
N ASP D 266 -53.45 24.98 16.57
CA ASP D 266 -53.30 24.67 17.99
C ASP D 266 -53.21 23.17 18.24
N PHE D 267 -53.92 22.37 17.47
CA PHE D 267 -53.99 20.93 17.70
C PHE D 267 -52.89 20.15 17.00
N GLY D 268 -51.99 20.82 16.28
CA GLY D 268 -50.80 20.17 15.75
C GLY D 268 -50.55 20.40 14.29
N LEU D 269 -51.60 20.37 13.47
CA LEU D 269 -51.44 20.47 12.03
C LEU D 269 -50.75 21.77 11.64
N ARG D 270 -49.68 21.67 10.85
CA ARG D 270 -48.93 22.83 10.38
C ARG D 270 -48.88 22.78 8.86
N PRO D 271 -49.78 23.46 8.15
CA PRO D 271 -49.68 23.51 6.69
C PRO D 271 -48.50 24.34 6.24
N SER D 272 -47.94 23.95 5.09
CA SER D 272 -46.76 24.62 4.56
C SER D 272 -46.82 24.67 3.05
N ILE D 273 -46.52 25.85 2.48
CA ILE D 273 -46.38 26.03 1.05
C ILE D 273 -45.09 26.81 0.82
N ALA D 274 -44.38 26.49 -0.26
CA ALA D 274 -43.09 27.10 -0.52
C ALA D 274 -42.80 27.13 -2.01
N TYR D 275 -41.94 28.07 -2.41
CA TYR D 275 -41.45 28.18 -3.77
C TYR D 275 -39.93 28.34 -3.74
N THR D 276 -39.26 27.74 -4.71
CA THR D 276 -37.80 27.71 -4.76
C THR D 276 -37.34 27.68 -6.21
N LYS D 277 -36.47 28.61 -6.58
CA LYS D 277 -35.89 28.64 -7.92
C LYS D 277 -34.42 29.02 -7.82
N SER D 278 -33.56 28.10 -8.23
CA SER D 278 -32.12 28.35 -8.37
C SER D 278 -31.76 28.18 -9.84
N LYS D 279 -31.13 29.20 -10.42
CA LYS D 279 -30.80 29.20 -11.83
C LYS D 279 -29.35 29.63 -12.00
N ALA D 280 -28.59 28.86 -12.77
CA ALA D 280 -27.19 29.15 -13.01
C ALA D 280 -27.03 29.87 -14.35
N LYS D 281 -26.01 30.71 -14.42
CA LYS D 281 -25.72 31.48 -15.63
C LYS D 281 -24.23 31.39 -15.92
N ASP D 282 -23.87 31.58 -17.19
CA ASP D 282 -22.49 31.46 -17.65
C ASP D 282 -21.99 30.03 -17.56
N VAL D 283 -22.90 29.06 -17.66
CA VAL D 283 -22.53 27.65 -17.66
C VAL D 283 -21.81 27.33 -18.96
N GLU D 284 -20.64 26.71 -18.85
CA GLU D 284 -19.81 26.45 -20.02
C GLU D 284 -20.56 25.60 -21.04
N GLY D 285 -20.80 26.17 -22.22
CA GLY D 285 -21.41 25.45 -23.32
C GLY D 285 -22.91 25.57 -23.42
N ILE D 286 -23.58 26.03 -22.37
CA ILE D 286 -25.04 26.08 -22.36
C ILE D 286 -25.52 27.49 -22.02
N GLY D 287 -24.80 28.17 -21.15
CA GLY D 287 -25.20 29.52 -20.72
C GLY D 287 -26.07 29.48 -19.47
N ASP D 288 -27.37 29.71 -19.64
CA ASP D 288 -28.31 29.73 -18.54
C ASP D 288 -29.09 28.42 -18.45
N VAL D 289 -29.23 27.91 -17.23
CA VAL D 289 -29.98 26.68 -16.97
C VAL D 289 -30.63 26.80 -15.60
N ASP D 290 -31.74 26.09 -15.41
CA ASP D 290 -32.44 26.04 -14.14
C ASP D 290 -31.99 24.82 -13.35
N LEU D 291 -31.50 25.05 -12.14
CA LEU D 291 -31.06 23.97 -11.26
C LEU D 291 -32.22 23.42 -10.43
N VAL D 292 -33.00 24.30 -9.83
CA VAL D 292 -34.15 23.93 -9.00
C VAL D 292 -35.32 24.82 -9.38
N ASN D 293 -36.52 24.25 -9.36
CA ASN D 293 -37.73 24.97 -9.74
C ASN D 293 -38.96 24.16 -9.36
N TYR D 294 -39.70 24.59 -8.35
CA TYR D 294 -40.84 23.81 -7.89
C TYR D 294 -41.72 24.66 -6.98
N PHE D 295 -42.95 24.19 -6.81
CA PHE D 295 -43.85 24.61 -5.74
C PHE D 295 -44.01 23.47 -4.75
N GLU D 296 -44.36 23.81 -3.52
CA GLU D 296 -44.45 22.83 -2.45
C GLU D 296 -45.79 22.95 -1.74
N VAL D 297 -46.45 21.81 -1.53
CA VAL D 297 -47.65 21.72 -0.71
C VAL D 297 -47.40 20.62 0.32
N GLY D 298 -47.37 21.00 1.59
CA GLY D 298 -47.04 20.05 2.64
C GLY D 298 -47.69 20.40 3.96
N ALA D 299 -47.80 19.39 4.81
CA ALA D 299 -48.40 19.52 6.13
C ALA D 299 -47.64 18.63 7.11
N THR D 300 -47.45 19.12 8.33
CA THR D 300 -46.82 18.36 9.40
C THR D 300 -47.75 18.39 10.61
N TYR D 301 -48.12 17.22 11.10
CA TYR D 301 -48.98 17.10 12.28
C TYR D 301 -48.10 16.76 13.49
N TYR D 302 -47.99 17.71 14.42
CA TYR D 302 -47.24 17.52 15.65
C TYR D 302 -48.16 16.93 16.71
N PHE D 303 -48.02 15.63 16.97
CA PHE D 303 -48.72 15.04 18.11
C PHE D 303 -48.27 15.69 19.41
N ASN D 304 -46.97 15.91 19.56
CA ASN D 304 -46.37 16.58 20.71
C ASN D 304 -44.90 16.81 20.37
N LYS D 305 -44.12 17.23 21.37
CA LYS D 305 -42.72 17.58 21.13
C LYS D 305 -41.86 16.38 20.73
N ASN D 306 -42.35 15.15 20.90
CA ASN D 306 -41.52 13.98 20.66
C ASN D 306 -41.86 13.22 19.39
N MET D 307 -43.08 13.35 18.86
CA MET D 307 -43.47 12.60 17.69
C MET D 307 -44.22 13.51 16.72
N SER D 308 -44.03 13.25 15.42
CA SER D 308 -44.66 14.03 14.37
C SER D 308 -44.74 13.19 13.12
N THR D 309 -45.61 13.61 12.20
CA THR D 309 -45.77 12.97 10.90
C THR D 309 -45.97 14.08 9.88
N TYR D 310 -45.39 13.90 8.70
CA TYR D 310 -45.45 14.93 7.67
C TYR D 310 -45.61 14.30 6.30
N VAL D 311 -46.17 15.09 5.39
CA VAL D 311 -46.29 14.74 3.98
C VAL D 311 -45.88 15.97 3.19
N ASP D 312 -44.96 15.79 2.25
CA ASP D 312 -44.39 16.90 1.49
C ASP D 312 -44.45 16.56 0.02
N TYR D 313 -45.20 17.36 -0.75
CA TYR D 313 -45.36 17.17 -2.18
C TYR D 313 -44.61 18.30 -2.89
N ILE D 314 -43.68 17.92 -3.76
CA ILE D 314 -42.88 18.86 -4.53
C ILE D 314 -43.36 18.79 -5.98
N ILE D 315 -44.03 19.85 -6.43
CA ILE D 315 -44.46 19.96 -7.82
C ILE D 315 -43.28 20.55 -8.60
N ASN D 316 -42.58 19.70 -9.34
CA ASN D 316 -41.35 20.12 -10.00
C ASN D 316 -41.68 20.78 -11.34
N GLN D 317 -41.16 22.00 -11.52
CA GLN D 317 -41.38 22.77 -12.74
C GLN D 317 -40.23 22.64 -13.72
N ILE D 318 -39.16 21.93 -13.36
CA ILE D 318 -38.02 21.81 -14.27
C ILE D 318 -38.49 21.31 -15.63
N ASP D 319 -37.90 21.85 -16.68
CA ASP D 319 -38.30 21.50 -18.03
C ASP D 319 -37.84 20.09 -18.38
N SER D 320 -38.67 19.39 -19.16
CA SER D 320 -38.30 18.05 -19.60
C SER D 320 -37.12 18.06 -20.55
N ASP D 321 -36.83 19.20 -21.17
CA ASP D 321 -35.68 19.36 -22.06
C ASP D 321 -34.56 20.13 -21.37
N ASN D 322 -34.38 19.94 -20.07
CA ASN D 322 -33.34 20.66 -19.35
C ASN D 322 -31.97 20.31 -19.93
N LYS D 323 -31.18 21.34 -20.20
CA LYS D 323 -29.90 21.16 -20.89
C LYS D 323 -28.83 20.56 -19.99
N LEU D 324 -29.12 20.33 -18.71
CA LEU D 324 -28.22 19.63 -17.81
C LEU D 324 -28.78 18.29 -17.34
N GLY D 325 -29.96 17.92 -17.81
CA GLY D 325 -30.56 16.66 -17.41
C GLY D 325 -31.20 16.67 -16.04
N VAL D 326 -31.52 17.85 -15.51
CA VAL D 326 -32.14 17.91 -14.19
C VAL D 326 -33.51 17.25 -14.22
N GLY D 327 -33.83 16.53 -13.16
CA GLY D 327 -35.12 15.85 -13.08
C GLY D 327 -36.27 16.83 -13.22
N SER D 328 -37.35 16.35 -13.82
CA SER D 328 -38.53 17.16 -14.06
C SER D 328 -39.80 16.60 -13.43
N ASP D 329 -39.73 15.41 -12.84
CA ASP D 329 -40.90 14.80 -12.24
C ASP D 329 -41.12 15.32 -10.82
N ASP D 330 -42.34 15.15 -10.34
CA ASP D 330 -42.68 15.52 -8.98
C ASP D 330 -42.18 14.45 -8.01
N THR D 331 -42.30 14.74 -6.72
CA THR D 331 -41.91 13.80 -5.68
C THR D 331 -42.73 14.06 -4.43
N VAL D 332 -43.20 12.99 -3.80
CA VAL D 332 -44.01 13.07 -2.60
C VAL D 332 -43.32 12.27 -1.51
N ALA D 333 -42.98 12.95 -0.41
CA ALA D 333 -42.38 12.31 0.75
C ALA D 333 -43.44 12.10 1.82
N VAL D 334 -43.42 10.92 2.45
CA VAL D 334 -44.31 10.58 3.56
C VAL D 334 -43.43 10.08 4.69
N GLY D 335 -43.52 10.73 5.84
CA GLY D 335 -42.61 10.45 6.93
C GLY D 335 -43.31 10.38 8.27
N ILE D 336 -42.81 9.52 9.13
CA ILE D 336 -43.24 9.41 10.52
C ILE D 336 -41.98 9.52 11.38
N VAL D 337 -41.99 10.45 12.33
CA VAL D 337 -40.78 10.85 13.04
C VAL D 337 -41.00 10.66 14.53
N TYR D 338 -40.12 9.89 15.16
CA TYR D 338 -39.96 9.91 16.61
C TYR D 338 -38.63 10.57 16.94
N GLN D 339 -38.62 11.40 17.99
CA GLN D 339 -37.41 12.10 18.38
C GLN D 339 -37.43 12.33 19.88
N PHE D 340 -36.24 12.47 20.44
CA PHE D 340 -36.08 12.72 21.88
C PHE D 340 -34.93 13.69 22.13
N ALA E 1 33.27 -1.72 -28.33
CA ALA E 1 33.68 -2.70 -29.37
C ALA E 1 32.56 -2.92 -30.38
N GLU E 2 32.86 -2.70 -31.65
CA GLU E 2 31.88 -2.87 -32.71
C GLU E 2 31.61 -4.36 -32.91
N ILE E 3 30.38 -4.79 -32.63
CA ILE E 3 30.01 -6.20 -32.67
C ILE E 3 29.03 -6.53 -33.79
N TYR E 4 28.46 -5.51 -34.45
CA TYR E 4 27.48 -5.73 -35.52
C TYR E 4 27.58 -4.57 -36.48
N ASN E 5 27.48 -4.86 -37.78
CA ASN E 5 27.50 -3.82 -38.80
C ASN E 5 26.96 -4.43 -40.09
N LYS E 6 25.65 -4.28 -40.30
CA LYS E 6 24.97 -4.81 -41.47
C LYS E 6 23.80 -3.89 -41.80
N ASP E 7 23.60 -3.64 -43.09
CA ASP E 7 22.50 -2.79 -43.56
C ASP E 7 22.59 -1.38 -42.98
N GLY E 8 23.82 -0.85 -42.92
CA GLY E 8 24.02 0.50 -42.47
C GLY E 8 23.67 0.74 -41.02
N ASN E 9 23.69 -0.30 -40.19
CA ASN E 9 23.43 -0.19 -38.76
C ASN E 9 24.56 -0.88 -38.03
N LYS E 10 25.37 -0.10 -37.32
CA LYS E 10 26.47 -0.61 -36.51
C LYS E 10 26.14 -0.43 -35.05
N VAL E 11 26.54 -1.41 -34.23
CA VAL E 11 26.27 -1.41 -32.80
C VAL E 11 27.58 -1.65 -32.08
N ASP E 12 27.95 -0.71 -31.22
CA ASP E 12 29.17 -0.79 -30.42
C ASP E 12 28.79 -1.18 -29.00
N LEU E 13 29.10 -2.41 -28.61
CA LEU E 13 28.91 -2.88 -27.24
C LEU E 13 30.22 -2.63 -26.49
N TYR E 14 30.19 -1.68 -25.55
CA TYR E 14 31.37 -1.26 -24.83
C TYR E 14 31.17 -1.45 -23.34
N GLY E 15 32.29 -1.66 -22.64
CA GLY E 15 32.25 -1.85 -21.20
C GLY E 15 33.63 -1.65 -20.62
N LYS E 16 33.73 -1.83 -19.31
CA LYS E 16 35.01 -1.73 -18.63
C LYS E 16 34.88 -2.28 -17.22
N ALA E 17 35.98 -2.80 -16.70
CA ALA E 17 36.08 -3.28 -15.32
C ALA E 17 37.23 -2.56 -14.65
N VAL E 18 36.92 -1.77 -13.63
CA VAL E 18 37.89 -0.90 -12.98
C VAL E 18 38.08 -1.39 -11.55
N GLY E 19 39.21 -2.04 -11.29
CA GLY E 19 39.59 -2.35 -9.92
C GLY E 19 40.22 -1.13 -9.28
N LEU E 20 39.60 -0.62 -8.22
CA LEU E 20 39.93 0.68 -7.68
C LEU E 20 39.97 0.63 -6.17
N HIS E 21 40.93 1.34 -5.58
CA HIS E 21 41.04 1.46 -4.13
C HIS E 21 41.37 2.89 -3.77
N TYR E 22 40.66 3.43 -2.78
CA TYR E 22 40.93 4.75 -2.23
C TYR E 22 41.70 4.58 -0.92
N PHE E 23 42.68 5.47 -0.69
CA PHE E 23 43.45 5.46 0.54
C PHE E 23 43.33 6.81 1.23
N SER E 24 42.78 6.80 2.44
CA SER E 24 42.71 7.98 3.29
C SER E 24 42.90 7.54 4.73
N LYS E 25 43.35 8.46 5.56
CA LYS E 25 43.66 8.14 6.95
C LYS E 25 42.39 7.94 7.76
N GLY E 26 42.42 6.95 8.65
CA GLY E 26 41.26 6.62 9.46
C GLY E 26 40.17 5.93 8.66
N ASN E 27 38.94 6.06 9.17
CA ASN E 27 37.79 5.50 8.47
C ASN E 27 37.50 6.19 7.15
N GLY E 28 38.05 7.39 6.95
CA GLY E 28 37.82 8.13 5.73
C GLY E 28 36.56 8.97 5.72
N GLU E 29 35.86 9.07 6.86
CA GLU E 29 34.63 9.86 6.91
C GLU E 29 34.92 11.35 6.75
N ASN E 30 36.12 11.80 7.12
CA ASN E 30 36.51 13.19 6.98
C ASN E 30 37.40 13.44 5.77
N SER E 31 37.35 12.57 4.77
CA SER E 31 38.22 12.67 3.61
C SER E 31 37.45 13.18 2.40
N TYR E 32 38.19 13.39 1.31
CA TYR E 32 37.62 13.89 0.06
C TYR E 32 36.91 12.79 -0.71
N GLY E 33 37.51 11.60 -0.77
CA GLY E 33 36.96 10.50 -1.54
C GLY E 33 36.48 9.34 -0.70
N GLY E 34 37.09 9.14 0.47
CA GLY E 34 36.77 8.05 1.35
C GLY E 34 37.92 7.08 1.50
N ASN E 35 37.59 5.88 1.98
CA ASN E 35 38.59 4.85 2.20
C ASN E 35 37.94 3.48 2.06
N GLY E 36 38.62 2.58 1.35
CA GLY E 36 38.20 1.21 1.18
C GLY E 36 38.16 0.84 -0.28
N ASP E 37 37.43 -0.24 -0.57
CA ASP E 37 37.29 -0.72 -1.95
C ASP E 37 36.31 0.16 -2.71
N MET E 38 36.64 0.42 -3.98
CA MET E 38 35.77 1.22 -4.85
C MET E 38 35.62 0.60 -6.24
N THR E 39 35.96 -0.68 -6.39
CA THR E 39 35.87 -1.34 -7.68
C THR E 39 34.46 -1.20 -8.27
N TYR E 40 34.39 -1.01 -9.58
CA TYR E 40 33.11 -0.89 -10.28
C TYR E 40 33.30 -1.33 -11.73
N ALA E 41 32.17 -1.48 -12.42
CA ALA E 41 32.16 -1.89 -13.82
C ALA E 41 31.07 -1.14 -14.57
N ARG E 42 31.28 -0.99 -15.88
CA ARG E 42 30.35 -0.26 -16.75
C ARG E 42 29.99 -1.11 -17.95
N LEU E 43 28.73 -1.02 -18.38
CA LEU E 43 28.26 -1.65 -19.59
C LEU E 43 27.37 -0.67 -20.34
N GLY E 44 27.34 -0.80 -21.66
CA GLY E 44 26.50 0.06 -22.47
C GLY E 44 26.68 -0.26 -23.94
N PHE E 45 25.84 0.37 -24.75
CA PHE E 45 25.90 0.21 -26.20
C PHE E 45 25.62 1.53 -26.87
N LYS E 46 26.31 1.77 -27.99
CA LYS E 46 26.10 2.95 -28.83
C LYS E 46 25.72 2.46 -30.22
N GLY E 47 24.52 2.82 -30.66
CA GLY E 47 23.99 2.39 -31.95
C GLY E 47 23.87 3.56 -32.91
N GLU E 48 24.15 3.28 -34.18
CA GLU E 48 24.11 4.31 -35.22
C GLU E 48 23.64 3.66 -36.51
N THR E 49 22.64 4.27 -37.15
CA THR E 49 22.06 3.72 -38.36
C THR E 49 21.97 4.79 -39.45
N GLN E 50 22.33 4.41 -40.67
CA GLN E 50 22.27 5.30 -41.84
C GLN E 50 20.89 5.14 -42.47
N ILE E 51 19.97 6.05 -42.15
CA ILE E 51 18.63 5.98 -42.71
C ILE E 51 18.67 6.28 -44.21
N ASN E 52 19.45 7.28 -44.60
CA ASN E 52 19.66 7.60 -46.02
C ASN E 52 20.94 8.40 -46.14
N SER E 53 21.16 9.01 -47.31
CA SER E 53 22.42 9.68 -47.57
C SER E 53 22.71 10.77 -46.54
N ASP E 54 21.66 11.45 -46.07
CA ASP E 54 21.80 12.55 -45.12
C ASP E 54 21.31 12.22 -43.72
N LEU E 55 20.17 11.54 -43.61
CA LEU E 55 19.56 11.27 -42.32
C LEU E 55 20.27 10.14 -41.59
N THR E 56 20.46 10.31 -40.29
CA THR E 56 21.15 9.33 -39.46
C THR E 56 20.48 9.26 -38.10
N GLY E 57 20.12 8.05 -37.67
CA GLY E 57 19.54 7.81 -36.36
C GLY E 57 20.55 7.15 -35.44
N TYR E 58 20.46 7.45 -34.14
CA TYR E 58 21.41 6.89 -33.19
C TYR E 58 20.75 6.82 -31.82
N GLY E 59 21.30 5.94 -30.98
CA GLY E 59 20.85 5.79 -29.60
C GLY E 59 21.98 5.25 -28.75
N GLN E 60 21.85 5.45 -27.44
CA GLN E 60 22.92 5.06 -26.52
C GLN E 60 22.34 4.74 -25.16
N TRP E 61 23.02 3.84 -24.45
CA TRP E 61 22.65 3.42 -23.11
C TRP E 61 23.90 3.01 -22.35
N GLU E 62 23.95 3.35 -21.06
CA GLU E 62 25.12 3.03 -20.24
C GLU E 62 24.67 2.78 -18.81
N TYR E 63 25.28 1.79 -18.17
CA TYR E 63 24.93 1.37 -16.83
C TYR E 63 26.18 1.19 -15.98
N ASN E 64 26.05 1.42 -14.68
CA ASN E 64 27.15 1.30 -13.73
C ASN E 64 26.80 0.25 -12.69
N PHE E 65 27.48 -0.89 -12.75
CA PHE E 65 27.40 -1.90 -11.71
C PHE E 65 28.57 -1.71 -10.76
N GLN E 66 28.30 -1.74 -9.46
CA GLN E 66 29.34 -1.61 -8.45
C GLN E 66 29.91 -2.99 -8.11
N GLY E 67 31.19 -3.01 -7.76
CA GLY E 67 31.85 -4.24 -7.39
C GLY E 67 32.27 -4.27 -5.94
N ASN E 68 32.09 -3.14 -5.25
CA ASN E 68 32.44 -3.02 -3.84
C ASN E 68 31.28 -3.34 -2.90
N ASN E 69 30.22 -3.94 -3.42
CA ASN E 69 29.08 -4.34 -2.61
C ASN E 69 29.08 -5.86 -2.44
N SER E 70 28.46 -6.31 -1.35
CA SER E 70 28.32 -7.72 -1.10
C SER E 70 27.15 -8.30 -1.90
N GLU E 71 27.04 -9.62 -1.91
CA GLU E 71 25.93 -10.29 -2.56
C GLU E 71 24.68 -10.34 -1.68
N GLY E 72 24.71 -9.71 -0.51
CA GLY E 72 23.58 -9.73 0.38
C GLY E 72 22.59 -8.61 0.12
N ALA E 73 22.04 -8.05 1.19
CA ALA E 73 20.95 -7.08 1.06
C ALA E 73 21.41 -5.75 0.48
N ASP E 74 22.71 -5.49 0.44
CA ASP E 74 23.24 -4.23 -0.09
C ASP E 74 23.83 -4.39 -1.48
N ALA E 75 23.40 -5.40 -2.23
CA ALA E 75 24.01 -5.68 -3.53
C ALA E 75 23.78 -4.55 -4.53
N GLN E 76 22.63 -3.88 -4.48
CA GLN E 76 22.28 -2.87 -5.46
C GLN E 76 22.72 -1.46 -5.07
N THR E 77 23.35 -1.28 -3.92
CA THR E 77 23.75 0.05 -3.49
C THR E 77 24.76 0.64 -4.47
N GLY E 78 24.37 1.73 -5.13
CA GLY E 78 25.24 2.43 -6.05
C GLY E 78 25.06 2.07 -7.51
N ASN E 79 24.25 1.06 -7.82
CA ASN E 79 23.98 0.74 -9.22
C ASN E 79 23.03 1.78 -9.82
N LYS E 80 23.22 2.10 -11.09
CA LYS E 80 22.48 3.20 -11.70
C LYS E 80 22.63 3.15 -13.22
N THR E 81 21.77 3.90 -13.90
CA THR E 81 21.81 4.10 -15.35
C THR E 81 22.34 5.50 -15.61
N ARG E 82 23.47 5.59 -16.32
CA ARG E 82 24.10 6.89 -16.57
C ARG E 82 23.45 7.64 -17.73
N LEU E 83 23.31 6.98 -18.88
CA LEU E 83 22.78 7.63 -20.08
C LEU E 83 21.71 6.75 -20.74
N ALA E 84 20.81 7.40 -21.48
CA ALA E 84 19.78 6.69 -22.23
C ALA E 84 19.00 7.66 -23.12
N PHE E 85 19.35 7.74 -24.40
CA PHE E 85 18.73 8.70 -25.29
C PHE E 85 18.72 8.16 -26.71
N ALA E 86 18.00 8.88 -27.58
CA ALA E 86 17.94 8.57 -29.00
C ALA E 86 17.73 9.88 -29.76
N GLY E 87 18.20 9.91 -31.01
CA GLY E 87 18.12 11.14 -31.78
C GLY E 87 18.30 10.90 -33.26
N LEU E 88 18.15 11.99 -34.01
CA LEU E 88 18.24 11.98 -35.47
C LEU E 88 19.20 13.09 -35.90
N LYS E 89 19.70 12.97 -37.13
CA LYS E 89 20.68 13.93 -37.61
C LYS E 89 20.51 14.18 -39.11
N TYR E 90 20.58 15.46 -39.48
CA TYR E 90 20.53 15.93 -40.86
C TYR E 90 21.85 16.62 -41.19
N ALA E 91 22.26 16.54 -42.46
CA ALA E 91 23.57 17.05 -42.86
C ALA E 91 23.73 18.52 -42.50
N ASP E 92 24.45 18.79 -41.39
CA ASP E 92 24.80 20.13 -40.97
C ASP E 92 23.61 20.92 -40.43
N VAL E 93 22.38 20.47 -40.67
CA VAL E 93 21.24 21.17 -40.11
C VAL E 93 21.20 21.01 -38.60
N GLY E 94 21.61 19.85 -38.10
CA GLY E 94 21.71 19.62 -36.67
C GLY E 94 21.27 18.24 -36.24
N SER E 95 21.26 18.01 -34.93
CA SER E 95 20.86 16.73 -34.35
C SER E 95 19.95 17.00 -33.16
N PHE E 96 18.85 16.24 -33.09
CA PHE E 96 17.87 16.37 -32.02
C PHE E 96 17.80 15.03 -31.31
N ASP E 97 18.03 15.04 -29.99
CA ASP E 97 17.99 13.83 -29.18
C ASP E 97 17.29 14.12 -27.87
N TYR E 98 16.58 13.11 -27.37
CA TYR E 98 15.84 13.20 -26.12
C TYR E 98 16.16 12.00 -25.24
N GLY E 99 16.07 12.20 -23.93
CA GLY E 99 16.32 11.17 -22.95
C GLY E 99 17.18 11.71 -21.83
N ARG E 100 17.83 10.78 -21.12
CA ARG E 100 18.80 11.14 -20.09
C ARG E 100 20.16 11.34 -20.76
N ASN E 101 20.66 12.57 -20.73
CA ASN E 101 21.91 12.91 -21.40
C ASN E 101 22.58 14.03 -20.61
N TYR E 102 23.68 14.55 -21.16
CA TYR E 102 24.44 15.60 -20.47
C TYR E 102 23.79 16.96 -20.67
N GLY E 103 23.89 17.80 -19.64
CA GLY E 103 23.45 19.17 -19.76
C GLY E 103 24.40 20.01 -20.59
N VAL E 104 23.88 21.12 -21.13
CA VAL E 104 24.66 21.92 -22.06
C VAL E 104 25.87 22.53 -21.36
N VAL E 105 25.74 22.92 -20.09
CA VAL E 105 26.86 23.54 -19.39
C VAL E 105 28.04 22.59 -19.25
N TYR E 106 27.81 21.28 -19.38
CA TYR E 106 28.94 20.36 -19.37
C TYR E 106 29.87 20.59 -20.55
N ASP E 107 29.33 21.11 -21.67
CA ASP E 107 30.19 21.45 -22.80
C ASP E 107 31.37 22.29 -22.35
N ALA E 108 31.14 23.26 -21.46
CA ALA E 108 32.24 24.05 -20.91
C ALA E 108 32.98 23.29 -19.83
N LEU E 109 32.24 22.72 -18.87
CA LEU E 109 32.88 22.08 -17.72
C LEU E 109 33.72 20.89 -18.14
N GLY E 110 33.36 20.23 -19.24
CA GLY E 110 34.11 19.10 -19.73
C GLY E 110 35.56 19.40 -20.03
N TYR E 111 35.89 20.67 -20.30
CA TYR E 111 37.28 21.02 -20.60
C TYR E 111 38.23 20.58 -19.50
N THR E 112 37.78 20.62 -18.24
CA THR E 112 38.64 20.36 -17.10
C THR E 112 38.32 19.05 -16.39
N ASP E 113 37.52 18.18 -17.02
CA ASP E 113 37.17 16.89 -16.43
C ASP E 113 37.98 15.77 -17.07
N MET E 114 39.30 15.92 -16.99
CA MET E 114 40.22 15.02 -17.67
C MET E 114 41.08 14.20 -16.71
N LEU E 115 40.88 14.32 -15.40
CA LEU E 115 41.75 13.65 -14.45
C LEU E 115 41.47 12.15 -14.45
N PRO E 116 42.42 11.35 -13.93
CA PRO E 116 42.23 9.89 -13.95
C PRO E 116 41.03 9.43 -13.15
N GLU E 117 40.82 10.00 -11.96
CA GLU E 117 39.73 9.56 -11.09
C GLU E 117 38.83 10.71 -10.67
N PHE E 118 39.41 11.78 -10.13
CA PHE E 118 38.64 12.88 -9.57
C PHE E 118 38.46 13.98 -10.62
N GLY E 119 38.13 15.19 -10.17
CA GLY E 119 37.99 16.32 -11.07
C GLY E 119 36.55 16.58 -11.47
N GLY E 120 36.37 17.68 -12.19
CA GLY E 120 35.04 18.05 -12.66
C GLY E 120 33.99 18.08 -11.59
N ASP E 121 34.33 18.63 -10.42
CA ASP E 121 33.41 18.64 -9.29
C ASP E 121 32.18 19.49 -9.55
N THR E 122 32.20 20.37 -10.56
CA THR E 122 31.04 21.22 -10.81
C THR E 122 29.96 20.53 -11.64
N ALA E 123 30.28 19.44 -12.32
CA ALA E 123 29.31 18.72 -13.15
C ALA E 123 28.55 17.71 -12.29
N TYR E 124 27.74 18.25 -11.37
CA TYR E 124 26.98 17.41 -10.47
C TYR E 124 25.86 16.68 -11.23
N SER E 125 25.65 15.42 -10.88
CA SER E 125 24.59 14.64 -11.49
C SER E 125 23.22 15.09 -10.99
N ASP E 126 22.25 15.14 -11.90
CA ASP E 126 20.89 15.55 -11.58
C ASP E 126 20.87 16.96 -11.00
N ASP E 127 21.62 17.87 -11.62
CA ASP E 127 21.79 19.23 -11.15
C ASP E 127 21.61 20.19 -12.34
N PHE E 128 20.39 20.21 -12.89
CA PHE E 128 20.02 21.13 -13.97
C PHE E 128 20.90 20.86 -15.17
N PHE E 129 21.73 21.81 -15.62
CA PHE E 129 22.40 21.69 -16.90
C PHE E 129 23.89 21.40 -16.80
N VAL E 130 24.42 21.13 -15.60
CA VAL E 130 25.86 20.94 -15.43
C VAL E 130 26.29 19.48 -15.44
N GLY E 131 25.36 18.54 -15.37
CA GLY E 131 25.73 17.13 -15.36
C GLY E 131 24.67 16.22 -15.95
N ARG E 132 24.90 14.91 -15.87
CA ARG E 132 23.92 13.96 -16.38
C ARG E 132 22.57 14.20 -15.73
N VAL E 133 21.54 14.39 -16.56
CA VAL E 133 20.19 14.70 -16.10
C VAL E 133 19.19 13.94 -16.95
N GLY E 134 17.95 13.91 -16.46
CA GLY E 134 16.88 13.14 -17.10
C GLY E 134 15.93 14.02 -17.90
N GLY E 135 15.51 13.50 -19.05
CA GLY E 135 14.49 14.14 -19.86
C GLY E 135 14.86 15.50 -20.42
N VAL E 136 15.96 15.57 -21.17
CA VAL E 136 16.43 16.81 -21.78
C VAL E 136 16.35 16.67 -23.29
N ALA E 137 15.56 17.53 -23.92
CA ALA E 137 15.50 17.63 -25.38
C ALA E 137 16.58 18.61 -25.83
N THR E 138 17.49 18.14 -26.68
CA THR E 138 18.67 18.91 -27.06
C THR E 138 18.77 18.98 -28.58
N TYR E 139 18.80 20.21 -29.10
CA TYR E 139 19.07 20.47 -30.51
C TYR E 139 20.50 21.01 -30.60
N ARG E 140 21.32 20.38 -31.42
CA ARG E 140 22.73 20.72 -31.54
C ARG E 140 23.09 20.83 -33.02
N ASN E 141 23.89 21.85 -33.36
CA ASN E 141 24.30 22.10 -34.73
C ASN E 141 25.81 22.32 -34.81
N SER E 142 26.43 21.74 -35.83
CA SER E 142 27.87 21.82 -36.01
C SER E 142 28.21 22.65 -37.25
N ASN E 143 29.21 23.50 -37.11
CA ASN E 143 29.75 24.31 -38.21
C ASN E 143 28.72 25.28 -38.78
N PHE E 144 27.68 25.60 -38.01
CA PHE E 144 26.65 26.53 -38.46
C PHE E 144 26.25 26.22 -39.89
N PHE E 145 25.60 25.08 -40.11
CA PHE E 145 25.15 24.66 -41.43
C PHE E 145 26.33 24.42 -42.38
N GLY E 146 27.49 24.10 -41.83
CA GLY E 146 28.65 23.81 -42.65
C GLY E 146 29.39 25.02 -43.19
N LEU E 147 29.16 26.20 -42.61
CA LEU E 147 29.74 27.44 -43.13
C LEU E 147 31.03 27.86 -42.44
N VAL E 148 31.19 27.56 -41.14
CA VAL E 148 32.37 27.98 -40.39
C VAL E 148 32.99 26.76 -39.74
N ASP E 149 34.30 26.56 -39.97
CA ASP E 149 35.01 25.42 -39.40
C ASP E 149 35.35 25.72 -37.95
N GLY E 150 34.82 24.89 -37.04
CA GLY E 150 35.09 25.01 -35.62
C GLY E 150 33.99 25.65 -34.82
N LEU E 151 32.97 26.21 -35.47
CA LEU E 151 31.89 26.90 -34.78
C LEU E 151 30.71 25.96 -34.59
N ASN E 152 30.37 25.67 -33.34
CA ASN E 152 29.24 24.83 -32.99
C ASN E 152 28.41 25.52 -31.91
N PHE E 153 27.11 25.23 -31.89
CA PHE E 153 26.24 25.78 -30.88
C PHE E 153 25.18 24.74 -30.52
N ALA E 154 24.53 24.97 -29.38
CA ALA E 154 23.56 24.01 -28.86
C ALA E 154 22.51 24.74 -28.03
N VAL E 155 21.29 24.21 -28.08
CA VAL E 155 20.17 24.69 -27.27
C VAL E 155 19.44 23.48 -26.71
N GLN E 156 19.04 23.56 -25.44
CA GLN E 156 18.54 22.41 -24.71
C GLN E 156 17.34 22.81 -23.85
N TYR E 157 16.33 21.95 -23.83
CA TYR E 157 15.13 22.13 -23.03
C TYR E 157 15.09 21.03 -21.97
N LEU E 158 15.01 21.44 -20.70
CA LEU E 158 15.02 20.51 -19.57
C LEU E 158 13.59 20.39 -19.02
N GLY E 159 13.07 19.16 -19.04
CA GLY E 159 11.72 18.90 -18.55
C GLY E 159 11.63 18.81 -17.04
N LYS E 160 10.40 18.95 -16.55
CA LYS E 160 10.14 18.93 -15.11
C LYS E 160 10.38 17.53 -14.55
N ASN E 161 11.04 17.45 -13.40
CA ASN E 161 11.25 16.17 -12.69
C ASN E 161 11.11 16.40 -11.19
N GLU E 162 9.93 16.10 -10.65
CA GLU E 162 9.68 16.19 -9.20
C GLU E 162 9.91 14.81 -8.58
N ARG E 163 11.13 14.59 -8.08
CA ARG E 163 11.52 13.32 -7.49
C ARG E 163 11.36 13.35 -5.97
N ASP E 164 11.67 12.21 -5.34
CA ASP E 164 11.52 12.06 -3.90
C ASP E 164 12.53 12.89 -3.11
N THR E 165 13.59 13.36 -3.76
CA THR E 165 14.64 14.11 -3.09
C THR E 165 14.70 15.54 -3.59
N ALA E 166 15.10 16.45 -2.70
CA ALA E 166 15.33 17.83 -3.11
C ALA E 166 16.60 17.94 -3.94
N ARG E 167 17.58 17.09 -3.66
CA ARG E 167 18.84 17.11 -4.40
C ARG E 167 18.63 16.71 -5.86
N ARG E 168 17.79 15.70 -6.10
CA ARG E 168 17.65 15.10 -7.42
C ARG E 168 16.48 15.67 -8.23
N SER E 169 15.87 16.76 -7.77
CA SER E 169 14.73 17.34 -8.45
C SER E 169 15.15 18.52 -9.32
N ASN E 170 14.22 18.96 -10.17
CA ASN E 170 14.43 20.12 -11.03
C ASN E 170 13.10 20.47 -11.68
N GLY E 171 12.98 21.73 -12.10
CA GLY E 171 11.82 22.22 -12.81
C GLY E 171 12.07 22.35 -14.30
N ASP E 172 11.24 23.15 -14.95
CA ASP E 172 11.42 23.43 -16.37
C ASP E 172 12.53 24.45 -16.55
N GLY E 173 13.27 24.34 -17.65
CA GLY E 173 14.38 25.24 -17.89
C GLY E 173 14.86 25.16 -19.31
N VAL E 174 15.73 26.11 -19.65
CA VAL E 174 16.35 26.19 -20.97
C VAL E 174 17.81 26.57 -20.79
N GLY E 175 18.64 26.16 -21.74
CA GLY E 175 20.06 26.45 -21.69
C GLY E 175 20.66 26.37 -23.07
N GLY E 176 21.90 26.83 -23.18
CA GLY E 176 22.58 26.83 -24.46
C GLY E 176 24.08 26.87 -24.28
N SER E 177 24.78 26.69 -25.39
CA SER E 177 26.23 26.68 -25.39
C SER E 177 26.72 27.04 -26.78
N ILE E 178 27.89 27.68 -26.82
CA ILE E 178 28.56 28.01 -28.07
C ILE E 178 30.04 27.70 -27.89
N SER E 179 30.68 27.26 -28.97
CA SER E 179 32.06 26.83 -28.93
C SER E 179 32.73 27.15 -30.25
N TYR E 180 34.00 27.55 -30.17
CA TYR E 180 34.84 27.82 -31.33
C TYR E 180 36.18 27.15 -31.11
N GLU E 181 36.68 26.46 -32.14
CA GLU E 181 37.96 25.77 -32.06
C GLU E 181 38.78 26.14 -33.29
N TYR E 182 40.04 26.53 -33.06
CA TYR E 182 40.95 26.89 -34.13
C TYR E 182 42.36 26.44 -33.75
N GLU E 183 42.96 25.62 -34.61
CA GLU E 183 44.36 25.20 -34.47
C GLU E 183 44.67 24.76 -33.04
N GLY E 184 43.91 23.78 -32.57
CA GLY E 184 44.13 23.21 -31.25
C GLY E 184 43.59 24.05 -30.11
N PHE E 185 43.29 25.33 -30.34
CA PHE E 185 42.73 26.18 -29.32
C PHE E 185 41.21 26.02 -29.30
N GLY E 186 40.63 26.17 -28.11
CA GLY E 186 39.20 26.05 -27.98
C GLY E 186 38.64 26.97 -26.92
N ILE E 187 37.57 27.67 -27.25
CA ILE E 187 36.86 28.54 -26.31
C ILE E 187 35.40 28.10 -26.30
N VAL E 188 34.79 28.10 -25.13
CA VAL E 188 33.44 27.60 -24.94
C VAL E 188 32.74 28.45 -23.89
N GLY E 189 31.46 28.71 -24.11
CA GLY E 189 30.63 29.35 -23.11
C GLY E 189 29.26 28.68 -23.08
N ALA E 190 28.68 28.59 -21.89
CA ALA E 190 27.41 27.89 -21.73
C ALA E 190 26.66 28.51 -20.56
N TYR E 191 25.33 28.56 -20.70
CA TYR E 191 24.47 29.18 -19.70
C TYR E 191 23.18 28.39 -19.62
N GLY E 192 22.59 28.37 -18.42
CA GLY E 192 21.31 27.71 -18.23
C GLY E 192 20.53 28.24 -17.05
N ALA E 193 19.22 28.39 -17.22
CA ALA E 193 18.32 28.82 -16.18
C ALA E 193 17.13 27.87 -16.13
N ALA E 194 16.50 27.77 -14.96
CA ALA E 194 15.40 26.84 -14.79
C ALA E 194 14.60 27.21 -13.55
N ASP E 195 13.36 26.72 -13.52
CA ASP E 195 12.51 26.88 -12.36
C ASP E 195 12.98 25.95 -11.23
N ARG E 196 12.40 26.16 -10.05
CA ARG E 196 12.68 25.31 -8.89
C ARG E 196 11.37 24.75 -8.35
N THR E 197 11.41 23.50 -7.92
CA THR E 197 10.22 22.85 -7.38
C THR E 197 9.95 23.35 -5.96
N ASN E 198 8.69 23.22 -5.55
CA ASN E 198 8.32 23.60 -4.18
C ASN E 198 9.17 22.84 -3.17
N LEU E 199 9.41 21.56 -3.39
CA LEU E 199 10.28 20.80 -2.49
C LEU E 199 11.66 21.43 -2.42
N GLN E 200 12.17 21.92 -3.55
CA GLN E 200 13.47 22.56 -3.55
C GLN E 200 13.44 23.87 -2.78
N GLU E 201 12.33 24.61 -2.89
CA GLU E 201 12.21 25.89 -2.18
C GLU E 201 12.03 25.68 -0.68
N ALA E 202 11.31 24.62 -0.29
CA ALA E 202 11.07 24.36 1.12
C ALA E 202 12.32 24.02 1.90
N GLN E 203 13.45 23.78 1.23
CA GLN E 203 14.66 23.40 1.94
C GLN E 203 15.25 24.62 2.66
N PRO E 204 15.93 24.40 3.79
CA PRO E 204 16.43 25.54 4.57
C PRO E 204 17.51 26.35 3.87
N LEU E 205 18.35 25.71 3.07
CA LEU E 205 19.46 26.39 2.40
C LEU E 205 19.05 26.72 0.97
N GLY E 206 19.21 27.97 0.59
CA GLY E 206 18.83 28.43 -0.74
C GLY E 206 17.54 29.23 -0.71
N ASN E 207 17.46 30.22 -1.61
CA ASN E 207 16.28 31.07 -1.72
C ASN E 207 16.16 31.57 -3.15
N GLY E 208 14.92 31.61 -3.65
CA GLY E 208 14.67 32.03 -5.01
C GLY E 208 13.74 31.08 -5.75
N LYS E 209 13.19 31.53 -6.87
CA LYS E 209 12.29 30.71 -7.68
C LYS E 209 12.95 30.20 -8.96
N LYS E 210 14.19 30.59 -9.24
CA LYS E 210 14.90 30.13 -10.43
C LYS E 210 16.34 29.77 -10.05
N ALA E 211 16.85 28.72 -10.69
CA ALA E 211 18.24 28.31 -10.56
C ALA E 211 18.99 28.63 -11.85
N GLU E 212 20.25 29.04 -11.71
CA GLU E 212 21.05 29.52 -12.83
C GLU E 212 22.44 28.92 -12.77
N GLN E 213 22.93 28.46 -13.93
CA GLN E 213 24.25 27.85 -14.05
C GLN E 213 24.88 28.29 -15.36
N TRP E 214 26.15 28.71 -15.31
CA TRP E 214 26.88 29.03 -16.52
C TRP E 214 28.36 28.84 -16.29
N ALA E 215 29.08 28.49 -17.37
CA ALA E 215 30.51 28.24 -17.29
C ALA E 215 31.14 28.55 -18.64
N THR E 216 32.43 28.84 -18.61
CA THR E 216 33.20 29.17 -19.80
C THR E 216 34.55 28.48 -19.72
N GLY E 217 35.06 28.05 -20.88
CA GLY E 217 36.26 27.24 -20.91
C GLY E 217 37.19 27.66 -22.02
N LEU E 218 38.49 27.46 -21.77
CA LEU E 218 39.54 27.72 -22.75
C LEU E 218 40.51 26.55 -22.70
N LYS E 219 40.87 26.02 -23.87
CA LYS E 219 41.71 24.82 -23.94
C LYS E 219 42.72 24.95 -25.05
N TYR E 220 43.84 24.23 -24.88
CA TYR E 220 44.81 23.97 -25.94
C TYR E 220 45.09 22.48 -25.94
N ASP E 221 44.87 21.83 -27.09
CA ASP E 221 45.00 20.37 -27.19
C ASP E 221 45.78 20.05 -28.47
N ALA E 222 47.07 19.82 -28.32
CA ALA E 222 47.94 19.48 -29.45
C ALA E 222 49.36 19.29 -28.94
N ASN E 223 50.18 18.63 -29.75
CA ASN E 223 51.59 18.40 -29.44
C ASN E 223 51.75 17.70 -28.09
N ASN E 224 50.89 16.72 -27.83
CA ASN E 224 50.90 15.93 -26.60
C ASN E 224 50.59 16.76 -25.36
N ILE E 225 50.15 18.01 -25.53
CA ILE E 225 49.87 18.90 -24.42
C ILE E 225 48.37 19.15 -24.36
N TYR E 226 47.82 19.20 -23.15
CA TYR E 226 46.43 19.55 -22.93
C TYR E 226 46.35 20.51 -21.75
N LEU E 227 46.04 21.76 -22.03
CA LEU E 227 45.80 22.78 -21.02
C LEU E 227 44.34 23.21 -21.12
N ALA E 228 43.70 23.41 -19.97
CA ALA E 228 42.30 23.78 -19.93
C ALA E 228 42.03 24.61 -18.69
N ALA E 229 41.16 25.61 -18.83
CA ALA E 229 40.75 26.46 -17.74
C ALA E 229 39.26 26.70 -17.82
N ASN E 230 38.59 26.66 -16.67
CA ASN E 230 37.15 26.87 -16.60
C ASN E 230 36.83 27.85 -15.50
N TYR E 231 35.96 28.82 -15.79
CA TYR E 231 35.37 29.68 -14.78
C TYR E 231 33.86 29.64 -14.94
N GLY E 232 33.15 29.46 -13.83
CA GLY E 232 31.70 29.41 -13.86
C GLY E 232 31.11 29.94 -12.58
N GLU E 233 29.86 30.40 -12.70
CA GLU E 233 29.09 30.91 -11.57
C GLU E 233 27.72 30.26 -11.58
N THR E 234 27.25 29.89 -10.40
CA THR E 234 25.97 29.22 -10.23
C THR E 234 25.14 29.97 -9.19
N ARG E 235 23.83 29.98 -9.40
CA ARG E 235 22.89 30.63 -8.48
C ARG E 235 21.83 29.60 -8.10
N ASN E 236 21.79 29.24 -6.82
CA ASN E 236 20.79 28.31 -6.31
C ASN E 236 20.85 26.97 -7.04
N ALA E 237 22.06 26.49 -7.33
CA ALA E 237 22.20 25.28 -8.13
C ALA E 237 23.15 24.26 -7.52
N THR E 238 24.15 24.71 -6.78
CA THR E 238 25.12 23.76 -6.23
C THR E 238 24.56 23.15 -4.95
N PRO E 239 24.51 21.81 -4.85
CA PRO E 239 23.97 21.19 -3.63
C PRO E 239 24.95 21.32 -2.48
N ILE E 240 24.39 21.55 -1.28
CA ILE E 240 25.19 21.73 -0.08
C ILE E 240 24.55 20.99 1.08
N THR E 241 25.39 20.49 1.99
CA THR E 241 24.93 19.85 3.21
C THR E 241 25.77 20.37 4.38
N ASN E 242 25.10 20.94 5.38
CA ASN E 242 25.76 21.36 6.62
C ASN E 242 25.80 20.15 7.54
N LYS E 243 26.99 19.63 7.81
CA LYS E 243 27.11 18.41 8.58
C LYS E 243 26.92 18.63 10.08
N PHE E 244 27.08 19.86 10.56
CA PHE E 244 26.93 20.13 11.98
C PHE E 244 25.46 20.23 12.37
N THR E 245 24.63 20.80 11.51
CA THR E 245 23.19 20.87 11.72
C THR E 245 22.43 19.85 10.89
N ASN E 246 23.12 19.06 10.07
CA ASN E 246 22.50 18.04 9.23
C ASN E 246 21.31 18.63 8.45
N THR E 247 21.63 19.60 7.60
CA THR E 247 20.66 20.24 6.74
C THR E 247 21.18 20.24 5.32
N SER E 248 20.25 20.27 4.35
CA SER E 248 20.60 20.18 2.95
C SER E 248 19.89 21.28 2.16
N GLY E 249 20.37 21.51 0.96
CA GLY E 249 19.80 22.50 0.08
C GLY E 249 20.76 22.88 -1.04
N PHE E 250 20.82 24.17 -1.38
CA PHE E 250 21.69 24.64 -2.44
C PHE E 250 22.34 25.96 -2.03
N ALA E 251 23.51 26.22 -2.60
CA ALA E 251 24.22 27.46 -2.34
C ALA E 251 23.56 28.59 -3.13
N ASN E 252 23.30 29.71 -2.45
CA ASN E 252 22.67 30.84 -3.11
C ASN E 252 23.56 31.40 -4.22
N LYS E 253 24.88 31.25 -4.08
CA LYS E 253 25.83 31.68 -5.10
C LYS E 253 27.12 30.90 -4.92
N THR E 254 27.78 30.59 -6.04
CA THR E 254 29.04 29.88 -6.01
C THR E 254 29.93 30.38 -7.13
N GLN E 255 31.23 30.47 -6.83
CA GLN E 255 32.25 30.79 -7.82
C GLN E 255 33.15 29.58 -7.97
N ASP E 256 33.23 29.05 -9.19
CA ASP E 256 33.91 27.79 -9.45
C ASP E 256 35.02 28.03 -10.45
N VAL E 257 36.22 27.53 -10.13
CA VAL E 257 37.40 27.68 -10.97
C VAL E 257 38.08 26.33 -11.10
N LEU E 258 38.41 25.96 -12.34
CA LEU E 258 39.06 24.69 -12.65
C LEU E 258 40.25 24.93 -13.56
N LEU E 259 41.36 24.26 -13.26
CA LEU E 259 42.58 24.35 -14.04
C LEU E 259 43.16 22.96 -14.21
N VAL E 260 43.63 22.66 -15.42
CA VAL E 260 44.16 21.34 -15.74
C VAL E 260 45.33 21.49 -16.71
N ALA E 261 46.43 20.79 -16.43
CA ALA E 261 47.57 20.69 -17.32
C ALA E 261 47.98 19.23 -17.45
N GLN E 262 48.24 18.79 -18.68
CA GLN E 262 48.54 17.40 -18.94
C GLN E 262 49.50 17.28 -20.11
N TYR E 263 50.40 16.30 -20.03
CA TYR E 263 51.31 15.95 -21.11
C TYR E 263 51.18 14.47 -21.40
N GLN E 264 51.46 14.10 -22.65
CA GLN E 264 51.32 12.72 -23.13
C GLN E 264 52.65 12.23 -23.66
N PHE E 265 53.25 11.25 -22.99
CA PHE E 265 54.48 10.65 -23.47
C PHE E 265 54.19 9.70 -24.62
N ASP E 266 55.19 9.51 -25.48
CA ASP E 266 54.99 8.65 -26.65
C ASP E 266 54.71 7.21 -26.25
N PHE E 267 55.33 6.74 -25.17
CA PHE E 267 55.21 5.36 -24.75
C PHE E 267 54.04 5.12 -23.80
N GLY E 268 53.27 6.15 -23.46
CA GLY E 268 52.04 5.96 -22.72
C GLY E 268 51.84 6.82 -21.48
N LEU E 269 52.90 7.01 -20.70
CA LEU E 269 52.77 7.72 -19.43
C LEU E 269 52.25 9.13 -19.67
N ARG E 270 51.19 9.50 -18.94
CA ARG E 270 50.56 10.80 -19.07
C ARG E 270 50.52 11.51 -17.72
N PRO E 271 51.47 12.38 -17.42
CA PRO E 271 51.40 13.14 -16.17
C PRO E 271 50.26 14.16 -16.21
N SER E 272 49.70 14.43 -15.04
CA SER E 272 48.56 15.33 -14.92
C SER E 272 48.68 16.15 -13.65
N ILE E 273 48.45 17.46 -13.77
CA ILE E 273 48.38 18.37 -12.64
C ILE E 273 47.11 19.20 -12.80
N ALA E 274 46.45 19.49 -11.67
CA ALA E 274 45.18 20.20 -11.72
C ALA E 274 44.96 20.97 -10.44
N TYR E 275 44.13 22.02 -10.56
CA TYR E 275 43.68 22.82 -9.43
C TYR E 275 42.18 23.04 -9.54
N THR E 276 41.51 23.05 -8.40
CA THR E 276 40.06 23.17 -8.37
C THR E 276 39.65 23.88 -7.08
N LYS E 277 38.90 24.97 -7.22
CA LYS E 277 38.39 25.71 -6.06
C LYS E 277 36.98 26.19 -6.34
N SER E 278 36.02 25.72 -5.55
CA SER E 278 34.65 26.19 -5.57
C SER E 278 34.32 26.81 -4.23
N LYS E 279 33.79 28.03 -4.24
CA LYS E 279 33.51 28.79 -3.02
C LYS E 279 32.09 29.33 -3.11
N ALA E 280 31.33 29.16 -2.04
CA ALA E 280 29.95 29.58 -1.97
C ALA E 280 29.82 30.94 -1.27
N LYS E 281 28.78 31.68 -1.63
CA LYS E 281 28.49 32.98 -1.06
C LYS E 281 27.02 33.04 -0.68
N ASP E 282 26.72 33.89 0.30
CA ASP E 282 25.35 34.08 0.79
C ASP E 282 24.81 32.83 1.48
N VAL E 283 25.68 31.99 2.03
CA VAL E 283 25.23 30.81 2.74
C VAL E 283 24.56 31.20 4.05
N GLU E 284 23.33 30.73 4.25
CA GLU E 284 22.56 31.10 5.43
C GLU E 284 23.27 30.65 6.70
N GLY E 285 23.65 31.60 7.54
CA GLY E 285 24.25 31.29 8.82
C GLY E 285 25.76 31.22 8.82
N ILE E 286 26.39 31.17 7.64
CA ILE E 286 27.83 30.98 7.56
C ILE E 286 28.45 32.09 6.72
N GLY E 287 27.75 32.53 5.69
CA GLY E 287 28.26 33.57 4.79
C GLY E 287 29.03 32.96 3.61
N ASP E 288 30.36 33.08 3.64
CA ASP E 288 31.24 32.54 2.61
C ASP E 288 31.84 31.25 3.11
N VAL E 289 31.89 30.24 2.24
CA VAL E 289 32.42 28.92 2.59
C VAL E 289 33.16 28.33 1.41
N ASP E 290 34.10 27.43 1.72
CA ASP E 290 34.85 26.70 0.72
C ASP E 290 34.15 25.36 0.48
N LEU E 291 33.74 25.11 -0.77
CA LEU E 291 33.12 23.84 -1.11
C LEU E 291 34.14 22.80 -1.55
N VAL E 292 35.04 23.19 -2.45
CA VAL E 292 36.11 22.32 -2.95
C VAL E 292 37.39 23.15 -3.00
N ASN E 293 38.52 22.50 -2.71
CA ASN E 293 39.80 23.20 -2.69
C ASN E 293 40.93 22.19 -2.57
N TYR E 294 41.71 22.01 -3.65
CA TYR E 294 42.76 21.01 -3.63
C TYR E 294 43.70 21.24 -4.81
N PHE E 295 44.88 20.63 -4.70
CA PHE E 295 45.80 20.42 -5.80
C PHE E 295 45.86 18.92 -6.11
N GLU E 296 46.22 18.59 -7.34
CA GLU E 296 46.23 17.21 -7.80
C GLU E 296 47.56 16.88 -8.46
N VAL E 297 48.15 15.75 -8.07
CA VAL E 297 49.33 15.18 -8.71
C VAL E 297 49.02 13.74 -9.08
N GLY E 298 49.01 13.43 -10.37
CA GLY E 298 48.62 12.11 -10.83
C GLY E 298 49.30 11.72 -12.12
N ALA E 299 49.34 10.42 -12.37
CA ALA E 299 49.93 9.85 -13.58
C ALA E 299 49.08 8.68 -14.05
N THR E 300 48.91 8.57 -15.36
CA THR E 300 48.19 7.48 -15.98
C THR E 300 49.05 6.86 -17.07
N TYR E 301 49.27 5.55 -16.98
CA TYR E 301 50.02 4.81 -17.98
C TYR E 301 49.06 4.03 -18.88
N TYR E 302 49.02 4.39 -20.16
CA TYR E 302 48.22 3.67 -21.15
C TYR E 302 49.08 2.53 -21.66
N PHE E 303 48.81 1.31 -21.20
CA PHE E 303 49.44 0.14 -21.80
C PHE E 303 49.08 0.04 -23.27
N ASN E 304 47.83 0.29 -23.60
CA ASN E 304 47.31 0.34 -24.95
C ASN E 304 45.88 0.89 -24.84
N LYS E 305 45.13 0.83 -25.94
CA LYS E 305 43.79 1.40 -25.92
C LYS E 305 42.84 0.65 -24.99
N ASN E 306 43.20 -0.56 -24.54
CA ASN E 306 42.30 -1.38 -23.75
C ASN E 306 42.65 -1.45 -22.28
N MET E 307 43.89 -1.16 -21.89
CA MET E 307 44.32 -1.30 -20.51
C MET E 307 45.09 -0.07 -20.08
N SER E 308 44.91 0.29 -18.80
CA SER E 308 45.58 1.46 -18.24
C SER E 308 45.70 1.27 -16.74
N THR E 309 46.62 2.02 -16.15
CA THR E 309 46.82 2.05 -14.70
C THR E 309 47.15 3.47 -14.31
N TYR E 310 46.60 3.94 -13.20
CA TYR E 310 46.80 5.32 -12.78
C TYR E 310 46.88 5.42 -11.27
N VAL E 311 47.52 6.50 -10.82
CA VAL E 311 47.61 6.86 -9.42
C VAL E 311 47.28 8.34 -9.31
N ASP E 312 46.34 8.68 -8.42
CA ASP E 312 45.85 10.05 -8.30
C ASP E 312 45.90 10.46 -6.84
N TYR E 313 46.71 11.49 -6.55
CA TYR E 313 46.86 12.03 -5.20
C TYR E 313 46.20 13.39 -5.17
N ILE E 314 45.25 13.57 -4.25
CA ILE E 314 44.54 14.82 -4.08
C ILE E 314 45.01 15.45 -2.78
N ILE E 315 45.78 16.54 -2.90
CA ILE E 315 46.24 17.30 -1.74
C ILE E 315 45.13 18.29 -1.40
N ASN E 316 44.40 18.01 -0.34
CA ASN E 316 43.22 18.78 0.01
C ASN E 316 43.60 20.03 0.79
N GLN E 317 43.16 21.19 0.31
CA GLN E 317 43.41 22.47 0.96
C GLN E 317 42.25 22.92 1.84
N ILE E 318 41.13 22.19 1.84
CA ILE E 318 39.99 22.58 2.65
C ILE E 318 40.44 22.76 4.09
N ASP E 319 39.89 23.77 4.76
CA ASP E 319 40.28 24.05 6.13
C ASP E 319 39.73 22.98 7.06
N SER E 320 40.53 22.61 8.06
CA SER E 320 40.08 21.62 9.04
C SER E 320 38.96 22.14 9.92
N ASP E 321 38.81 23.47 10.02
CA ASP E 321 37.73 24.09 10.78
C ASP E 321 36.66 24.67 9.86
N ASN E 322 36.40 24.00 8.74
CA ASN E 322 35.40 24.47 7.79
C ASN E 322 34.03 24.51 8.45
N LYS E 323 33.32 25.62 8.26
CA LYS E 323 32.04 25.82 8.95
C LYS E 323 30.92 24.97 8.37
N LEU E 324 31.17 24.18 7.31
CA LEU E 324 30.20 23.24 6.79
C LEU E 324 30.61 21.80 7.00
N GLY E 325 31.76 21.55 7.63
CA GLY E 325 32.21 20.20 7.86
C GLY E 325 32.79 19.51 6.64
N VAL E 326 33.18 20.28 5.63
CA VAL E 326 33.74 19.67 4.43
C VAL E 326 35.04 18.97 4.79
N GLY E 327 35.27 17.81 4.18
CA GLY E 327 36.48 17.07 4.47
C GLY E 327 37.72 17.87 4.19
N SER E 328 38.75 17.63 5.00
CA SER E 328 40.01 18.34 4.90
C SER E 328 41.20 17.41 4.69
N ASP E 329 40.99 16.11 4.72
CA ASP E 329 42.08 15.15 4.56
C ASP E 329 42.36 14.90 3.08
N ASP E 330 43.57 14.42 2.82
CA ASP E 330 43.96 14.06 1.46
C ASP E 330 43.38 12.69 1.09
N THR E 331 43.54 12.33 -0.18
CA THR E 331 43.06 11.04 -0.67
C THR E 331 43.91 10.64 -1.87
N VAL E 332 44.29 9.36 -1.92
CA VAL E 332 45.08 8.81 -3.00
C VAL E 332 44.32 7.62 -3.59
N ALA E 333 43.98 7.72 -4.88
CA ALA E 333 43.31 6.65 -5.59
C ALA E 333 44.31 5.86 -6.42
N VAL E 334 44.16 4.54 -6.41
CA VAL E 334 45.01 3.63 -7.18
C VAL E 334 44.08 2.73 -7.99
N GLY E 335 44.26 2.72 -9.31
CA GLY E 335 43.33 2.02 -10.18
C GLY E 335 44.05 1.22 -11.24
N ILE E 336 43.45 0.08 -11.58
CA ILE E 336 43.87 -0.76 -12.69
C ILE E 336 42.64 -1.04 -13.54
N VAL E 337 42.74 -0.74 -14.84
CA VAL E 337 41.56 -0.64 -15.70
C VAL E 337 41.72 -1.55 -16.91
N TYR E 338 40.74 -2.43 -17.14
CA TYR E 338 40.50 -3.05 -18.42
C TYR E 338 39.24 -2.43 -19.01
N GLN E 339 39.26 -2.17 -20.32
CA GLN E 339 38.11 -1.58 -20.98
C GLN E 339 38.07 -2.05 -22.43
N PHE E 340 36.87 -2.09 -22.99
CA PHE E 340 36.67 -2.51 -24.37
C PHE E 340 35.55 -1.71 -25.02
N ALA F 1 -31.34 0.44 29.25
CA ALA F 1 -31.41 1.21 30.53
C ALA F 1 -32.20 2.51 30.34
N GLU F 2 -33.24 2.69 31.15
CA GLU F 2 -34.06 3.90 31.08
C GLU F 2 -33.26 5.08 31.64
N ILE F 3 -33.00 6.06 30.78
CA ILE F 3 -32.16 7.20 31.15
C ILE F 3 -32.94 8.52 31.21
N TYR F 4 -34.19 8.54 30.75
CA TYR F 4 -34.98 9.77 30.74
C TYR F 4 -36.46 9.39 30.88
N ASN F 5 -37.20 10.20 31.64
CA ASN F 5 -38.63 9.96 31.79
C ASN F 5 -39.27 11.24 32.34
N LYS F 6 -39.76 12.08 31.43
CA LYS F 6 -40.44 13.32 31.79
C LYS F 6 -41.50 13.62 30.74
N ASP F 7 -42.66 14.07 31.19
CA ASP F 7 -43.78 14.39 30.30
C ASP F 7 -44.20 13.18 29.49
N GLY F 8 -44.19 12.01 30.13
CA GLY F 8 -44.67 10.81 29.48
C GLY F 8 -43.84 10.35 28.31
N ASN F 9 -42.57 10.72 28.25
CA ASN F 9 -41.66 10.31 27.18
C ASN F 9 -40.43 9.70 27.84
N LYS F 10 -40.28 8.39 27.71
CA LYS F 10 -39.14 7.66 28.26
C LYS F 10 -38.25 7.16 27.14
N VAL F 11 -36.94 7.16 27.40
CA VAL F 11 -35.93 6.76 26.43
C VAL F 11 -35.06 5.70 27.09
N ASP F 12 -35.05 4.50 26.52
CA ASP F 12 -34.26 3.40 27.03
C ASP F 12 -33.02 3.26 26.15
N LEU F 13 -31.87 3.66 26.68
CA LEU F 13 -30.59 3.50 25.99
C LEU F 13 -29.99 2.18 26.43
N TYR F 14 -29.92 1.22 25.51
CA TYR F 14 -29.47 -0.13 25.79
C TYR F 14 -28.28 -0.47 24.92
N GLY F 15 -27.42 -1.34 25.43
CA GLY F 15 -26.24 -1.77 24.71
C GLY F 15 -25.67 -3.02 25.33
N LYS F 16 -24.55 -3.48 24.76
CA LYS F 16 -23.88 -4.65 25.31
C LYS F 16 -22.50 -4.75 24.69
N ALA F 17 -21.59 -5.37 25.45
CA ALA F 17 -20.23 -5.64 25.00
C ALA F 17 -19.99 -7.14 25.14
N VAL F 18 -19.76 -7.81 24.02
CA VAL F 18 -19.66 -9.26 23.97
C VAL F 18 -18.23 -9.63 23.59
N GLY F 19 -17.45 -10.09 24.56
CA GLY F 19 -16.16 -10.70 24.27
C GLY F 19 -16.37 -12.13 23.84
N LEU F 20 -16.01 -12.47 22.60
CA LEU F 20 -16.42 -13.73 22.00
C LEU F 20 -15.26 -14.32 21.19
N HIS F 21 -15.11 -15.63 21.28
CA HIS F 21 -14.12 -16.35 20.47
C HIS F 21 -14.73 -17.64 19.94
N TYR F 22 -14.51 -17.89 18.65
CA TYR F 22 -14.92 -19.13 18.01
C TYR F 22 -13.70 -20.05 17.87
N PHE F 23 -13.92 -21.33 18.10
CA PHE F 23 -12.88 -22.35 17.96
C PHE F 23 -13.33 -23.37 16.94
N SER F 24 -12.57 -23.52 15.86
CA SER F 24 -12.82 -24.54 14.86
C SER F 24 -11.49 -25.04 14.33
N LYS F 25 -11.49 -26.28 13.84
CA LYS F 25 -10.27 -26.89 13.37
C LYS F 25 -9.85 -26.28 12.03
N GLY F 26 -8.55 -26.04 11.89
CA GLY F 26 -7.99 -25.41 10.71
C GLY F 26 -8.35 -23.93 10.65
N ASN F 27 -8.29 -23.39 9.42
CA ASN F 27 -8.64 -21.99 9.21
C ASN F 27 -10.13 -21.73 9.39
N GLY F 28 -10.95 -22.77 9.34
CA GLY F 28 -12.39 -22.61 9.46
C GLY F 28 -13.10 -22.32 8.15
N GLU F 29 -12.41 -22.38 7.01
CA GLU F 29 -13.07 -22.13 5.74
C GLU F 29 -14.11 -23.21 5.44
N ASN F 30 -13.87 -24.43 5.93
CA ASN F 30 -14.79 -25.55 5.75
C ASN F 30 -15.60 -25.83 7.01
N SER F 31 -15.72 -24.85 7.91
CA SER F 31 -16.40 -25.01 9.18
C SER F 31 -17.75 -24.28 9.14
N TYR F 32 -18.50 -24.41 10.23
CA TYR F 32 -19.81 -23.79 10.32
C TYR F 32 -19.73 -22.30 10.64
N GLY F 33 -18.86 -21.92 11.58
CA GLY F 33 -18.81 -20.54 12.02
C GLY F 33 -17.53 -19.79 11.70
N GLY F 34 -16.41 -20.50 11.63
CA GLY F 34 -15.12 -19.89 11.41
C GLY F 34 -14.21 -20.06 12.61
N ASN F 35 -13.16 -19.24 12.66
CA ASN F 35 -12.18 -19.33 13.73
C ASN F 35 -11.53 -17.98 13.96
N GLY F 36 -11.40 -17.60 15.23
CA GLY F 36 -10.71 -16.40 15.64
C GLY F 36 -11.56 -15.56 16.57
N ASP F 37 -11.19 -14.29 16.69
CA ASP F 37 -11.91 -13.35 17.54
C ASP F 37 -13.20 -12.92 16.85
N MET F 38 -14.27 -12.79 17.66
CA MET F 38 -15.57 -12.36 17.15
C MET F 38 -16.21 -11.32 18.07
N THR F 39 -15.41 -10.68 18.93
CA THR F 39 -15.92 -9.68 19.85
C THR F 39 -16.69 -8.60 19.09
N TYR F 40 -17.78 -8.14 19.68
CA TYR F 40 -18.59 -7.09 19.10
C TYR F 40 -19.33 -6.35 20.20
N ALA F 41 -19.94 -5.23 19.82
CA ALA F 41 -20.70 -4.41 20.75
C ALA F 41 -21.92 -3.86 20.03
N ARG F 42 -22.99 -3.61 20.80
CA ARG F 42 -24.24 -3.11 20.27
C ARG F 42 -24.68 -1.90 21.07
N LEU F 43 -25.26 -0.92 20.37
CA LEU F 43 -25.82 0.26 20.99
C LEU F 43 -27.17 0.56 20.34
N GLY F 44 -28.06 1.19 21.10
CA GLY F 44 -29.36 1.54 20.56
C GLY F 44 -30.20 2.21 21.62
N PHE F 45 -31.35 2.73 21.17
CA PHE F 45 -32.29 3.40 22.05
C PHE F 45 -33.71 3.03 21.65
N LYS F 46 -34.58 2.91 22.66
CA LYS F 46 -36.01 2.68 22.47
C LYS F 46 -36.76 3.82 23.15
N GLY F 47 -37.48 4.61 22.37
CA GLY F 47 -38.21 5.76 22.88
C GLY F 47 -39.72 5.53 22.75
N GLU F 48 -40.46 5.97 23.76
CA GLU F 48 -41.90 5.81 23.79
C GLU F 48 -42.52 7.02 24.48
N THR F 49 -43.55 7.59 23.88
CA THR F 49 -44.19 8.80 24.39
C THR F 49 -45.69 8.59 24.48
N GLN F 50 -46.27 9.05 25.60
CA GLN F 50 -47.71 8.96 25.83
C GLN F 50 -48.36 10.22 25.27
N ILE F 51 -48.90 10.12 24.06
CA ILE F 51 -49.55 11.27 23.44
C ILE F 51 -50.87 11.58 24.14
N ASN F 52 -51.64 10.55 24.47
CA ASN F 52 -52.85 10.69 25.26
C ASN F 52 -53.20 9.33 25.86
N SER F 53 -54.42 9.22 26.40
CA SER F 53 -54.80 8.01 27.12
C SER F 53 -54.71 6.76 26.27
N ASP F 54 -55.00 6.86 24.98
CA ASP F 54 -55.02 5.71 24.08
C ASP F 54 -53.86 5.70 23.09
N LEU F 55 -53.52 6.85 22.51
CA LEU F 55 -52.47 6.92 21.51
C LEU F 55 -51.11 6.83 22.18
N THR F 56 -50.21 6.07 21.56
CA THR F 56 -48.85 5.88 22.07
C THR F 56 -47.89 5.89 20.88
N GLY F 57 -46.85 6.70 20.98
CA GLY F 57 -45.83 6.77 19.95
C GLY F 57 -44.58 6.05 20.40
N TYR F 58 -43.86 5.48 19.44
CA TYR F 58 -42.66 4.73 19.77
C TYR F 58 -41.68 4.77 18.60
N GLY F 59 -40.41 4.56 18.94
CA GLY F 59 -39.35 4.48 17.95
C GLY F 59 -38.20 3.67 18.52
N GLN F 60 -37.39 3.12 17.62
CA GLN F 60 -36.30 2.26 18.04
C GLN F 60 -35.17 2.31 17.02
N TRP F 61 -33.95 2.13 17.51
CA TRP F 61 -32.76 2.13 16.67
C TRP F 61 -31.71 1.25 17.32
N GLU F 62 -30.98 0.50 16.50
CA GLU F 62 -29.97 -0.42 17.01
C GLU F 62 -28.83 -0.52 16.01
N TYR F 63 -27.61 -0.55 16.52
CA TYR F 63 -26.40 -0.57 15.71
C TYR F 63 -25.43 -1.62 16.23
N ASN F 64 -24.63 -2.16 15.33
CA ASN F 64 -23.64 -3.20 15.67
C ASN F 64 -22.24 -2.71 15.30
N PHE F 65 -21.42 -2.45 16.32
CA PHE F 65 -20.01 -2.18 16.14
C PHE F 65 -19.23 -3.47 16.36
N GLN F 66 -18.30 -3.78 15.45
CA GLN F 66 -17.46 -4.95 15.60
C GLN F 66 -16.20 -4.60 16.37
N GLY F 67 -15.67 -5.58 17.10
CA GLY F 67 -14.47 -5.39 17.88
C GLY F 67 -13.30 -6.24 17.41
N ASN F 68 -13.53 -7.13 16.45
CA ASN F 68 -12.51 -8.03 15.95
C ASN F 68 -11.77 -7.47 14.74
N ASN F 69 -11.91 -6.18 14.46
CA ASN F 69 -11.22 -5.52 13.36
C ASN F 69 -10.09 -4.65 13.90
N SER F 70 -9.11 -4.40 13.05
CA SER F 70 -8.02 -3.50 13.39
C SER F 70 -8.48 -2.06 13.23
N GLU F 71 -7.67 -1.13 13.72
CA GLU F 71 -7.96 0.29 13.57
C GLU F 71 -7.54 0.83 12.21
N GLY F 72 -7.07 -0.02 11.31
CA GLY F 72 -6.64 0.41 10.00
C GLY F 72 -7.74 0.46 8.97
N ALA F 73 -7.41 0.04 7.74
CA ALA F 73 -8.34 0.20 6.62
C ALA F 73 -9.55 -0.72 6.72
N ASP F 74 -9.51 -1.75 7.55
CA ASP F 74 -10.62 -2.68 7.69
C ASP F 74 -11.44 -2.44 8.95
N ALA F 75 -11.40 -1.21 9.48
CA ALA F 75 -12.07 -0.93 10.75
C ALA F 75 -13.58 -1.06 10.65
N GLN F 76 -14.15 -0.80 9.47
CA GLN F 76 -15.60 -0.78 9.31
C GLN F 76 -16.19 -2.14 8.93
N THR F 77 -15.36 -3.17 8.78
CA THR F 77 -15.87 -4.48 8.37
C THR F 77 -16.84 -5.02 9.42
N GLY F 78 -18.10 -5.19 9.03
CA GLY F 78 -19.10 -5.76 9.90
C GLY F 78 -19.95 -4.77 10.66
N ASN F 79 -19.63 -3.48 10.62
CA ASN F 79 -20.49 -2.49 11.25
C ASN F 79 -21.73 -2.29 10.40
N LYS F 80 -22.87 -2.10 11.06
CA LYS F 80 -24.14 -2.06 10.35
C LYS F 80 -25.23 -1.53 11.28
N THR F 81 -26.36 -1.20 10.67
CA THR F 81 -27.57 -0.80 11.39
C THR F 81 -28.55 -1.97 11.39
N ARG F 82 -28.91 -2.46 12.58
CA ARG F 82 -29.81 -3.59 12.66
C ARG F 82 -31.27 -3.17 12.48
N LEU F 83 -31.72 -2.18 13.26
CA LEU F 83 -33.10 -1.73 13.20
C LEU F 83 -33.17 -0.22 13.20
N ALA F 84 -34.26 0.31 12.65
CA ALA F 84 -34.52 1.74 12.63
C ALA F 84 -35.92 2.00 12.10
N PHE F 85 -36.88 2.19 13.01
CA PHE F 85 -38.28 2.35 12.60
C PHE F 85 -39.00 3.23 13.61
N ALA F 86 -40.22 3.62 13.24
CA ALA F 86 -41.10 4.39 14.11
C ALA F 86 -42.54 4.03 13.78
N GLY F 87 -43.41 4.12 14.79
CA GLY F 87 -44.81 3.76 14.59
C GLY F 87 -45.70 4.29 15.68
N LEU F 88 -47.00 4.09 15.49
CA LEU F 88 -48.02 4.55 16.41
C LEU F 88 -48.96 3.41 16.74
N LYS F 89 -49.69 3.58 17.84
CA LYS F 89 -50.61 2.55 18.31
C LYS F 89 -51.81 3.23 18.96
N TYR F 90 -53.00 2.70 18.69
CA TYR F 90 -54.26 3.14 19.28
C TYR F 90 -54.78 1.99 20.13
N ALA F 91 -55.51 2.34 21.20
CA ALA F 91 -55.90 1.33 22.19
C ALA F 91 -56.64 0.17 21.54
N ASP F 92 -55.94 -0.94 21.35
CA ASP F 92 -56.51 -2.19 20.84
C ASP F 92 -56.83 -2.11 19.35
N VAL F 93 -56.83 -0.91 18.77
CA VAL F 93 -57.04 -0.81 17.33
C VAL F 93 -55.86 -1.42 16.60
N GLY F 94 -54.67 -1.29 17.15
CA GLY F 94 -53.48 -1.92 16.61
C GLY F 94 -52.29 -0.98 16.71
N SER F 95 -51.18 -1.43 16.13
CA SER F 95 -49.93 -0.67 16.10
C SER F 95 -49.36 -0.77 14.69
N PHE F 96 -48.98 0.37 14.13
CA PHE F 96 -48.43 0.45 12.78
C PHE F 96 -47.06 1.12 12.84
N ASP F 97 -46.04 0.47 12.29
CA ASP F 97 -44.70 1.00 12.28
C ASP F 97 -44.06 0.80 10.91
N TYR F 98 -43.22 1.76 10.52
CA TYR F 98 -42.52 1.70 9.24
C TYR F 98 -41.04 1.99 9.47
N GLY F 99 -40.21 1.42 8.60
CA GLY F 99 -38.78 1.57 8.65
C GLY F 99 -38.12 0.23 8.43
N ARG F 100 -36.87 0.12 8.87
CA ARG F 100 -36.17 -1.16 8.85
C ARG F 100 -36.53 -1.93 10.12
N ASN F 101 -37.21 -3.06 9.95
CA ASN F 101 -37.71 -3.83 11.08
C ASN F 101 -37.71 -5.31 10.67
N TYR F 102 -38.24 -6.15 11.55
CA TYR F 102 -38.25 -7.59 11.31
C TYR F 102 -39.39 -7.97 10.36
N GLY F 103 -39.13 -8.98 9.52
CA GLY F 103 -40.17 -9.51 8.66
C GLY F 103 -41.19 -10.34 9.41
N VAL F 104 -42.38 -10.45 8.80
CA VAL F 104 -43.49 -11.11 9.49
C VAL F 104 -43.21 -12.60 9.69
N VAL F 105 -42.53 -13.25 8.74
CA VAL F 105 -42.26 -14.67 8.90
C VAL F 105 -41.38 -14.93 10.12
N TYR F 106 -40.65 -13.90 10.58
CA TYR F 106 -39.87 -14.06 11.80
C TYR F 106 -40.77 -14.33 13.01
N ASP F 107 -42.02 -13.84 12.97
CA ASP F 107 -42.97 -14.16 14.03
C ASP F 107 -42.98 -15.66 14.32
N ALA F 108 -42.93 -16.48 13.27
CA ALA F 108 -42.85 -17.92 13.46
C ALA F 108 -41.43 -18.35 13.80
N LEU F 109 -40.45 -17.89 13.02
CA LEU F 109 -39.08 -18.37 13.18
C LEU F 109 -38.49 -18.02 14.55
N GLY F 110 -38.96 -16.92 15.16
CA GLY F 110 -38.47 -16.54 16.47
C GLY F 110 -38.66 -17.62 17.52
N TYR F 111 -39.59 -18.54 17.30
CA TYR F 111 -39.84 -19.62 18.25
C TYR F 111 -38.58 -20.42 18.53
N THR F 112 -37.73 -20.60 17.52
CA THR F 112 -36.56 -21.46 17.62
C THR F 112 -35.24 -20.69 17.59
N ASP F 113 -35.29 -19.37 17.77
CA ASP F 113 -34.09 -18.53 17.77
C ASP F 113 -33.69 -18.16 19.19
N MET F 114 -33.49 -19.20 20.01
CA MET F 114 -33.24 -19.03 21.44
C MET F 114 -31.86 -19.52 21.87
N LEU F 115 -31.02 -19.98 20.95
CA LEU F 115 -29.75 -20.56 21.34
C LEU F 115 -28.81 -19.47 21.83
N PRO F 116 -27.76 -19.84 22.57
CA PRO F 116 -26.85 -18.80 23.10
C PRO F 116 -26.15 -17.99 22.03
N GLU F 117 -25.66 -18.64 20.97
CA GLU F 117 -24.92 -17.93 19.93
C GLU F 117 -25.49 -18.17 18.54
N PHE F 118 -25.67 -19.44 18.18
CA PHE F 118 -26.08 -19.81 16.82
C PHE F 118 -27.59 -19.98 16.76
N GLY F 119 -28.07 -20.69 15.73
CA GLY F 119 -29.48 -20.97 15.57
C GLY F 119 -30.14 -20.02 14.57
N GLY F 120 -31.40 -20.32 14.28
CA GLY F 120 -32.16 -19.50 13.35
C GLY F 120 -31.47 -19.26 12.03
N ASP F 121 -30.88 -20.31 11.46
CA ASP F 121 -30.12 -20.15 10.22
C ASP F 121 -31.02 -19.76 9.05
N THR F 122 -32.34 -19.96 9.17
CA THR F 122 -33.26 -19.62 8.09
C THR F 122 -33.68 -18.16 8.15
N ALA F 123 -33.48 -17.49 9.28
CA ALA F 123 -33.89 -16.09 9.43
C ALA F 123 -32.79 -15.19 8.85
N TYR F 124 -32.64 -15.28 7.53
CA TYR F 124 -31.61 -14.52 6.84
C TYR F 124 -31.94 -13.04 6.85
N SER F 125 -30.93 -12.21 7.07
CA SER F 125 -31.11 -10.77 7.00
C SER F 125 -31.22 -10.32 5.55
N ASP F 126 -32.12 -9.38 5.30
CA ASP F 126 -32.33 -8.85 3.95
C ASP F 126 -32.74 -9.97 3.00
N ASP F 127 -33.64 -10.84 3.46
CA ASP F 127 -34.10 -12.01 2.71
C ASP F 127 -35.62 -12.07 2.79
N PHE F 128 -36.27 -11.07 2.21
CA PHE F 128 -37.73 -11.00 2.12
C PHE F 128 -38.29 -10.94 3.54
N PHE F 129 -39.07 -11.92 4.01
CA PHE F 129 -39.81 -11.78 5.25
C PHE F 129 -39.25 -12.60 6.41
N VAL F 130 -38.07 -13.21 6.25
CA VAL F 130 -37.54 -14.07 7.30
C VAL F 130 -36.57 -13.33 8.23
N GLY F 131 -36.15 -12.12 7.88
CA GLY F 131 -35.24 -11.37 8.72
C GLY F 131 -35.38 -9.86 8.60
N ARG F 132 -34.48 -9.14 9.25
CA ARG F 132 -34.49 -7.68 9.18
C ARG F 132 -34.41 -7.22 7.73
N VAL F 133 -35.33 -6.33 7.34
CA VAL F 133 -35.41 -5.82 5.98
C VAL F 133 -35.68 -4.32 6.04
N GLY F 134 -35.50 -3.66 4.90
CA GLY F 134 -35.62 -2.21 4.80
C GLY F 134 -36.94 -1.80 4.17
N GLY F 135 -37.53 -0.75 4.71
CA GLY F 135 -38.74 -0.16 4.14
C GLY F 135 -39.93 -1.09 4.14
N VAL F 136 -40.31 -1.59 5.31
CA VAL F 136 -41.44 -2.50 5.47
C VAL F 136 -42.50 -1.79 6.30
N ALA F 137 -43.68 -1.61 5.72
CA ALA F 137 -44.83 -1.08 6.45
C ALA F 137 -45.58 -2.26 7.07
N THR F 138 -45.73 -2.22 8.39
CA THR F 138 -46.28 -3.34 9.14
C THR F 138 -47.46 -2.87 9.99
N TYR F 139 -48.63 -3.45 9.75
CA TYR F 139 -49.78 -3.25 10.63
C TYR F 139 -49.98 -4.55 11.41
N ARG F 140 -50.03 -4.43 12.73
CA ARG F 140 -50.14 -5.58 13.61
C ARG F 140 -51.19 -5.30 14.68
N ASN F 141 -51.91 -6.34 15.09
CA ASN F 141 -52.93 -6.22 16.11
C ASN F 141 -52.75 -7.26 17.21
N SER F 142 -52.98 -6.83 18.45
CA SER F 142 -52.80 -7.66 19.63
C SER F 142 -54.16 -7.98 20.27
N ASN F 143 -54.34 -9.24 20.65
CA ASN F 143 -55.53 -9.71 21.35
C ASN F 143 -56.80 -9.53 20.53
N PHE F 144 -56.67 -9.40 19.21
CA PHE F 144 -57.81 -9.24 18.32
C PHE F 144 -58.81 -8.24 18.88
N PHE F 145 -58.42 -6.98 18.96
CA PHE F 145 -59.28 -5.89 19.44
C PHE F 145 -59.76 -6.10 20.86
N GLY F 146 -59.01 -6.86 21.66
CA GLY F 146 -59.40 -7.10 23.04
C GLY F 146 -60.52 -8.11 23.20
N LEU F 147 -60.81 -8.89 22.16
CA LEU F 147 -61.91 -9.85 22.19
C LEU F 147 -61.46 -11.26 22.53
N VAL F 148 -60.24 -11.65 22.14
CA VAL F 148 -59.71 -12.97 22.41
C VAL F 148 -58.36 -12.80 23.09
N ASP F 149 -58.21 -13.40 24.27
CA ASP F 149 -56.95 -13.29 25.02
C ASP F 149 -55.94 -14.27 24.44
N GLY F 150 -54.82 -13.73 23.95
CA GLY F 150 -53.75 -14.54 23.41
C GLY F 150 -53.69 -14.61 21.90
N LEU F 151 -54.68 -14.07 21.20
CA LEU F 151 -54.75 -14.15 19.74
C LEU F 151 -54.19 -12.86 19.15
N ASN F 152 -53.12 -12.99 18.36
CA ASN F 152 -52.49 -11.87 17.69
C ASN F 152 -52.32 -12.19 16.21
N PHE F 153 -52.32 -11.15 15.39
CA PHE F 153 -52.11 -11.30 13.96
C PHE F 153 -51.36 -10.09 13.43
N ALA F 154 -50.80 -10.22 12.22
CA ALA F 154 -50.01 -9.17 11.63
C ALA F 154 -50.09 -9.26 10.12
N VAL F 155 -50.04 -8.08 9.47
CA VAL F 155 -50.00 -7.97 8.02
C VAL F 155 -48.95 -6.92 7.67
N GLN F 156 -48.15 -7.22 6.64
CA GLN F 156 -46.98 -6.41 6.32
C GLN F 156 -46.83 -6.24 4.83
N TYR F 157 -46.44 -5.05 4.42
CA TYR F 157 -46.17 -4.71 3.03
C TYR F 157 -44.67 -4.46 2.90
N LEU F 158 -44.02 -5.19 2.00
CA LEU F 158 -42.57 -5.10 1.82
C LEU F 158 -42.29 -4.27 0.57
N GLY F 159 -41.59 -3.16 0.73
CA GLY F 159 -41.25 -2.32 -0.39
C GLY F 159 -40.07 -2.85 -1.18
N LYS F 160 -40.03 -2.44 -2.45
CA LYS F 160 -38.97 -2.87 -3.36
C LYS F 160 -37.68 -2.14 -3.03
N ASN F 161 -36.56 -2.87 -3.14
CA ASN F 161 -35.22 -2.30 -2.93
C ASN F 161 -34.32 -2.83 -4.03
N GLU F 162 -34.03 -1.99 -5.02
CA GLU F 162 -33.12 -2.36 -6.10
C GLU F 162 -31.72 -1.97 -5.65
N ARG F 163 -31.02 -2.92 -5.03
CA ARG F 163 -29.67 -2.69 -4.53
C ARG F 163 -28.65 -3.16 -5.56
N ASP F 164 -27.38 -2.90 -5.25
CA ASP F 164 -26.30 -3.30 -6.15
C ASP F 164 -26.07 -4.80 -6.15
N THR F 165 -26.61 -5.51 -5.18
CA THR F 165 -26.41 -6.95 -5.04
C THR F 165 -27.73 -7.68 -5.22
N ALA F 166 -27.64 -8.90 -5.76
CA ALA F 166 -28.82 -9.76 -5.85
C ALA F 166 -29.20 -10.34 -4.50
N ARG F 167 -28.21 -10.58 -3.64
CA ARG F 167 -28.49 -11.19 -2.34
C ARG F 167 -29.32 -10.27 -1.46
N ARG F 168 -29.02 -8.97 -1.45
CA ARG F 168 -29.65 -8.02 -0.54
C ARG F 168 -30.82 -7.28 -1.18
N SER F 169 -31.24 -7.70 -2.37
CA SER F 169 -32.32 -7.03 -3.07
C SER F 169 -33.64 -7.79 -2.88
N ASN F 170 -34.72 -7.14 -3.27
CA ASN F 170 -36.06 -7.73 -3.19
C ASN F 170 -37.03 -6.81 -3.94
N GLY F 171 -38.16 -7.38 -4.33
CA GLY F 171 -39.21 -6.64 -4.98
C GLY F 171 -40.34 -6.30 -4.03
N ASP F 172 -41.49 -5.96 -4.60
CA ASP F 172 -42.67 -5.68 -3.80
C ASP F 172 -43.32 -6.99 -3.37
N GLY F 173 -43.92 -6.97 -2.18
CA GLY F 173 -44.52 -8.18 -1.64
C GLY F 173 -45.41 -7.87 -0.46
N VAL F 174 -46.16 -8.89 -0.05
CA VAL F 174 -47.05 -8.82 1.10
C VAL F 174 -46.96 -10.13 1.87
N GLY F 175 -47.22 -10.06 3.17
CA GLY F 175 -47.17 -11.22 4.02
C GLY F 175 -47.98 -11.01 5.28
N GLY F 176 -48.17 -12.08 6.03
CA GLY F 176 -48.97 -12.02 7.25
C GLY F 176 -48.61 -13.12 8.20
N SER F 177 -49.16 -13.03 9.41
CA SER F 177 -48.89 -13.99 10.46
C SER F 177 -50.04 -14.00 11.45
N ILE F 178 -50.26 -15.16 12.08
CA ILE F 178 -51.27 -15.34 13.11
C ILE F 178 -50.64 -16.13 14.25
N SER F 179 -51.06 -15.82 15.47
CA SER F 179 -50.48 -16.46 16.65
C SER F 179 -51.51 -16.57 17.76
N TYR F 180 -51.47 -17.69 18.47
CA TYR F 180 -52.31 -17.91 19.64
C TYR F 180 -51.50 -18.56 20.75
N GLU F 181 -51.66 -18.06 21.97
CA GLU F 181 -50.99 -18.60 23.15
C GLU F 181 -52.00 -18.81 24.27
N TYR F 182 -51.97 -19.99 24.87
CA TYR F 182 -52.83 -20.31 26.00
C TYR F 182 -52.08 -21.21 26.97
N GLU F 183 -52.01 -20.78 28.22
CA GLU F 183 -51.45 -21.58 29.31
C GLU F 183 -50.12 -22.22 28.92
N GLY F 184 -49.18 -21.35 28.53
CA GLY F 184 -47.83 -21.75 28.20
C GLY F 184 -47.63 -22.34 26.82
N PHE F 185 -48.68 -22.81 26.16
CA PHE F 185 -48.56 -23.32 24.80
C PHE F 185 -48.73 -22.19 23.79
N GLY F 186 -48.04 -22.31 22.66
CA GLY F 186 -48.10 -21.30 21.63
C GLY F 186 -47.99 -21.86 20.22
N ILE F 187 -48.87 -21.38 19.33
CA ILE F 187 -48.85 -21.79 17.92
C ILE F 187 -48.79 -20.54 17.06
N VAL F 188 -48.02 -20.60 15.97
CA VAL F 188 -47.81 -19.46 15.10
C VAL F 188 -47.69 -19.95 13.66
N GLY F 189 -48.24 -19.17 12.75
CA GLY F 189 -48.05 -19.41 11.33
C GLY F 189 -47.86 -18.10 10.61
N ALA F 190 -47.04 -18.13 9.57
CA ALA F 190 -46.70 -16.92 8.84
C ALA F 190 -46.39 -17.26 7.39
N TYR F 191 -46.76 -16.35 6.50
CA TYR F 191 -46.58 -16.54 5.07
C TYR F 191 -46.26 -15.20 4.42
N GLY F 192 -45.46 -15.24 3.37
CA GLY F 192 -45.12 -14.04 2.62
C GLY F 192 -44.70 -14.32 1.19
N ALA F 193 -45.15 -13.48 0.26
CA ALA F 193 -44.79 -13.57 -1.14
C ALA F 193 -44.35 -12.20 -1.64
N ALA F 194 -43.52 -12.20 -2.67
CA ALA F 194 -42.98 -10.95 -3.18
C ALA F 194 -42.44 -11.16 -4.59
N ASP F 195 -42.34 -10.05 -5.32
CA ASP F 195 -41.76 -10.07 -6.65
C ASP F 195 -40.24 -10.21 -6.58
N ARG F 196 -39.63 -10.44 -7.74
CA ARG F 196 -38.19 -10.55 -7.88
C ARG F 196 -37.70 -9.57 -8.93
N THR F 197 -36.57 -8.93 -8.66
CA THR F 197 -36.00 -7.95 -9.56
C THR F 197 -35.33 -8.64 -10.74
N ASN F 198 -35.17 -7.89 -11.84
CA ASN F 198 -34.44 -8.40 -12.99
C ASN F 198 -33.06 -8.89 -12.58
N LEU F 199 -32.39 -8.11 -11.72
CA LEU F 199 -31.08 -8.50 -11.21
C LEU F 199 -31.15 -9.85 -10.49
N GLN F 200 -32.24 -10.09 -9.75
CA GLN F 200 -32.41 -11.36 -9.08
C GLN F 200 -32.64 -12.49 -10.08
N GLU F 201 -33.39 -12.21 -11.15
CA GLU F 201 -33.69 -13.23 -12.15
C GLU F 201 -32.46 -13.57 -12.99
N ALA F 202 -31.63 -12.56 -13.27
CA ALA F 202 -30.45 -12.77 -14.10
C ALA F 202 -29.43 -13.70 -13.46
N GLN F 203 -29.59 -14.02 -12.18
CA GLN F 203 -28.63 -14.88 -11.51
C GLN F 203 -28.81 -16.33 -11.97
N PRO F 204 -27.74 -17.12 -12.01
CA PRO F 204 -27.86 -18.49 -12.54
C PRO F 204 -28.72 -19.40 -11.70
N LEU F 205 -28.74 -19.23 -10.38
CA LEU F 205 -29.49 -20.11 -9.49
C LEU F 205 -30.83 -19.45 -9.14
N GLY F 206 -31.90 -20.20 -9.33
CA GLY F 206 -33.24 -19.72 -9.09
C GLY F 206 -33.97 -19.40 -10.39
N ASN F 207 -35.28 -19.63 -10.38
CA ASN F 207 -36.10 -19.35 -11.55
C ASN F 207 -37.52 -19.02 -11.07
N GLY F 208 -38.10 -17.99 -11.68
CA GLY F 208 -39.43 -17.54 -11.31
C GLY F 208 -39.45 -16.04 -11.10
N LYS F 209 -40.65 -15.46 -11.06
CA LYS F 209 -40.81 -14.02 -10.84
C LYS F 209 -41.32 -13.69 -9.45
N LYS F 210 -41.58 -14.68 -8.60
CA LYS F 210 -42.06 -14.45 -7.24
C LYS F 210 -41.29 -15.33 -6.27
N ALA F 211 -41.00 -14.76 -5.10
CA ALA F 211 -40.37 -15.47 -3.99
C ALA F 211 -41.42 -15.72 -2.91
N GLU F 212 -41.35 -16.89 -2.29
CA GLU F 212 -42.38 -17.30 -1.33
C GLU F 212 -41.71 -17.92 -0.11
N GLN F 213 -42.21 -17.55 1.07
CA GLN F 213 -41.71 -18.06 2.34
C GLN F 213 -42.88 -18.27 3.29
N TRP F 214 -42.88 -19.41 3.98
CA TRP F 214 -43.89 -19.66 5.01
C TRP F 214 -43.29 -20.55 6.08
N ALA F 215 -43.75 -20.37 7.31
CA ALA F 215 -43.23 -21.11 8.45
C ALA F 215 -44.31 -21.19 9.51
N THR F 216 -44.19 -22.22 10.36
CA THR F 216 -45.10 -22.45 11.46
C THR F 216 -44.30 -22.90 12.67
N GLY F 217 -44.75 -22.49 13.86
CA GLY F 217 -44.01 -22.76 15.07
C GLY F 217 -44.94 -23.20 16.19
N LEU F 218 -44.40 -24.06 17.05
CA LEU F 218 -45.10 -24.58 18.22
C LEU F 218 -44.14 -24.57 19.40
N LYS F 219 -44.59 -24.03 20.53
CA LYS F 219 -43.72 -23.89 21.69
C LYS F 219 -44.50 -24.19 22.96
N TYR F 220 -43.75 -24.61 23.98
CA TYR F 220 -44.23 -24.66 25.36
C TYR F 220 -43.23 -23.90 26.22
N ASP F 221 -43.69 -22.88 26.92
CA ASP F 221 -42.82 -21.99 27.69
C ASP F 221 -43.46 -21.77 29.06
N ALA F 222 -42.99 -22.52 30.06
CA ALA F 222 -43.50 -22.41 31.41
C ALA F 222 -42.73 -23.41 32.29
N ASN F 223 -42.79 -23.18 33.60
CA ASN F 223 -42.16 -24.06 34.57
C ASN F 223 -40.67 -24.26 34.27
N ASN F 224 -40.01 -23.18 33.88
CA ASN F 224 -38.58 -23.17 33.57
C ASN F 224 -38.23 -24.01 32.35
N ILE F 225 -39.21 -24.44 31.58
CA ILE F 225 -38.99 -25.27 30.40
C ILE F 225 -39.34 -24.46 29.16
N TYR F 226 -38.54 -24.61 28.11
CA TYR F 226 -38.83 -24.00 26.82
C TYR F 226 -38.55 -25.04 25.75
N LEU F 227 -39.61 -25.54 25.11
CA LEU F 227 -39.51 -26.43 23.97
C LEU F 227 -40.14 -25.72 22.77
N ALA F 228 -39.51 -25.85 21.60
CA ALA F 228 -39.99 -25.16 20.41
C ALA F 228 -39.61 -25.95 19.17
N ALA F 229 -40.51 -25.93 18.19
CA ALA F 229 -40.30 -26.60 16.91
C ALA F 229 -40.80 -25.70 15.80
N ASN F 230 -40.04 -25.64 14.70
CA ASN F 230 -40.40 -24.83 13.55
C ASN F 230 -40.27 -25.67 12.28
N TYR F 231 -41.27 -25.55 11.40
CA TYR F 231 -41.20 -26.11 10.06
C TYR F 231 -41.52 -24.98 9.08
N GLY F 232 -40.69 -24.85 8.05
CA GLY F 232 -40.89 -23.82 7.05
C GLY F 232 -40.36 -24.26 5.71
N GLU F 233 -40.93 -23.70 4.64
CA GLU F 233 -40.53 -23.98 3.28
C GLU F 233 -40.37 -22.67 2.52
N THR F 234 -39.32 -22.59 1.70
CA THR F 234 -39.04 -21.39 0.91
C THR F 234 -38.87 -21.77 -0.55
N ARG F 235 -39.33 -20.90 -1.44
CA ARG F 235 -39.20 -21.10 -2.88
C ARG F 235 -38.61 -19.83 -3.49
N ASN F 236 -37.41 -19.96 -4.08
CA ASN F 236 -36.73 -18.84 -4.71
C ASN F 236 -36.47 -17.72 -3.71
N ALA F 237 -36.19 -18.09 -2.46
CA ALA F 237 -36.02 -17.09 -1.41
C ALA F 237 -34.79 -17.34 -0.56
N THR F 238 -34.38 -18.60 -0.41
CA THR F 238 -33.23 -18.89 0.45
C THR F 238 -31.93 -18.65 -0.32
N PRO F 239 -31.01 -17.85 0.21
CA PRO F 239 -29.77 -17.58 -0.53
C PRO F 239 -28.84 -18.78 -0.53
N ILE F 240 -28.17 -18.98 -1.67
CA ILE F 240 -27.26 -20.10 -1.87
C ILE F 240 -26.03 -19.61 -2.62
N THR F 241 -24.89 -20.26 -2.34
CA THR F 241 -23.64 -19.99 -3.02
C THR F 241 -22.99 -21.32 -3.39
N ASN F 242 -22.76 -21.52 -4.69
CA ASN F 242 -22.00 -22.68 -5.17
C ASN F 242 -20.52 -22.28 -5.19
N LYS F 243 -19.74 -22.84 -4.28
CA LYS F 243 -18.33 -22.46 -4.14
C LYS F 243 -17.44 -23.08 -5.21
N PHE F 244 -17.89 -24.15 -5.86
CA PHE F 244 -17.07 -24.80 -6.86
C PHE F 244 -17.06 -24.03 -8.17
N THR F 245 -18.20 -23.46 -8.55
CA THR F 245 -18.31 -22.63 -9.75
C THR F 245 -18.39 -21.15 -9.43
N ASN F 246 -18.34 -20.77 -8.15
CA ASN F 246 -18.44 -19.37 -7.73
C ASN F 246 -19.65 -18.70 -8.38
N THR F 247 -20.82 -19.24 -8.05
CA THR F 247 -22.10 -18.70 -8.50
C THR F 247 -23.02 -18.52 -7.30
N SER F 248 -23.93 -17.56 -7.41
CA SER F 248 -24.83 -17.21 -6.32
C SER F 248 -26.25 -17.09 -6.83
N GLY F 249 -27.20 -17.08 -5.90
CA GLY F 249 -28.59 -16.97 -6.23
C GLY F 249 -29.50 -17.39 -5.09
N PHE F 250 -30.58 -18.08 -5.41
CA PHE F 250 -31.55 -18.53 -4.42
C PHE F 250 -31.97 -19.95 -4.74
N ALA F 251 -32.35 -20.69 -3.69
CA ALA F 251 -32.78 -22.07 -3.84
C ALA F 251 -34.20 -22.13 -4.39
N ASN F 252 -34.41 -22.97 -5.41
CA ASN F 252 -35.74 -23.11 -5.99
C ASN F 252 -36.73 -23.64 -4.97
N LYS F 253 -36.27 -24.44 -4.01
CA LYS F 253 -37.14 -24.96 -2.96
C LYS F 253 -36.27 -25.41 -1.79
N THR F 254 -36.80 -25.25 -0.58
CA THR F 254 -36.09 -25.65 0.63
C THR F 254 -37.08 -26.16 1.66
N GLN F 255 -36.65 -27.17 2.42
CA GLN F 255 -37.41 -27.70 3.55
C GLN F 255 -36.62 -27.41 4.83
N ASP F 256 -37.27 -26.72 5.77
CA ASP F 256 -36.60 -26.24 6.97
C ASP F 256 -37.25 -26.85 8.20
N VAL F 257 -36.42 -27.40 9.09
CA VAL F 257 -36.87 -28.04 10.32
C VAL F 257 -35.99 -27.53 11.45
N LEU F 258 -36.62 -27.05 12.53
CA LEU F 258 -35.90 -26.53 13.69
C LEU F 258 -36.52 -27.12 14.95
N LEU F 259 -35.65 -27.53 15.88
CA LEU F 259 -36.08 -28.07 17.16
C LEU F 259 -35.20 -27.49 18.25
N VAL F 260 -35.83 -27.13 19.38
CA VAL F 260 -35.13 -26.51 20.49
C VAL F 260 -35.73 -27.00 21.79
N ALA F 261 -34.87 -27.38 22.74
CA ALA F 261 -35.28 -27.73 24.09
C ALA F 261 -34.35 -27.01 25.06
N GLN F 262 -34.92 -26.38 26.09
CA GLN F 262 -34.15 -25.58 27.01
C GLN F 262 -34.79 -25.64 28.38
N TYR F 263 -33.95 -25.65 29.42
CA TYR F 263 -34.40 -25.58 30.80
C TYR F 263 -33.69 -24.42 31.49
N GLN F 264 -34.36 -23.85 32.49
CA GLN F 264 -33.84 -22.70 33.21
C GLN F 264 -33.77 -23.04 34.71
N PHE F 265 -32.56 -23.16 35.22
CA PHE F 265 -32.40 -23.40 36.64
C PHE F 265 -32.58 -22.10 37.42
N ASP F 266 -32.95 -22.24 38.70
CA ASP F 266 -33.22 -21.06 39.51
C ASP F 266 -31.96 -20.22 39.70
N PHE F 267 -30.79 -20.87 39.75
CA PHE F 267 -29.54 -20.17 40.03
C PHE F 267 -28.85 -19.65 38.78
N GLY F 268 -29.41 -19.87 37.59
CA GLY F 268 -28.90 -19.24 36.39
C GLY F 268 -28.62 -20.17 35.24
N LEU F 269 -28.04 -21.34 35.53
CA LEU F 269 -27.61 -22.24 34.47
C LEU F 269 -28.78 -22.64 33.59
N ARG F 270 -28.61 -22.47 32.29
CA ARG F 270 -29.65 -22.77 31.30
C ARG F 270 -29.11 -23.74 30.24
N PRO F 271 -29.34 -25.03 30.39
CA PRO F 271 -28.92 -25.97 29.34
C PRO F 271 -29.78 -25.83 28.09
N SER F 272 -29.17 -26.12 26.95
CA SER F 272 -29.85 -25.98 25.66
C SER F 272 -29.44 -27.12 24.74
N ILE F 273 -30.43 -27.73 24.08
CA ILE F 273 -30.21 -28.72 23.04
C ILE F 273 -31.07 -28.33 21.85
N ALA F 274 -30.56 -28.55 20.64
CA ALA F 274 -31.27 -28.13 19.45
C ALA F 274 -30.87 -29.00 18.27
N TYR F 275 -31.77 -29.06 17.29
CA TYR F 275 -31.54 -29.73 16.02
C TYR F 275 -31.98 -28.79 14.91
N THR F 276 -31.23 -28.78 13.81
CA THR F 276 -31.51 -27.86 12.71
C THR F 276 -31.09 -28.52 11.41
N LYS F 277 -32.02 -28.64 10.47
CA LYS F 277 -31.73 -29.18 9.15
C LYS F 277 -32.55 -28.41 8.12
N SER F 278 -31.85 -27.72 7.22
CA SER F 278 -32.45 -27.08 6.05
C SER F 278 -31.86 -27.72 4.81
N LYS F 279 -32.73 -28.17 3.90
CA LYS F 279 -32.32 -28.90 2.72
C LYS F 279 -33.01 -28.29 1.51
N ALA F 280 -32.22 -28.00 0.48
CA ALA F 280 -32.70 -27.38 -0.74
C ALA F 280 -32.96 -28.44 -1.80
N LYS F 281 -33.90 -28.15 -2.70
CA LYS F 281 -34.27 -29.04 -3.78
C LYS F 281 -34.40 -28.24 -5.07
N ASP F 282 -34.20 -28.93 -6.19
CA ASP F 282 -34.26 -28.32 -7.52
C ASP F 282 -33.11 -27.34 -7.75
N VAL F 283 -31.99 -27.55 -7.06
CA VAL F 283 -30.82 -26.70 -7.26
C VAL F 283 -30.21 -27.03 -8.62
N GLU F 284 -30.02 -25.99 -9.44
CA GLU F 284 -29.51 -26.19 -10.79
C GLU F 284 -28.12 -26.82 -10.76
N GLY F 285 -28.01 -28.01 -11.36
CA GLY F 285 -26.75 -28.70 -11.49
C GLY F 285 -26.47 -29.72 -10.38
N ILE F 286 -27.19 -29.66 -9.27
CA ILE F 286 -26.92 -30.55 -8.15
C ILE F 286 -28.20 -31.27 -7.73
N GLY F 287 -29.32 -30.58 -7.82
CA GLY F 287 -30.61 -31.16 -7.38
C GLY F 287 -30.89 -30.84 -5.91
N ASP F 288 -30.73 -31.84 -5.05
CA ASP F 288 -30.95 -31.69 -3.62
C ASP F 288 -29.62 -31.53 -2.90
N VAL F 289 -29.57 -30.60 -1.95
CA VAL F 289 -28.37 -30.36 -1.16
C VAL F 289 -28.81 -29.96 0.25
N ASP F 290 -27.93 -30.22 1.20
CA ASP F 290 -28.14 -29.80 2.59
C ASP F 290 -27.45 -28.46 2.81
N LEU F 291 -28.22 -27.46 3.23
CA LEU F 291 -27.67 -26.15 3.55
C LEU F 291 -27.20 -26.10 4.99
N VAL F 292 -27.98 -26.63 5.92
CA VAL F 292 -27.65 -26.65 7.34
C VAL F 292 -27.97 -28.04 7.89
N ASN F 293 -27.13 -28.51 8.83
CA ASN F 293 -27.33 -29.81 9.45
C ASN F 293 -26.37 -29.97 10.63
N TYR F 294 -26.91 -29.94 11.85
CA TYR F 294 -26.06 -30.02 13.03
C TYR F 294 -26.92 -30.30 14.25
N PHE F 295 -26.25 -30.76 15.31
CA PHE F 295 -26.80 -30.77 16.65
C PHE F 295 -26.07 -29.74 17.49
N GLU F 296 -26.72 -29.29 18.56
CA GLU F 296 -26.17 -28.22 19.39
C GLU F 296 -26.21 -28.63 20.85
N VAL F 297 -25.08 -28.43 21.54
CA VAL F 297 -24.96 -28.61 22.97
C VAL F 297 -24.39 -27.32 23.53
N GLY F 298 -25.17 -26.63 24.37
CA GLY F 298 -24.76 -25.34 24.88
C GLY F 298 -25.33 -25.05 26.25
N ALA F 299 -24.67 -24.12 26.95
CA ALA F 299 -25.07 -23.70 28.28
C ALA F 299 -24.84 -22.21 28.43
N THR F 300 -25.76 -21.54 29.12
CA THR F 300 -25.64 -20.12 29.42
C THR F 300 -25.83 -19.95 30.92
N TYR F 301 -24.84 -19.37 31.60
CA TYR F 301 -24.94 -19.08 33.02
C TYR F 301 -25.23 -17.59 33.19
N TYR F 302 -26.43 -17.27 33.65
CA TYR F 302 -26.83 -15.89 33.90
C TYR F 302 -26.47 -15.51 35.33
N PHE F 303 -25.41 -14.74 35.50
CA PHE F 303 -25.13 -14.17 36.82
C PHE F 303 -26.27 -13.26 37.26
N ASN F 304 -26.78 -12.46 36.34
CA ASN F 304 -27.96 -11.62 36.58
C ASN F 304 -28.38 -11.03 35.22
N LYS F 305 -29.29 -10.07 35.24
CA LYS F 305 -29.82 -9.48 34.01
C LYS F 305 -28.76 -8.70 33.23
N ASN F 306 -27.62 -8.39 33.85
CA ASN F 306 -26.61 -7.57 33.20
C ASN F 306 -25.37 -8.35 32.78
N MET F 307 -25.13 -9.53 33.35
CA MET F 307 -23.94 -10.31 33.04
C MET F 307 -24.31 -11.76 32.81
N SER F 308 -23.60 -12.40 31.87
CA SER F 308 -23.85 -13.79 31.51
C SER F 308 -22.59 -14.37 30.88
N THR F 309 -22.51 -15.70 30.88
CA THR F 309 -21.43 -16.43 30.23
C THR F 309 -22.02 -17.69 29.59
N TYR F 310 -21.55 -18.03 28.40
CA TYR F 310 -22.11 -19.17 27.68
C TYR F 310 -21.04 -19.89 26.88
N VAL F 311 -21.33 -21.16 26.59
CA VAL F 311 -20.53 -22.00 25.71
C VAL F 311 -21.50 -22.71 24.77
N ASP F 312 -21.21 -22.64 23.47
CA ASP F 312 -22.10 -23.21 22.45
C ASP F 312 -21.28 -24.08 21.51
N TYR F 313 -21.59 -25.38 21.49
CA TYR F 313 -20.91 -26.35 20.64
C TYR F 313 -21.86 -26.79 19.54
N ILE F 314 -21.45 -26.63 18.30
CA ILE F 314 -22.24 -27.05 17.14
C ILE F 314 -21.54 -28.26 16.53
N ILE F 315 -22.18 -29.42 16.68
CA ILE F 315 -21.69 -30.67 16.08
C ILE F 315 -22.25 -30.71 14.65
N ASN F 316 -21.40 -30.44 13.67
CA ASN F 316 -21.84 -30.30 12.29
C ASN F 316 -21.92 -31.67 11.64
N GLN F 317 -23.09 -32.00 11.10
CA GLN F 317 -23.32 -33.28 10.44
C GLN F 317 -23.20 -33.21 8.92
N ILE F 318 -23.04 -32.01 8.35
CA ILE F 318 -22.93 -31.87 6.91
C ILE F 318 -21.83 -32.78 6.39
N ASP F 319 -22.06 -33.38 5.22
CA ASP F 319 -21.10 -34.29 4.63
C ASP F 319 -19.88 -33.53 4.14
N SER F 320 -18.70 -34.15 4.29
CA SER F 320 -17.46 -33.54 3.82
C SER F 320 -17.40 -33.41 2.31
N ASP F 321 -18.22 -34.17 1.59
CA ASP F 321 -18.28 -34.11 0.13
C ASP F 321 -19.52 -33.34 -0.33
N ASN F 322 -19.88 -32.29 0.40
CA ASN F 322 -21.06 -31.50 0.07
C ASN F 322 -20.92 -30.89 -1.32
N LYS F 323 -21.96 -31.04 -2.12
CA LYS F 323 -21.93 -30.60 -3.51
C LYS F 323 -22.03 -29.09 -3.68
N LEU F 324 -22.23 -28.34 -2.59
CA LEU F 324 -22.21 -26.88 -2.65
C LEU F 324 -21.06 -26.28 -1.85
N GLY F 325 -20.20 -27.10 -1.24
CA GLY F 325 -19.09 -26.60 -0.46
C GLY F 325 -19.43 -26.11 0.93
N VAL F 326 -20.58 -26.51 1.47
CA VAL F 326 -20.95 -26.08 2.81
C VAL F 326 -19.98 -26.68 3.82
N GLY F 327 -19.62 -25.90 4.83
CA GLY F 327 -18.70 -26.37 5.84
C GLY F 327 -19.20 -27.62 6.53
N SER F 328 -18.26 -28.48 6.91
CA SER F 328 -18.56 -29.74 7.57
C SER F 328 -17.90 -29.90 8.93
N ASP F 329 -17.03 -28.97 9.33
CA ASP F 329 -16.34 -29.06 10.60
C ASP F 329 -17.18 -28.46 11.72
N ASP F 330 -16.85 -28.85 12.95
CA ASP F 330 -17.56 -28.35 14.12
C ASP F 330 -17.10 -26.93 14.46
N THR F 331 -17.79 -26.32 15.43
CA THR F 331 -17.44 -24.99 15.91
C THR F 331 -17.94 -24.84 17.34
N VAL F 332 -17.10 -24.26 18.19
CA VAL F 332 -17.43 -24.04 19.60
C VAL F 332 -17.22 -22.56 19.91
N ALA F 333 -18.28 -21.88 20.32
CA ALA F 333 -18.22 -20.47 20.71
C ALA F 333 -18.17 -20.35 22.22
N VAL F 334 -17.33 -19.43 22.71
CA VAL F 334 -17.21 -19.13 24.14
C VAL F 334 -17.34 -17.63 24.30
N GLY F 335 -18.29 -17.20 25.12
CA GLY F 335 -18.63 -15.78 25.21
C GLY F 335 -18.82 -15.33 26.64
N ILE F 336 -18.45 -14.07 26.88
CA ILE F 336 -18.71 -13.38 28.13
C ILE F 336 -19.36 -12.05 27.78
N VAL F 337 -20.51 -11.78 28.39
CA VAL F 337 -21.41 -10.70 27.95
C VAL F 337 -21.71 -9.77 29.12
N TYR F 338 -21.45 -8.48 28.93
CA TYR F 338 -22.06 -7.43 29.74
C TYR F 338 -23.07 -6.67 28.88
N GLN F 339 -24.20 -6.31 29.49
CA GLN F 339 -25.24 -5.58 28.77
C GLN F 339 -26.00 -4.69 29.74
N PHE F 340 -26.56 -3.61 29.21
CA PHE F 340 -27.31 -2.64 29.99
C PHE F 340 -28.51 -2.12 29.21
N SER G 1 2.54 -0.50 -22.09
CA SER G 1 2.75 -1.92 -22.39
C SER G 1 2.18 -2.23 -23.77
N GLY G 2 2.53 -1.40 -24.74
CA GLY G 2 1.97 -1.47 -26.09
C GLY G 2 3.00 -1.86 -27.13
N GLY G 3 2.56 -2.64 -28.11
CA GLY G 3 3.42 -3.10 -29.18
C GLY G 3 4.07 -4.45 -28.98
N ASP G 4 3.86 -5.08 -27.82
CA ASP G 4 4.51 -6.36 -27.56
C ASP G 4 3.85 -7.52 -28.30
N GLY G 5 2.57 -7.39 -28.64
CA GLY G 5 1.80 -8.41 -29.34
C GLY G 5 2.11 -8.56 -30.80
N ARG G 6 3.11 -7.85 -31.30
CA ARG G 6 3.38 -7.79 -32.74
C ARG G 6 3.62 -9.17 -33.35
N GLY G 7 4.59 -9.92 -32.80
CA GLY G 7 4.89 -11.23 -33.36
C GLY G 7 4.72 -12.44 -32.46
N HIS G 8 3.98 -12.30 -31.35
CA HIS G 8 3.75 -13.43 -30.47
C HIS G 8 3.07 -14.56 -31.24
N ASN G 9 3.54 -15.79 -31.03
CA ASN G 9 3.02 -16.93 -31.76
C ASN G 9 3.23 -18.22 -30.97
N THR G 10 2.40 -19.22 -31.28
CA THR G 10 2.49 -20.52 -30.66
C THR G 10 3.61 -21.30 -31.36
N GLY G 11 4.50 -21.93 -30.59
CA GLY G 11 5.63 -22.61 -31.18
C GLY G 11 6.90 -21.81 -30.99
N ALA G 12 8.00 -22.34 -31.53
CA ALA G 12 9.33 -21.72 -31.42
C ALA G 12 9.83 -21.34 -32.79
N HIS G 13 10.12 -20.05 -32.99
CA HIS G 13 10.61 -19.56 -34.27
C HIS G 13 11.93 -20.21 -34.66
N SER G 14 12.18 -20.27 -35.96
CA SER G 14 13.44 -20.82 -36.48
C SER G 14 13.51 -20.60 -37.99
N SER H 1 -26.24 -15.66 16.56
CA SER H 1 -27.48 -14.94 16.33
C SER H 1 -28.56 -15.45 17.26
N GLY H 2 -28.21 -15.55 18.54
CA GLY H 2 -29.05 -16.17 19.56
C GLY H 2 -29.55 -15.19 20.61
N GLY H 3 -30.77 -15.44 21.10
CA GLY H 3 -31.40 -14.61 22.11
C GLY H 3 -32.34 -13.56 21.56
N ASP H 4 -32.43 -13.43 20.24
CA ASP H 4 -33.29 -12.42 19.63
C ASP H 4 -34.76 -12.80 19.62
N GLY H 5 -35.09 -14.08 19.81
CA GLY H 5 -36.47 -14.50 19.63
C GLY H 5 -37.45 -14.03 20.68
N ARG H 6 -36.98 -13.50 21.80
CA ARG H 6 -37.91 -13.06 22.84
C ARG H 6 -38.74 -11.90 22.31
N GLY H 7 -39.95 -11.75 22.84
CA GLY H 7 -40.81 -10.66 22.40
C GLY H 7 -41.14 -10.78 20.93
N HIS H 8 -41.09 -9.64 20.23
CA HIS H 8 -41.32 -9.46 18.80
C HIS H 8 -42.81 -9.47 18.43
N ASN H 9 -43.72 -9.85 19.32
CA ASN H 9 -45.11 -9.88 18.88
C ASN H 9 -45.64 -8.46 18.68
N THR H 10 -46.95 -8.31 18.63
CA THR H 10 -47.54 -7.02 18.31
C THR H 10 -47.64 -6.10 19.52
N GLY H 11 -47.66 -4.80 19.24
CA GLY H 11 -47.79 -3.78 20.25
C GLY H 11 -46.45 -3.31 20.77
N ALA H 12 -46.26 -2.00 20.83
CA ALA H 12 -45.03 -1.41 21.33
C ALA H 12 -45.14 -1.42 22.85
N HIS H 13 -44.59 -2.45 23.48
CA HIS H 13 -44.65 -2.63 24.93
C HIS H 13 -46.04 -2.31 25.47
N SER I 1 24.62 -23.20 -5.37
CA SER I 1 25.94 -22.70 -5.76
C SER I 1 26.78 -23.85 -6.31
N GLY I 2 26.21 -24.60 -7.24
CA GLY I 2 26.81 -25.83 -7.76
C GLY I 2 27.24 -25.66 -9.20
N GLY I 3 28.38 -26.27 -9.54
CA GLY I 3 28.95 -26.19 -10.87
C GLY I 3 29.98 -25.08 -11.02
N ASP I 4 30.16 -24.25 -10.00
CA ASP I 4 31.10 -23.14 -10.08
C ASP I 4 32.55 -23.56 -9.86
N GLY I 5 32.79 -24.70 -9.21
CA GLY I 5 34.17 -25.09 -8.94
C GLY I 5 34.92 -25.60 -10.14
N ARG I 6 34.21 -25.96 -11.21
CA ARG I 6 34.87 -26.44 -12.42
C ARG I 6 35.66 -25.31 -13.05
N GLY I 7 36.88 -25.61 -13.49
CA GLY I 7 37.72 -24.59 -14.09
C GLY I 7 38.46 -23.80 -13.04
N HIS I 8 38.16 -22.49 -12.95
CA HIS I 8 38.76 -21.64 -11.91
C HIS I 8 40.28 -21.60 -12.03
N ASN I 9 40.95 -22.61 -11.46
CA ASN I 9 42.40 -22.75 -11.48
C ASN I 9 43.11 -21.82 -10.51
N THR I 10 44.22 -22.31 -9.93
CA THR I 10 44.98 -21.60 -8.93
C THR I 10 45.93 -20.57 -9.53
N GLY I 11 46.09 -20.54 -10.85
CA GLY I 11 47.01 -19.61 -11.47
C GLY I 11 46.65 -19.38 -12.92
N ALA I 12 47.25 -18.33 -13.49
CA ALA I 12 47.03 -17.98 -14.88
C ALA I 12 45.64 -17.38 -15.08
N HIS I 13 45.37 -16.90 -16.28
CA HIS I 13 44.07 -16.30 -16.63
C HIS I 13 42.90 -17.06 -16.01
N SER J 1 -32.84 17.88 3.92
CA SER J 1 -32.49 19.21 4.42
C SER J 1 -33.75 19.96 4.83
N GLY J 2 -34.61 19.31 5.62
CA GLY J 2 -35.86 19.92 6.03
C GLY J 2 -35.86 20.24 7.51
N GLY J 3 -36.09 21.51 7.86
CA GLY J 3 -36.14 21.89 9.26
C GLY J 3 -34.80 22.28 9.87
N ASP J 4 -33.71 22.19 9.11
CA ASP J 4 -32.39 22.38 9.69
C ASP J 4 -32.12 23.83 10.07
N GLY J 5 -32.82 24.78 9.45
CA GLY J 5 -32.59 26.18 9.75
C GLY J 5 -33.19 26.68 11.05
N ARG J 6 -34.06 25.88 11.68
CA ARG J 6 -34.78 26.34 12.86
C ARG J 6 -33.82 26.67 14.00
N GLY J 7 -33.91 27.90 14.52
CA GLY J 7 -33.13 28.32 15.65
C GLY J 7 -31.62 28.28 15.45
N HIS J 8 -31.14 28.80 14.32
CA HIS J 8 -29.70 28.83 14.09
C HIS J 8 -29.02 29.80 15.06
N ASN J 9 -29.60 30.98 15.26
CA ASN J 9 -29.05 31.99 16.16
C ASN J 9 -27.69 32.48 15.70
N THR J 10 -27.03 33.28 16.55
CA THR J 10 -25.72 33.84 16.24
C THR J 10 -24.89 33.94 17.51
N GLY J 11 -25.14 33.04 18.45
CA GLY J 11 -24.44 33.00 19.71
C GLY J 11 -24.79 31.70 20.43
N ALA J 12 -23.98 31.36 21.41
CA ALA J 12 -24.19 30.14 22.16
C ALA J 12 -25.37 30.29 23.11
N HIS J 13 -26.34 29.40 23.01
CA HIS J 13 -27.57 29.46 23.78
C HIS J 13 -27.35 30.01 25.18
N SER J 14 -26.38 29.48 25.92
CA SER J 14 -26.17 29.80 27.32
C SER J 14 -27.25 29.22 28.21
N THR J 15 -28.08 28.33 27.69
CA THR J 15 -29.16 27.73 28.46
C THR J 15 -29.70 26.47 27.76
N SER K 1 34.90 11.04 -10.63
CA SER K 1 34.15 11.53 -11.78
C SER K 1 35.11 12.18 -12.78
N GLY K 2 36.19 11.47 -13.08
CA GLY K 2 37.27 11.99 -13.92
C GLY K 2 37.41 11.23 -15.23
N GLY K 3 37.71 11.97 -16.29
CA GLY K 3 37.91 11.41 -17.61
C GLY K 3 36.68 11.38 -18.49
N ASP K 4 35.51 11.74 -17.96
CA ASP K 4 34.28 11.69 -18.74
C ASP K 4 34.12 12.89 -19.67
N GLY K 5 34.80 14.00 -19.39
CA GLY K 5 34.63 15.19 -20.20
C GLY K 5 35.29 15.15 -21.56
N ARG K 6 36.14 14.17 -21.82
CA ARG K 6 36.85 14.15 -23.08
C ARG K 6 35.87 14.01 -24.24
N GLY K 7 36.24 14.60 -25.38
CA GLY K 7 35.39 14.54 -26.56
C GLY K 7 34.14 15.39 -26.46
N HIS K 8 32.98 14.75 -26.58
CA HIS K 8 31.69 15.44 -26.47
C HIS K 8 31.53 16.41 -27.64
N ASN K 9 32.26 17.51 -27.63
CA ASN K 9 32.18 18.52 -28.71
C ASN K 9 30.72 18.98 -28.75
N THR K 10 30.07 18.98 -29.91
CA THR K 10 28.67 19.39 -30.02
C THR K 10 28.09 18.69 -31.23
N GLY K 11 26.92 18.08 -31.08
CA GLY K 11 26.32 17.30 -32.13
C GLY K 11 26.68 15.83 -31.99
N ALA K 12 25.98 15.00 -32.75
CA ALA K 12 26.24 13.56 -32.72
C ALA K 12 27.34 13.28 -33.74
N HIS K 13 28.49 12.84 -33.24
CA HIS K 13 29.65 12.55 -34.09
C HIS K 13 29.58 11.10 -34.60
N SER L 1 -1.60 10.55 19.96
CA SER L 1 -1.83 9.44 20.89
C SER L 1 -1.41 9.85 22.30
N GLY L 2 -1.85 11.01 22.74
CA GLY L 2 -1.44 11.59 24.02
C GLY L 2 -2.60 11.67 25.00
N GLY L 3 -2.31 11.38 26.27
CA GLY L 3 -3.30 11.40 27.31
C GLY L 3 -3.99 10.07 27.55
N ASP L 4 -3.71 9.05 26.74
CA ASP L 4 -4.36 7.76 26.89
C ASP L 4 -3.77 6.97 28.05
N GLY L 5 -2.50 7.22 28.41
CA GLY L 5 -1.88 6.49 29.49
C GLY L 5 -2.29 6.94 30.88
N ARG L 6 -2.99 8.07 30.95
CA ARG L 6 -3.37 8.63 32.24
C ARG L 6 -4.28 7.68 33.00
N GLY L 7 -3.89 7.31 34.20
CA GLY L 7 -4.72 6.46 35.04
C GLY L 7 -4.87 5.03 34.58
N HIS L 8 -3.83 4.44 34.01
CA HIS L 8 -3.88 3.04 33.60
C HIS L 8 -3.87 2.18 34.87
N ASN L 9 -4.82 1.25 34.97
CA ASN L 9 -4.97 0.49 36.21
C ASN L 9 -3.78 -0.42 36.49
N THR L 10 -3.34 -1.20 35.50
CA THR L 10 -2.30 -2.20 35.74
C THR L 10 -2.73 -3.11 36.89
N GLY L 11 -4.06 -3.31 37.01
CA GLY L 11 -4.63 -4.06 38.11
C GLY L 11 -6.05 -4.44 37.79
N ALA L 12 -6.59 -5.35 38.60
CA ALA L 12 -7.94 -5.87 38.41
C ALA L 12 -9.00 -4.80 38.60
N HIS L 13 -9.44 -4.20 37.49
CA HIS L 13 -10.47 -3.18 37.42
C HIS L 13 -10.46 -2.11 38.52
N SER L 14 -11.23 -1.04 38.27
CA SER L 14 -11.34 0.05 39.23
C SER L 14 -12.43 -0.22 40.26
N THR L 15 -13.64 -0.51 39.79
CA THR L 15 -14.80 -0.72 40.66
C THR L 15 -14.87 0.32 41.78
#